data_5VM6
# 
_entry.id   5VM6 
# 
_audit_conform.dict_name       mmcif_pdbx.dic 
_audit_conform.dict_version    5.399 
_audit_conform.dict_location   http://mmcif.pdb.org/dictionaries/ascii/mmcif_pdbx.dic 
# 
loop_
_database_2.database_id 
_database_2.database_code 
_database_2.pdbx_database_accession 
_database_2.pdbx_DOI 
PDB   5VM6         pdb_00005vm6 10.2210/pdb5vm6/pdb 
WWPDB D_1000227652 ?            ?                   
# 
loop_
_pdbx_audit_revision_history.ordinal 
_pdbx_audit_revision_history.data_content_type 
_pdbx_audit_revision_history.major_revision 
_pdbx_audit_revision_history.minor_revision 
_pdbx_audit_revision_history.revision_date 
1 'Structure model' 1 0 2018-05-02 
2 'Structure model' 1 1 2018-11-21 
3 'Structure model' 1 2 2018-12-26 
4 'Structure model' 1 3 2024-04-03 
5 'Structure model' 1 4 2024-11-20 
# 
_pdbx_audit_revision_details.ordinal             1 
_pdbx_audit_revision_details.revision_ordinal    1 
_pdbx_audit_revision_details.data_content_type   'Structure model' 
_pdbx_audit_revision_details.provider            repository 
_pdbx_audit_revision_details.type                'Initial release' 
_pdbx_audit_revision_details.description         ? 
_pdbx_audit_revision_details.details             ? 
# 
loop_
_pdbx_audit_revision_group.ordinal 
_pdbx_audit_revision_group.revision_ordinal 
_pdbx_audit_revision_group.data_content_type 
_pdbx_audit_revision_group.group 
1 2 'Structure model' 'Data collection'        
2 2 'Structure model' 'Database references'    
3 3 'Structure model' 'Data collection'        
4 3 'Structure model' 'Database references'    
5 4 'Structure model' 'Data collection'        
6 4 'Structure model' 'Database references'    
7 4 'Structure model' 'Refinement description' 
8 5 'Structure model' 'Structure summary'      
# 
loop_
_pdbx_audit_revision_category.ordinal 
_pdbx_audit_revision_category.revision_ordinal 
_pdbx_audit_revision_category.data_content_type 
_pdbx_audit_revision_category.category 
1 2 'Structure model' citation                      
2 2 'Structure model' citation_author               
3 3 'Structure model' citation                      
4 4 'Structure model' chem_comp_atom                
5 4 'Structure model' chem_comp_bond                
6 4 'Structure model' database_2                    
7 4 'Structure model' pdbx_initial_refinement_model 
8 5 'Structure model' pdbx_entry_details            
9 5 'Structure model' pdbx_modification_feature     
# 
loop_
_pdbx_audit_revision_item.ordinal 
_pdbx_audit_revision_item.revision_ordinal 
_pdbx_audit_revision_item.data_content_type 
_pdbx_audit_revision_item.item 
1  2 'Structure model' '_citation.country'                   
2  2 'Structure model' '_citation.journal_abbrev'            
3  2 'Structure model' '_citation.journal_id_CSD'            
4  2 'Structure model' '_citation.journal_id_ISSN'           
5  2 'Structure model' '_citation.page_first'                
6  2 'Structure model' '_citation.page_last'                 
7  2 'Structure model' '_citation.pdbx_database_id_DOI'      
8  2 'Structure model' '_citation.pdbx_database_id_PubMed'   
9  2 'Structure model' '_citation.title'                     
10 2 'Structure model' '_citation.year'                      
11 3 'Structure model' '_citation.journal_volume'            
12 3 'Structure model' '_citation.year'                      
13 4 'Structure model' '_database_2.pdbx_DOI'                
14 4 'Structure model' '_database_2.pdbx_database_accession' 
# 
_pdbx_database_status.status_code                     REL 
_pdbx_database_status.status_code_sf                  REL 
_pdbx_database_status.status_code_mr                  ? 
_pdbx_database_status.entry_id                        5VM6 
_pdbx_database_status.recvd_initial_deposition_date   2017-04-26 
_pdbx_database_status.SG_entry                        N 
_pdbx_database_status.deposit_site                    RCSB 
_pdbx_database_status.process_site                    RCSB 
_pdbx_database_status.status_code_cs                  ? 
_pdbx_database_status.methods_development_category    ? 
_pdbx_database_status.pdb_format_compatible           Y 
_pdbx_database_status.status_code_nmr_data            ? 
# 
loop_
_pdbx_database_related.content_type 
_pdbx_database_related.db_id 
_pdbx_database_related.db_name 
_pdbx_database_related.details 
unspecified 5VLV PDB . 
unspecified 5VM4 PDB . 
unspecified 5VM0 PDB . 
# 
loop_
_audit_author.name 
_audit_author.pdbx_ordinal 
_audit_author.identifier_ORCID 
'Tabares-da Rosa, S.'   1 ? 
'Gonzalez-Sapienza, G.' 2 ? 
'Wilson, D.K.'          3 ? 
# 
_citation.abstract                  ? 
_citation.abstract_id_CAS           ? 
_citation.book_id_ISBN              ? 
_citation.book_publisher            ? 
_citation.book_publisher_city       ? 
_citation.book_title                ? 
_citation.coordinate_linkage        ? 
_citation.country                   UK 
_citation.database_id_Medline       ? 
_citation.details                   ? 
_citation.id                        primary 
_citation.journal_abbrev            'J. Mol. Recognit.' 
_citation.journal_id_ASTM           ? 
_citation.journal_id_CSD            ? 
_citation.journal_id_ISSN           1099-1352 
_citation.journal_full              ? 
_citation.journal_issue             ? 
_citation.journal_volume            32 
_citation.language                  ? 
_citation.page_first                e2755 
_citation.page_last                 e2755 
_citation.title                     
'Structure and specificity of several triclocarban-binding single domain camelid antibody fragments.' 
_citation.year                      2019 
_citation.database_id_CSD           ? 
_citation.pdbx_database_id_DOI      10.1002/jmr.2755 
_citation.pdbx_database_id_PubMed   30033524 
_citation.unpublished_flag          ? 
# 
loop_
_citation_author.citation_id 
_citation_author.name 
_citation_author.ordinal 
_citation_author.identifier_ORCID 
primary 'Tabares-da Rosa, S.'   1 ?                   
primary 'Wogulis, L.A.'         2 ?                   
primary 'Wogulis, M.D.'         3 ?                   
primary 'Gonzalez-Sapienza, G.' 4 0000-0003-1824-0611 
primary 'Wilson, D.K.'          5 0000-0001-5997-1408 
# 
loop_
_entity.id 
_entity.type 
_entity.src_method 
_entity.pdbx_description 
_entity.formula_weight 
_entity.pdbx_number_of_molecules 
_entity.pdbx_ec 
_entity.pdbx_mutation 
_entity.pdbx_fragment 
_entity.details 
1 polymer     man 'single domain camelid nanobody VHH T10'         15093.737 1  ? ? ? ? 
2 non-polymer syn 'SULFATE ION'                                    96.063    5  ? ? ? ? 
3 non-polymer syn "N-(4-chlorophenyl)-N'-(3,4-dichlorophenyl)urea" 315.582   1  ? ? ? ? 
4 non-polymer syn 'SODIUM ION'                                     22.990    1  ? ? ? ? 
5 water       nat water                                            18.015    99 ? ? ? ? 
# 
_entity_poly.entity_id                      1 
_entity_poly.type                           'polypeptide(L)' 
_entity_poly.nstd_linkage                   no 
_entity_poly.nstd_monomer                   no 
_entity_poly.pdbx_seq_one_letter_code       
;MAQVKLQQSGGGMVQTGDSLRLSCVGSRRALSSTIVGWFRQIPGKEREFVGGIAWSSSDTWYADSVKGRFTISKDDAANG
VHLQMSSLKPEDTAVYYCASALRRPGSDASDYTRIPDYPYWGQGTQVTVSSHHHHHH
;
_entity_poly.pdbx_seq_one_letter_code_can   
;MAQVKLQQSGGGMVQTGDSLRLSCVGSRRALSSTIVGWFRQIPGKEREFVGGIAWSSSDTWYADSVKGRFTISKDDAANG
VHLQMSSLKPEDTAVYYCASALRRPGSDASDYTRIPDYPYWGQGTQVTVSSHHHHHH
;
_entity_poly.pdbx_strand_id                 A 
_entity_poly.pdbx_target_identifier         ? 
# 
loop_
_pdbx_entity_nonpoly.entity_id 
_pdbx_entity_nonpoly.name 
_pdbx_entity_nonpoly.comp_id 
2 'SULFATE ION'                                    SO4 
3 "N-(4-chlorophenyl)-N'-(3,4-dichlorophenyl)urea" 9EG 
4 'SODIUM ION'                                     NA  
5 water                                            HOH 
# 
loop_
_entity_poly_seq.entity_id 
_entity_poly_seq.num 
_entity_poly_seq.mon_id 
_entity_poly_seq.hetero 
1 1   MET n 
1 2   ALA n 
1 3   GLN n 
1 4   VAL n 
1 5   LYS n 
1 6   LEU n 
1 7   GLN n 
1 8   GLN n 
1 9   SER n 
1 10  GLY n 
1 11  GLY n 
1 12  GLY n 
1 13  MET n 
1 14  VAL n 
1 15  GLN n 
1 16  THR n 
1 17  GLY n 
1 18  ASP n 
1 19  SER n 
1 20  LEU n 
1 21  ARG n 
1 22  LEU n 
1 23  SER n 
1 24  CYS n 
1 25  VAL n 
1 26  GLY n 
1 27  SER n 
1 28  ARG n 
1 29  ARG n 
1 30  ALA n 
1 31  LEU n 
1 32  SER n 
1 33  SER n 
1 34  THR n 
1 35  ILE n 
1 36  VAL n 
1 37  GLY n 
1 38  TRP n 
1 39  PHE n 
1 40  ARG n 
1 41  GLN n 
1 42  ILE n 
1 43  PRO n 
1 44  GLY n 
1 45  LYS n 
1 46  GLU n 
1 47  ARG n 
1 48  GLU n 
1 49  PHE n 
1 50  VAL n 
1 51  GLY n 
1 52  GLY n 
1 53  ILE n 
1 54  ALA n 
1 55  TRP n 
1 56  SER n 
1 57  SER n 
1 58  SER n 
1 59  ASP n 
1 60  THR n 
1 61  TRP n 
1 62  TYR n 
1 63  ALA n 
1 64  ASP n 
1 65  SER n 
1 66  VAL n 
1 67  LYS n 
1 68  GLY n 
1 69  ARG n 
1 70  PHE n 
1 71  THR n 
1 72  ILE n 
1 73  SER n 
1 74  LYS n 
1 75  ASP n 
1 76  ASP n 
1 77  ALA n 
1 78  ALA n 
1 79  ASN n 
1 80  GLY n 
1 81  VAL n 
1 82  HIS n 
1 83  LEU n 
1 84  GLN n 
1 85  MET n 
1 86  SER n 
1 87  SER n 
1 88  LEU n 
1 89  LYS n 
1 90  PRO n 
1 91  GLU n 
1 92  ASP n 
1 93  THR n 
1 94  ALA n 
1 95  VAL n 
1 96  TYR n 
1 97  TYR n 
1 98  CYS n 
1 99  ALA n 
1 100 SER n 
1 101 ALA n 
1 102 LEU n 
1 103 ARG n 
1 104 ARG n 
1 105 PRO n 
1 106 GLY n 
1 107 SER n 
1 108 ASP n 
1 109 ALA n 
1 110 SER n 
1 111 ASP n 
1 112 TYR n 
1 113 THR n 
1 114 ARG n 
1 115 ILE n 
1 116 PRO n 
1 117 ASP n 
1 118 TYR n 
1 119 PRO n 
1 120 TYR n 
1 121 TRP n 
1 122 GLY n 
1 123 GLN n 
1 124 GLY n 
1 125 THR n 
1 126 GLN n 
1 127 VAL n 
1 128 THR n 
1 129 VAL n 
1 130 SER n 
1 131 SER n 
1 132 HIS n 
1 133 HIS n 
1 134 HIS n 
1 135 HIS n 
1 136 HIS n 
1 137 HIS n 
# 
_entity_src_gen.entity_id                          1 
_entity_src_gen.pdbx_src_id                        1 
_entity_src_gen.pdbx_alt_source_flag               sample 
_entity_src_gen.pdbx_seq_type                      'Biological sequence' 
_entity_src_gen.pdbx_beg_seq_num                   1 
_entity_src_gen.pdbx_end_seq_num                   137 
_entity_src_gen.gene_src_common_name               ? 
_entity_src_gen.gene_src_genus                     ? 
_entity_src_gen.pdbx_gene_src_gene                 ? 
_entity_src_gen.gene_src_species                   ? 
_entity_src_gen.gene_src_strain                    ? 
_entity_src_gen.gene_src_tissue                    ? 
_entity_src_gen.gene_src_tissue_fraction           ? 
_entity_src_gen.gene_src_details                   ? 
_entity_src_gen.pdbx_gene_src_fragment             ? 
_entity_src_gen.pdbx_gene_src_scientific_name      'Lama glama' 
_entity_src_gen.pdbx_gene_src_ncbi_taxonomy_id     9844 
_entity_src_gen.pdbx_gene_src_variant              ? 
_entity_src_gen.pdbx_gene_src_cell_line            ? 
_entity_src_gen.pdbx_gene_src_atcc                 ? 
_entity_src_gen.pdbx_gene_src_organ                ? 
_entity_src_gen.pdbx_gene_src_organelle            ? 
_entity_src_gen.pdbx_gene_src_cell                 ? 
_entity_src_gen.pdbx_gene_src_cellular_location    ? 
_entity_src_gen.host_org_common_name               ? 
_entity_src_gen.pdbx_host_org_scientific_name      'Escherichia coli' 
_entity_src_gen.pdbx_host_org_ncbi_taxonomy_id     562 
_entity_src_gen.host_org_genus                     ? 
_entity_src_gen.pdbx_host_org_gene                 ? 
_entity_src_gen.pdbx_host_org_organ                ? 
_entity_src_gen.host_org_species                   ? 
_entity_src_gen.pdbx_host_org_tissue               ? 
_entity_src_gen.pdbx_host_org_tissue_fraction      ? 
_entity_src_gen.pdbx_host_org_strain               ? 
_entity_src_gen.pdbx_host_org_variant              ? 
_entity_src_gen.pdbx_host_org_cell_line            ? 
_entity_src_gen.pdbx_host_org_atcc                 ? 
_entity_src_gen.pdbx_host_org_culture_collection   ? 
_entity_src_gen.pdbx_host_org_cell                 ? 
_entity_src_gen.pdbx_host_org_organelle            ? 
_entity_src_gen.pdbx_host_org_cellular_location    ? 
_entity_src_gen.pdbx_host_org_vector_type          ? 
_entity_src_gen.pdbx_host_org_vector               ? 
_entity_src_gen.host_org_details                   ? 
_entity_src_gen.expression_system_id               ? 
_entity_src_gen.plasmid_name                       ? 
_entity_src_gen.plasmid_details                    ? 
_entity_src_gen.pdbx_description                   ? 
# 
loop_
_chem_comp.id 
_chem_comp.type 
_chem_comp.mon_nstd_flag 
_chem_comp.name 
_chem_comp.pdbx_synonyms 
_chem_comp.formula 
_chem_comp.formula_weight 
9EG non-polymer         . "N-(4-chlorophenyl)-N'-(3,4-dichlorophenyl)urea" ? 'C13 H9 Cl3 N2 O' 315.582 
ALA 'L-peptide linking' y ALANINE                                          ? 'C3 H7 N O2'      89.093  
ARG 'L-peptide linking' y ARGININE                                         ? 'C6 H15 N4 O2 1'  175.209 
ASN 'L-peptide linking' y ASPARAGINE                                       ? 'C4 H8 N2 O3'     132.118 
ASP 'L-peptide linking' y 'ASPARTIC ACID'                                  ? 'C4 H7 N O4'      133.103 
CYS 'L-peptide linking' y CYSTEINE                                         ? 'C3 H7 N O2 S'    121.158 
GLN 'L-peptide linking' y GLUTAMINE                                        ? 'C5 H10 N2 O3'    146.144 
GLU 'L-peptide linking' y 'GLUTAMIC ACID'                                  ? 'C5 H9 N O4'      147.129 
GLY 'peptide linking'   y GLYCINE                                          ? 'C2 H5 N O2'      75.067  
HIS 'L-peptide linking' y HISTIDINE                                        ? 'C6 H10 N3 O2 1'  156.162 
HOH non-polymer         . WATER                                            ? 'H2 O'            18.015  
ILE 'L-peptide linking' y ISOLEUCINE                                       ? 'C6 H13 N O2'     131.173 
LEU 'L-peptide linking' y LEUCINE                                          ? 'C6 H13 N O2'     131.173 
LYS 'L-peptide linking' y LYSINE                                           ? 'C6 H15 N2 O2 1'  147.195 
MET 'L-peptide linking' y METHIONINE                                       ? 'C5 H11 N O2 S'   149.211 
NA  non-polymer         . 'SODIUM ION'                                     ? 'Na 1'            22.990  
PHE 'L-peptide linking' y PHENYLALANINE                                    ? 'C9 H11 N O2'     165.189 
PRO 'L-peptide linking' y PROLINE                                          ? 'C5 H9 N O2'      115.130 
SER 'L-peptide linking' y SERINE                                           ? 'C3 H7 N O3'      105.093 
SO4 non-polymer         . 'SULFATE ION'                                    ? 'O4 S -2'         96.063  
THR 'L-peptide linking' y THREONINE                                        ? 'C4 H9 N O3'      119.119 
TRP 'L-peptide linking' y TRYPTOPHAN                                       ? 'C11 H12 N2 O2'   204.225 
TYR 'L-peptide linking' y TYROSINE                                         ? 'C9 H11 N O3'     181.189 
VAL 'L-peptide linking' y VALINE                                           ? 'C5 H11 N O2'     117.146 
# 
loop_
_pdbx_poly_seq_scheme.asym_id 
_pdbx_poly_seq_scheme.entity_id 
_pdbx_poly_seq_scheme.seq_id 
_pdbx_poly_seq_scheme.mon_id 
_pdbx_poly_seq_scheme.ndb_seq_num 
_pdbx_poly_seq_scheme.pdb_seq_num 
_pdbx_poly_seq_scheme.auth_seq_num 
_pdbx_poly_seq_scheme.pdb_mon_id 
_pdbx_poly_seq_scheme.auth_mon_id 
_pdbx_poly_seq_scheme.pdb_strand_id 
_pdbx_poly_seq_scheme.pdb_ins_code 
_pdbx_poly_seq_scheme.hetero 
A 1 1   MET 1   1   ?   ?   ?   A . n 
A 1 2   ALA 2   2   ?   ?   ?   A . n 
A 1 3   GLN 3   3   ?   ?   ?   A . n 
A 1 4   VAL 4   4   4   VAL VAL A . n 
A 1 5   LYS 5   5   5   LYS LYS A . n 
A 1 6   LEU 6   6   6   LEU LEU A . n 
A 1 7   GLN 7   7   7   GLN GLN A . n 
A 1 8   GLN 8   8   8   GLN GLN A . n 
A 1 9   SER 9   9   9   SER SER A . n 
A 1 10  GLY 10  10  10  GLY GLY A . n 
A 1 11  GLY 11  11  11  GLY GLY A . n 
A 1 12  GLY 12  12  12  GLY GLY A . n 
A 1 13  MET 13  13  13  MET MET A . n 
A 1 14  VAL 14  14  14  VAL VAL A . n 
A 1 15  GLN 15  15  15  GLN GLN A . n 
A 1 16  THR 16  16  16  THR THR A . n 
A 1 17  GLY 17  17  17  GLY GLY A . n 
A 1 18  ASP 18  18  18  ASP ASP A . n 
A 1 19  SER 19  19  19  SER SER A . n 
A 1 20  LEU 20  20  20  LEU LEU A . n 
A 1 21  ARG 21  21  21  ARG ARG A . n 
A 1 22  LEU 22  22  22  LEU LEU A . n 
A 1 23  SER 23  23  23  SER SER A . n 
A 1 24  CYS 24  24  24  CYS CYS A . n 
A 1 25  VAL 25  25  25  VAL VAL A . n 
A 1 26  GLY 26  26  26  GLY GLY A . n 
A 1 27  SER 27  27  27  SER SER A . n 
A 1 28  ARG 28  28  28  ARG ARG A . n 
A 1 29  ARG 29  29  29  ARG ARG A . n 
A 1 30  ALA 30  30  30  ALA ALA A . n 
A 1 31  LEU 31  31  31  LEU LEU A . n 
A 1 32  SER 32  32  32  SER SER A . n 
A 1 33  SER 33  33  33  SER SER A . n 
A 1 34  THR 34  34  34  THR THR A . n 
A 1 35  ILE 35  35  35  ILE ILE A . n 
A 1 36  VAL 36  36  36  VAL VAL A . n 
A 1 37  GLY 37  37  37  GLY GLY A . n 
A 1 38  TRP 38  38  38  TRP TRP A . n 
A 1 39  PHE 39  39  39  PHE PHE A . n 
A 1 40  ARG 40  40  40  ARG ARG A . n 
A 1 41  GLN 41  41  41  GLN GLN A . n 
A 1 42  ILE 42  42  42  ILE ILE A . n 
A 1 43  PRO 43  43  43  PRO PRO A . n 
A 1 44  GLY 44  44  44  GLY GLY A . n 
A 1 45  LYS 45  45  45  LYS LYS A . n 
A 1 46  GLU 46  46  46  GLU GLU A . n 
A 1 47  ARG 47  47  47  ARG ARG A . n 
A 1 48  GLU 48  48  48  GLU GLU A . n 
A 1 49  PHE 49  49  49  PHE PHE A . n 
A 1 50  VAL 50  50  50  VAL VAL A . n 
A 1 51  GLY 51  51  51  GLY GLY A . n 
A 1 52  GLY 52  52  52  GLY GLY A . n 
A 1 53  ILE 53  53  53  ILE ILE A . n 
A 1 54  ALA 54  54  54  ALA ALA A . n 
A 1 55  TRP 55  55  55  TRP TRP A . n 
A 1 56  SER 56  56  56  SER SER A . n 
A 1 57  SER 57  57  57  SER SER A . n 
A 1 58  SER 58  58  58  SER SER A . n 
A 1 59  ASP 59  59  59  ASP ASP A . n 
A 1 60  THR 60  60  60  THR THR A . n 
A 1 61  TRP 61  61  61  TRP TRP A . n 
A 1 62  TYR 62  62  62  TYR TYR A . n 
A 1 63  ALA 63  63  63  ALA ALA A . n 
A 1 64  ASP 64  64  64  ASP ASP A . n 
A 1 65  SER 65  65  65  SER SER A . n 
A 1 66  VAL 66  66  66  VAL VAL A . n 
A 1 67  LYS 67  67  67  LYS LYS A . n 
A 1 68  GLY 68  68  68  GLY GLY A . n 
A 1 69  ARG 69  69  69  ARG ARG A . n 
A 1 70  PHE 70  70  70  PHE PHE A . n 
A 1 71  THR 71  71  71  THR THR A . n 
A 1 72  ILE 72  72  72  ILE ILE A . n 
A 1 73  SER 73  73  73  SER SER A . n 
A 1 74  LYS 74  74  74  LYS LYS A . n 
A 1 75  ASP 75  75  75  ASP ASP A . n 
A 1 76  ASP 76  76  76  ASP ASP A . n 
A 1 77  ALA 77  77  77  ALA ALA A . n 
A 1 78  ALA 78  78  78  ALA ALA A . n 
A 1 79  ASN 79  79  79  ASN ASN A . n 
A 1 80  GLY 80  80  80  GLY GLY A . n 
A 1 81  VAL 81  81  81  VAL VAL A . n 
A 1 82  HIS 82  82  82  HIS HIS A . n 
A 1 83  LEU 83  83  83  LEU LEU A . n 
A 1 84  GLN 84  84  84  GLN GLN A . n 
A 1 85  MET 85  85  85  MET MET A . n 
A 1 86  SER 86  86  86  SER SER A . n 
A 1 87  SER 87  87  87  SER SER A . n 
A 1 88  LEU 88  88  88  LEU LEU A . n 
A 1 89  LYS 89  89  89  LYS LYS A . n 
A 1 90  PRO 90  90  90  PRO PRO A . n 
A 1 91  GLU 91  91  91  GLU GLU A . n 
A 1 92  ASP 92  92  92  ASP ASP A . n 
A 1 93  THR 93  93  93  THR THR A . n 
A 1 94  ALA 94  94  94  ALA ALA A . n 
A 1 95  VAL 95  95  95  VAL VAL A . n 
A 1 96  TYR 96  96  96  TYR TYR A . n 
A 1 97  TYR 97  97  97  TYR TYR A . n 
A 1 98  CYS 98  98  98  CYS CYS A . n 
A 1 99  ALA 99  99  99  ALA ALA A . n 
A 1 100 SER 100 100 100 SER SER A . n 
A 1 101 ALA 101 101 101 ALA ALA A . n 
A 1 102 LEU 102 102 102 LEU LEU A . n 
A 1 103 ARG 103 103 103 ARG ARG A . n 
A 1 104 ARG 104 104 104 ARG ARG A . n 
A 1 105 PRO 105 105 105 PRO PRO A . n 
A 1 106 GLY 106 106 106 GLY GLY A . n 
A 1 107 SER 107 107 107 SER SER A . n 
A 1 108 ASP 108 108 108 ASP ASP A . n 
A 1 109 ALA 109 109 109 ALA ALA A . n 
A 1 110 SER 110 110 110 SER SER A . n 
A 1 111 ASP 111 111 111 ASP ASP A . n 
A 1 112 TYR 112 112 112 TYR TYR A . n 
A 1 113 THR 113 113 113 THR THR A . n 
A 1 114 ARG 114 114 114 ARG ARG A . n 
A 1 115 ILE 115 115 115 ILE ILE A . n 
A 1 116 PRO 116 116 116 PRO PRO A . n 
A 1 117 ASP 117 117 117 ASP ASP A . n 
A 1 118 TYR 118 118 118 TYR TYR A . n 
A 1 119 PRO 119 119 119 PRO PRO A . n 
A 1 120 TYR 120 120 120 TYR TYR A . n 
A 1 121 TRP 121 121 121 TRP TRP A . n 
A 1 122 GLY 122 122 122 GLY GLY A . n 
A 1 123 GLN 123 123 123 GLN GLN A . n 
A 1 124 GLY 124 124 124 GLY GLY A . n 
A 1 125 THR 125 125 125 THR THR A . n 
A 1 126 GLN 126 126 126 GLN GLN A . n 
A 1 127 VAL 127 127 127 VAL VAL A . n 
A 1 128 THR 128 128 128 THR THR A . n 
A 1 129 VAL 129 129 129 VAL VAL A . n 
A 1 130 SER 130 130 130 SER SER A . n 
A 1 131 SER 131 131 131 SER SER A . n 
A 1 132 HIS 132 132 132 HIS HIS A . n 
A 1 133 HIS 133 133 ?   ?   ?   A . n 
A 1 134 HIS 134 134 ?   ?   ?   A . n 
A 1 135 HIS 135 135 ?   ?   ?   A . n 
A 1 136 HIS 136 136 ?   ?   ?   A . n 
A 1 137 HIS 137 137 ?   ?   ?   A . n 
# 
loop_
_pdbx_nonpoly_scheme.asym_id 
_pdbx_nonpoly_scheme.entity_id 
_pdbx_nonpoly_scheme.mon_id 
_pdbx_nonpoly_scheme.ndb_seq_num 
_pdbx_nonpoly_scheme.pdb_seq_num 
_pdbx_nonpoly_scheme.auth_seq_num 
_pdbx_nonpoly_scheme.pdb_mon_id 
_pdbx_nonpoly_scheme.auth_mon_id 
_pdbx_nonpoly_scheme.pdb_strand_id 
_pdbx_nonpoly_scheme.pdb_ins_code 
B 2 SO4 1  201 1  SO4 SO4 A . 
C 2 SO4 1  202 1  SO4 SO4 A . 
D 3 9EG 1  203 1  9EG TCC A . 
E 2 SO4 1  204 1  SO4 SO4 A . 
F 2 SO4 1  205 1  SO4 SO4 A . 
G 4 NA  1  206 1  NA  NA  A . 
H 2 SO4 1  207 1  SO4 SO4 A . 
I 5 HOH 1  301 7  HOH HOH A . 
I 5 HOH 2  302 78 HOH HOH A . 
I 5 HOH 3  303 28 HOH HOH A . 
I 5 HOH 4  304 54 HOH HOH A . 
I 5 HOH 5  305 2  HOH HOH A . 
I 5 HOH 6  306 99 HOH HOH A . 
I 5 HOH 7  307 15 HOH HOH A . 
I 5 HOH 8  308 90 HOH HOH A . 
I 5 HOH 9  309 4  HOH HOH A . 
I 5 HOH 10 310 35 HOH HOH A . 
I 5 HOH 11 311 77 HOH HOH A . 
I 5 HOH 12 312 29 HOH HOH A . 
I 5 HOH 13 313 91 HOH HOH A . 
I 5 HOH 14 314 71 HOH HOH A . 
I 5 HOH 15 315 45 HOH HOH A . 
I 5 HOH 16 316 39 HOH HOH A . 
I 5 HOH 17 317 82 HOH HOH A . 
I 5 HOH 18 318 25 HOH HOH A . 
I 5 HOH 19 319 52 HOH HOH A . 
I 5 HOH 20 320 64 HOH HOH A . 
I 5 HOH 21 321 66 HOH HOH A . 
I 5 HOH 22 322 36 HOH HOH A . 
I 5 HOH 23 323 18 HOH HOH A . 
I 5 HOH 24 324 80 HOH HOH A . 
I 5 HOH 25 325 14 HOH HOH A . 
I 5 HOH 26 326 23 HOH HOH A . 
I 5 HOH 27 327 69 HOH HOH A . 
I 5 HOH 28 328 10 HOH HOH A . 
I 5 HOH 29 329 57 HOH HOH A . 
I 5 HOH 30 330 47 HOH HOH A . 
I 5 HOH 31 331 72 HOH HOH A . 
I 5 HOH 32 332 24 HOH HOH A . 
I 5 HOH 33 333 16 HOH HOH A . 
I 5 HOH 34 334 49 HOH HOH A . 
I 5 HOH 35 335 11 HOH HOH A . 
I 5 HOH 36 336 31 HOH HOH A . 
I 5 HOH 37 337 44 HOH HOH A . 
I 5 HOH 38 338 8  HOH HOH A . 
I 5 HOH 39 339 34 HOH HOH A . 
I 5 HOH 40 340 1  HOH HOH A . 
I 5 HOH 41 341 19 HOH HOH A . 
I 5 HOH 42 342 53 HOH HOH A . 
I 5 HOH 43 343 43 HOH HOH A . 
I 5 HOH 44 344 61 HOH HOH A . 
I 5 HOH 45 345 89 HOH HOH A . 
I 5 HOH 46 346 12 HOH HOH A . 
I 5 HOH 47 347 98 HOH HOH A . 
I 5 HOH 48 348 32 HOH HOH A . 
I 5 HOH 49 349 50 HOH HOH A . 
I 5 HOH 50 350 56 HOH HOH A . 
I 5 HOH 51 351 13 HOH HOH A . 
I 5 HOH 52 352 21 HOH HOH A . 
I 5 HOH 53 353 65 HOH HOH A . 
I 5 HOH 54 354 3  HOH HOH A . 
I 5 HOH 55 355 86 HOH HOH A . 
I 5 HOH 56 356 46 HOH HOH A . 
I 5 HOH 57 357 48 HOH HOH A . 
I 5 HOH 58 358 62 HOH HOH A . 
I 5 HOH 59 359 85 HOH HOH A . 
I 5 HOH 60 360 5  HOH HOH A . 
I 5 HOH 61 361 40 HOH HOH A . 
I 5 HOH 62 362 42 HOH HOH A . 
I 5 HOH 63 363 60 HOH HOH A . 
I 5 HOH 64 364 63 HOH HOH A . 
I 5 HOH 65 365 6  HOH HOH A . 
I 5 HOH 66 366 9  HOH HOH A . 
I 5 HOH 67 367 37 HOH HOH A . 
I 5 HOH 68 368 22 HOH HOH A . 
I 5 HOH 69 369 75 HOH HOH A . 
I 5 HOH 70 370 76 HOH HOH A . 
I 5 HOH 71 371 41 HOH HOH A . 
I 5 HOH 72 372 59 HOH HOH A . 
I 5 HOH 73 373 67 HOH HOH A . 
I 5 HOH 74 374 79 HOH HOH A . 
I 5 HOH 75 375 26 HOH HOH A . 
I 5 HOH 76 376 95 HOH HOH A . 
I 5 HOH 77 377 74 HOH HOH A . 
I 5 HOH 78 378 84 HOH HOH A . 
I 5 HOH 79 379 92 HOH HOH A . 
I 5 HOH 80 380 68 HOH HOH A . 
I 5 HOH 81 381 58 HOH HOH A . 
I 5 HOH 82 382 88 HOH HOH A . 
I 5 HOH 83 383 73 HOH HOH A . 
I 5 HOH 84 384 51 HOH HOH A . 
I 5 HOH 85 385 93 HOH HOH A . 
I 5 HOH 86 386 30 HOH HOH A . 
I 5 HOH 87 387 27 HOH HOH A . 
I 5 HOH 88 388 97 HOH HOH A . 
I 5 HOH 89 389 83 HOH HOH A . 
I 5 HOH 90 390 96 HOH HOH A . 
I 5 HOH 91 391 38 HOH HOH A . 
I 5 HOH 92 392 33 HOH HOH A . 
I 5 HOH 93 393 20 HOH HOH A . 
I 5 HOH 94 394 94 HOH HOH A . 
I 5 HOH 95 395 17 HOH HOH A . 
I 5 HOH 96 396 81 HOH HOH A . 
I 5 HOH 97 397 55 HOH HOH A . 
I 5 HOH 98 398 70 HOH HOH A . 
I 5 HOH 99 399 87 HOH HOH A . 
# 
loop_
_software.citation_id 
_software.classification 
_software.compiler_name 
_software.compiler_version 
_software.contact_author 
_software.contact_author_email 
_software.date 
_software.description 
_software.dependencies 
_software.hardware 
_software.language 
_software.location 
_software.mods 
_software.name 
_software.os 
_software.os_version 
_software.type 
_software.version 
_software.pdbx_ordinal 
? refinement       ? ? ? ? ? ? ? ? ? ? ? REFMAC  ? ? ? 5.8.0049 1 
? 'data reduction' ? ? ? ? ? ? ? ? ? ? ? XDS     ? ? ? .        2 
? 'data scaling'   ? ? ? ? ? ? ? ? ? ? ? Aimless ? ? ? .        3 
? phasing          ? ? ? ? ? ? ? ? ? ? ? PHASER  ? ? ? .        4 
# 
_cell.angle_alpha                  90.00 
_cell.angle_alpha_esd              ? 
_cell.angle_beta                   111.18 
_cell.angle_beta_esd               ? 
_cell.angle_gamma                  90.00 
_cell.angle_gamma_esd              ? 
_cell.entry_id                     5VM6 
_cell.details                      ? 
_cell.formula_units_Z              ? 
_cell.length_a                     36.769 
_cell.length_a_esd                 ? 
_cell.length_b                     36.387 
_cell.length_b_esd                 ? 
_cell.length_c                     44.598 
_cell.length_c_esd                 ? 
_cell.volume                       ? 
_cell.volume_esd                   ? 
_cell.Z_PDB                        2 
_cell.reciprocal_angle_alpha       ? 
_cell.reciprocal_angle_beta        ? 
_cell.reciprocal_angle_gamma       ? 
_cell.reciprocal_angle_alpha_esd   ? 
_cell.reciprocal_angle_beta_esd    ? 
_cell.reciprocal_angle_gamma_esd   ? 
_cell.reciprocal_length_a          ? 
_cell.reciprocal_length_b          ? 
_cell.reciprocal_length_c          ? 
_cell.reciprocal_length_a_esd      ? 
_cell.reciprocal_length_b_esd      ? 
_cell.reciprocal_length_c_esd      ? 
_cell.pdbx_unique_axis             ? 
# 
_symmetry.entry_id                         5VM6 
_symmetry.cell_setting                     ? 
_symmetry.Int_Tables_number                4 
_symmetry.space_group_name_Hall            ? 
_symmetry.space_group_name_H-M             'P 1 21 1' 
_symmetry.pdbx_full_space_group_name_H-M   ? 
# 
_exptl.absorpt_coefficient_mu     ? 
_exptl.absorpt_correction_T_max   ? 
_exptl.absorpt_correction_T_min   ? 
_exptl.absorpt_correction_type    ? 
_exptl.absorpt_process_details    ? 
_exptl.entry_id                   5VM6 
_exptl.crystals_number            1 
_exptl.details                    ? 
_exptl.method                     'X-RAY DIFFRACTION' 
_exptl.method_details             ? 
# 
_exptl_crystal.colour                      ? 
_exptl_crystal.density_diffrn              ? 
_exptl_crystal.density_Matthews            1.84 
_exptl_crystal.density_method              ? 
_exptl_crystal.density_percent_sol         33.26 
_exptl_crystal.description                 ? 
_exptl_crystal.F_000                       ? 
_exptl_crystal.id                          1 
_exptl_crystal.preparation                 ? 
_exptl_crystal.size_max                    ? 
_exptl_crystal.size_mid                    ? 
_exptl_crystal.size_min                    ? 
_exptl_crystal.size_rad                    ? 
_exptl_crystal.colour_lustre               ? 
_exptl_crystal.colour_modifier             ? 
_exptl_crystal.colour_primary              ? 
_exptl_crystal.density_meas                ? 
_exptl_crystal.density_meas_esd            ? 
_exptl_crystal.density_meas_gt             ? 
_exptl_crystal.density_meas_lt             ? 
_exptl_crystal.density_meas_temp           ? 
_exptl_crystal.density_meas_temp_esd       ? 
_exptl_crystal.density_meas_temp_gt        ? 
_exptl_crystal.density_meas_temp_lt        ? 
_exptl_crystal.pdbx_crystal_image_url      ? 
_exptl_crystal.pdbx_crystal_image_format   ? 
_exptl_crystal.pdbx_mosaicity              ? 
_exptl_crystal.pdbx_mosaicity_esd          ? 
# 
_exptl_crystal_grow.apparatus       ? 
_exptl_crystal_grow.atmosphere      ? 
_exptl_crystal_grow.crystal_id      1 
_exptl_crystal_grow.details         ? 
_exptl_crystal_grow.method          'VAPOR DIFFUSION, HANGING DROP' 
_exptl_crystal_grow.method_ref      ? 
_exptl_crystal_grow.pH              ? 
_exptl_crystal_grow.pressure        ? 
_exptl_crystal_grow.pressure_esd    ? 
_exptl_crystal_grow.seeding         ? 
_exptl_crystal_grow.seeding_ref     ? 
_exptl_crystal_grow.temp            298 
_exptl_crystal_grow.temp_details    ? 
_exptl_crystal_grow.temp_esd        ? 
_exptl_crystal_grow.time            ? 
_exptl_crystal_grow.pdbx_details    
;protein was 21 mg/ml
well contained 1.3 M ammonium sulfate, 100 mM citric acid
;
_exptl_crystal_grow.pdbx_pH_range   ? 
# 
_diffrn.ambient_environment    ? 
_diffrn.ambient_temp           100 
_diffrn.ambient_temp_details   ? 
_diffrn.ambient_temp_esd       ? 
_diffrn.crystal_id             1 
_diffrn.crystal_support        ? 
_diffrn.crystal_treatment      ? 
_diffrn.details                ? 
_diffrn.id                     1 
_diffrn.ambient_pressure       ? 
_diffrn.ambient_pressure_esd   ? 
_diffrn.ambient_pressure_gt    ? 
_diffrn.ambient_pressure_lt    ? 
_diffrn.ambient_temp_gt        ? 
_diffrn.ambient_temp_lt        ? 
# 
_diffrn_detector.details                      ? 
_diffrn_detector.detector                     CCD 
_diffrn_detector.diffrn_id                    1 
_diffrn_detector.type                         'ADSC QUANTUM 315r' 
_diffrn_detector.area_resol_mean              ? 
_diffrn_detector.dtime                        ? 
_diffrn_detector.pdbx_frames_total            ? 
_diffrn_detector.pdbx_collection_time_total   ? 
_diffrn_detector.pdbx_collection_date         2016-07-08 
# 
_diffrn_radiation.collimation                      ? 
_diffrn_radiation.diffrn_id                        1 
_diffrn_radiation.filter_edge                      ? 
_diffrn_radiation.inhomogeneity                    ? 
_diffrn_radiation.monochromator                    ? 
_diffrn_radiation.polarisn_norm                    ? 
_diffrn_radiation.polarisn_ratio                   ? 
_diffrn_radiation.probe                            ? 
_diffrn_radiation.type                             ? 
_diffrn_radiation.xray_symbol                      ? 
_diffrn_radiation.wavelength_id                    1 
_diffrn_radiation.pdbx_monochromatic_or_laue_m_l   M 
_diffrn_radiation.pdbx_wavelength_list             ? 
_diffrn_radiation.pdbx_wavelength                  ? 
_diffrn_radiation.pdbx_diffrn_protocol             'SINGLE WAVELENGTH' 
_diffrn_radiation.pdbx_analyzer                    ? 
_diffrn_radiation.pdbx_scattering_type             x-ray 
# 
_diffrn_radiation_wavelength.id           1 
_diffrn_radiation_wavelength.wavelength   0.97947 
_diffrn_radiation_wavelength.wt           1.0 
# 
_diffrn_source.current                     ? 
_diffrn_source.details                     ? 
_diffrn_source.diffrn_id                   1 
_diffrn_source.power                       ? 
_diffrn_source.size                        ? 
_diffrn_source.source                      SYNCHROTRON 
_diffrn_source.target                      ? 
_diffrn_source.type                        'SSRL BEAMLINE BL7-1' 
_diffrn_source.voltage                     ? 
_diffrn_source.take-off_angle              ? 
_diffrn_source.pdbx_wavelength_list        0.97947 
_diffrn_source.pdbx_wavelength             ? 
_diffrn_source.pdbx_synchrotron_beamline   BL7-1 
_diffrn_source.pdbx_synchrotron_site       SSRL 
# 
_reflns.B_iso_Wilson_estimate            ? 
_reflns.entry_id                         5VM6 
_reflns.data_reduction_details           ? 
_reflns.data_reduction_method            ? 
_reflns.d_resolution_high                1.5 
_reflns.d_resolution_low                 41.9 
_reflns.details                          ? 
_reflns.limit_h_max                      ? 
_reflns.limit_h_min                      ? 
_reflns.limit_k_max                      ? 
_reflns.limit_k_min                      ? 
_reflns.limit_l_max                      ? 
_reflns.limit_l_min                      ? 
_reflns.number_all                       ? 
_reflns.number_obs                       17461 
_reflns.observed_criterion               ? 
_reflns.observed_criterion_F_max         ? 
_reflns.observed_criterion_F_min         ? 
_reflns.observed_criterion_I_max         ? 
_reflns.observed_criterion_I_min         ? 
_reflns.observed_criterion_sigma_F       ? 
_reflns.observed_criterion_sigma_I       ? 
_reflns.percent_possible_obs             98.2 
_reflns.R_free_details                   ? 
_reflns.Rmerge_F_all                     ? 
_reflns.Rmerge_F_obs                     ? 
_reflns.Friedel_coverage                 ? 
_reflns.number_gt                        ? 
_reflns.threshold_expression             ? 
_reflns.pdbx_redundancy                  2.6 
_reflns.pdbx_Rmerge_I_obs                0.071 
_reflns.pdbx_Rmerge_I_all                ? 
_reflns.pdbx_Rsym_value                  ? 
_reflns.pdbx_netI_over_av_sigmaI         ? 
_reflns.pdbx_netI_over_sigmaI            10.4 
_reflns.pdbx_res_netI_over_av_sigmaI_2   ? 
_reflns.pdbx_res_netI_over_sigmaI_2      ? 
_reflns.pdbx_chi_squared                 ? 
_reflns.pdbx_scaling_rejects             ? 
_reflns.pdbx_d_res_high_opt              ? 
_reflns.pdbx_d_res_low_opt               ? 
_reflns.pdbx_d_res_opt_method            ? 
_reflns.phase_calculation_details        ? 
_reflns.pdbx_Rrim_I_all                  ? 
_reflns.pdbx_Rpim_I_all                  ? 
_reflns.pdbx_d_opt                       ? 
_reflns.pdbx_number_measured_all         ? 
_reflns.pdbx_diffrn_id                   1 
_reflns.pdbx_ordinal                     1 
_reflns.pdbx_CC_half                     ? 
_reflns.pdbx_R_split                     ? 
# 
_reflns_shell.d_res_high                  1.50 
_reflns_shell.d_res_low                   1.53 
_reflns_shell.meanI_over_sigI_all         ? 
_reflns_shell.meanI_over_sigI_obs         2.7 
_reflns_shell.number_measured_all         ? 
_reflns_shell.number_measured_obs         ? 
_reflns_shell.number_possible             ? 
_reflns_shell.number_unique_all           ? 
_reflns_shell.number_unique_obs           ? 
_reflns_shell.percent_possible_all        95.0 
_reflns_shell.percent_possible_obs        ? 
_reflns_shell.Rmerge_F_all                ? 
_reflns_shell.Rmerge_F_obs                ? 
_reflns_shell.Rmerge_I_all                ? 
_reflns_shell.Rmerge_I_obs                0.400 
_reflns_shell.meanI_over_sigI_gt          ? 
_reflns_shell.meanI_over_uI_all           ? 
_reflns_shell.meanI_over_uI_gt            ? 
_reflns_shell.number_measured_gt          ? 
_reflns_shell.number_unique_gt            ? 
_reflns_shell.percent_possible_gt         ? 
_reflns_shell.Rmerge_F_gt                 ? 
_reflns_shell.Rmerge_I_gt                 ? 
_reflns_shell.pdbx_redundancy             ? 
_reflns_shell.pdbx_Rsym_value             ? 
_reflns_shell.pdbx_chi_squared            ? 
_reflns_shell.pdbx_netI_over_sigmaI_all   ? 
_reflns_shell.pdbx_netI_over_sigmaI_obs   ? 
_reflns_shell.pdbx_Rrim_I_all             ? 
_reflns_shell.pdbx_Rpim_I_all             ? 
_reflns_shell.pdbx_rejects                ? 
_reflns_shell.pdbx_ordinal                1 
_reflns_shell.pdbx_diffrn_id              1 
_reflns_shell.pdbx_CC_half                ? 
_reflns_shell.pdbx_R_split                ? 
# 
_refine.aniso_B[1][1]                            -0.42 
_refine.aniso_B[1][2]                            0.00 
_refine.aniso_B[1][3]                            0.17 
_refine.aniso_B[2][2]                            -0.61 
_refine.aniso_B[2][3]                            -0.00 
_refine.aniso_B[3][3]                            0.69 
_refine.B_iso_max                                ? 
_refine.B_iso_mean                               9.333 
_refine.B_iso_min                                ? 
_refine.correlation_coeff_Fo_to_Fc               0.954 
_refine.correlation_coeff_Fo_to_Fc_free          0.941 
_refine.details                                  'HYDROGENS HAVE BEEN ADDED IN THE RIDING POSITIONS' 
_refine.diff_density_max                         ? 
_refine.diff_density_max_esd                     ? 
_refine.diff_density_min                         ? 
_refine.diff_density_min_esd                     ? 
_refine.diff_density_rms                         ? 
_refine.diff_density_rms_esd                     ? 
_refine.entry_id                                 5VM6 
_refine.pdbx_refine_id                           'X-RAY DIFFRACTION' 
_refine.ls_abs_structure_details                 ? 
_refine.ls_abs_structure_Flack                   ? 
_refine.ls_abs_structure_Flack_esd               ? 
_refine.ls_abs_structure_Rogers                  ? 
_refine.ls_abs_structure_Rogers_esd              ? 
_refine.ls_d_res_high                            1.50 
_refine.ls_d_res_low                             41.59 
_refine.ls_extinction_coef                       ? 
_refine.ls_extinction_coef_esd                   ? 
_refine.ls_extinction_expression                 ? 
_refine.ls_extinction_method                     ? 
_refine.ls_goodness_of_fit_all                   ? 
_refine.ls_goodness_of_fit_all_esd               ? 
_refine.ls_goodness_of_fit_obs                   ? 
_refine.ls_goodness_of_fit_obs_esd               ? 
_refine.ls_hydrogen_treatment                    ? 
_refine.ls_matrix_type                           ? 
_refine.ls_number_constraints                    ? 
_refine.ls_number_parameters                     ? 
_refine.ls_number_reflns_all                     ? 
_refine.ls_number_reflns_obs                     16901 
_refine.ls_number_reflns_R_free                  551 
_refine.ls_number_reflns_R_work                  ? 
_refine.ls_number_restraints                     ? 
_refine.ls_percent_reflns_obs                    98.06 
_refine.ls_percent_reflns_R_free                 3.2 
_refine.ls_R_factor_all                          ? 
_refine.ls_R_factor_obs                          0.17233 
_refine.ls_R_factor_R_free                       0.19310 
_refine.ls_R_factor_R_free_error                 ? 
_refine.ls_R_factor_R_free_error_details         ? 
_refine.ls_R_factor_R_work                       0.17166 
_refine.ls_R_Fsqd_factor_obs                     ? 
_refine.ls_R_I_factor_obs                        ? 
_refine.ls_redundancy_reflns_all                 ? 
_refine.ls_redundancy_reflns_obs                 ? 
_refine.ls_restrained_S_all                      ? 
_refine.ls_restrained_S_obs                      ? 
_refine.ls_shift_over_esd_max                    ? 
_refine.ls_shift_over_esd_mean                   ? 
_refine.ls_structure_factor_coef                 ? 
_refine.ls_weighting_details                     ? 
_refine.ls_weighting_scheme                      ? 
_refine.ls_wR_factor_all                         ? 
_refine.ls_wR_factor_obs                         ? 
_refine.ls_wR_factor_R_free                      ? 
_refine.ls_wR_factor_R_work                      ? 
_refine.occupancy_max                            ? 
_refine.occupancy_min                            ? 
_refine.solvent_model_details                    ? 
_refine.solvent_model_param_bsol                 ? 
_refine.solvent_model_param_ksol                 ? 
_refine.ls_R_factor_gt                           ? 
_refine.ls_goodness_of_fit_gt                    ? 
_refine.ls_goodness_of_fit_ref                   ? 
_refine.ls_shift_over_su_max                     ? 
_refine.ls_shift_over_su_max_lt                  ? 
_refine.ls_shift_over_su_mean                    ? 
_refine.ls_shift_over_su_mean_lt                 ? 
_refine.pdbx_ls_sigma_I                          ? 
_refine.pdbx_ls_sigma_F                          ? 
_refine.pdbx_ls_sigma_Fsqd                       ? 
_refine.pdbx_data_cutoff_high_absF               ? 
_refine.pdbx_data_cutoff_high_rms_absF           ? 
_refine.pdbx_data_cutoff_low_absF                ? 
_refine.pdbx_isotropic_thermal_model             ? 
_refine.pdbx_ls_cross_valid_method               THROUGHOUT 
_refine.pdbx_method_to_determine_struct          'MOLECULAR REPLACEMENT' 
_refine.pdbx_starting_model                      'apo T9' 
_refine.pdbx_stereochemistry_target_values       ? 
_refine.pdbx_R_Free_selection_details            RANDOM 
_refine.pdbx_stereochem_target_val_spec_case     ? 
_refine.pdbx_overall_ESU_R                       0.080 
_refine.pdbx_overall_ESU_R_Free                  0.077 
_refine.pdbx_solvent_vdw_probe_radii             1.20 
_refine.pdbx_solvent_ion_probe_radii             0.80 
_refine.pdbx_solvent_shrinkage_radii             0.80 
_refine.pdbx_real_space_R                        ? 
_refine.pdbx_density_correlation                 ? 
_refine.pdbx_pd_number_of_powder_patterns        ? 
_refine.pdbx_pd_number_of_points                 ? 
_refine.pdbx_pd_meas_number_of_points            ? 
_refine.pdbx_pd_proc_ls_prof_R_factor            ? 
_refine.pdbx_pd_proc_ls_prof_wR_factor           ? 
_refine.pdbx_pd_Marquardt_correlation_coeff      ? 
_refine.pdbx_pd_Fsqrd_R_factor                   ? 
_refine.pdbx_pd_ls_matrix_band_width             ? 
_refine.pdbx_overall_phase_error                 ? 
_refine.pdbx_overall_SU_R_free_Cruickshank_DPI   ? 
_refine.pdbx_overall_SU_R_free_Blow_DPI          ? 
_refine.pdbx_overall_SU_R_Blow_DPI               ? 
_refine.pdbx_TLS_residual_ADP_flag               ? 
_refine.pdbx_diffrn_id                           1 
_refine.overall_SU_B                             1.356 
_refine.overall_SU_ML                            0.050 
_refine.overall_SU_R_Cruickshank_DPI             ? 
_refine.overall_SU_R_free                        ? 
_refine.overall_FOM_free_R_set                   ? 
_refine.overall_FOM_work_R_set                   ? 
_refine.pdbx_average_fsc_overall                 ? 
_refine.pdbx_average_fsc_work                    ? 
_refine.pdbx_average_fsc_free                    ? 
# 
_refine_hist.pdbx_refine_id                   'X-RAY DIFFRACTION' 
_refine_hist.cycle_id                         1 
_refine_hist.pdbx_number_atoms_protein        989 
_refine_hist.pdbx_number_atoms_nucleic_acid   0 
_refine_hist.pdbx_number_atoms_ligand         45 
_refine_hist.number_atoms_solvent             99 
_refine_hist.number_atoms_total               1133 
_refine_hist.d_res_high                       1.50 
_refine_hist.d_res_low                        41.59 
# 
loop_
_refine_ls_restr.pdbx_refine_id 
_refine_ls_restr.criterion 
_refine_ls_restr.dev_ideal 
_refine_ls_restr.dev_ideal_target 
_refine_ls_restr.number 
_refine_ls_restr.rejects 
_refine_ls_restr.type 
_refine_ls_restr.weight 
_refine_ls_restr.pdbx_restraint_function 
'X-RAY DIFFRACTION' ? 0.011  0.019  1060 ? r_bond_refined_d             ? ? 
'X-RAY DIFFRACTION' ? 0.002  0.020  934  ? r_bond_other_d               ? ? 
'X-RAY DIFFRACTION' ? 1.593  1.974  1441 ? r_angle_refined_deg          ? ? 
'X-RAY DIFFRACTION' ? 0.755  3.000  2147 ? r_angle_other_deg            ? ? 
'X-RAY DIFFRACTION' ? 6.221  5.000  130  ? r_dihedral_angle_1_deg       ? ? 
'X-RAY DIFFRACTION' ? 28.983 22.500 44   ? r_dihedral_angle_2_deg       ? ? 
'X-RAY DIFFRACTION' ? 11.899 15.000 161  ? r_dihedral_angle_3_deg       ? ? 
'X-RAY DIFFRACTION' ? 19.934 15.000 9    ? r_dihedral_angle_4_deg       ? ? 
'X-RAY DIFFRACTION' ? 0.084  0.200  151  ? r_chiral_restr               ? ? 
'X-RAY DIFFRACTION' ? 0.009  0.020  1204 ? r_gen_planes_refined         ? ? 
'X-RAY DIFFRACTION' ? 0.005  0.020  261  ? r_gen_planes_other           ? ? 
'X-RAY DIFFRACTION' ? ?      ?      ?    ? r_nbd_refined                ? ? 
'X-RAY DIFFRACTION' ? ?      ?      ?    ? r_nbd_other                  ? ? 
'X-RAY DIFFRACTION' ? ?      ?      ?    ? r_nbtor_refined              ? ? 
'X-RAY DIFFRACTION' ? ?      ?      ?    ? r_nbtor_other                ? ? 
'X-RAY DIFFRACTION' ? ?      ?      ?    ? r_xyhbond_nbd_refined        ? ? 
'X-RAY DIFFRACTION' ? ?      ?      ?    ? r_xyhbond_nbd_other          ? ? 
'X-RAY DIFFRACTION' ? ?      ?      ?    ? r_metal_ion_refined          ? ? 
'X-RAY DIFFRACTION' ? ?      ?      ?    ? r_metal_ion_other            ? ? 
'X-RAY DIFFRACTION' ? ?      ?      ?    ? r_symmetry_vdw_refined       ? ? 
'X-RAY DIFFRACTION' ? ?      ?      ?    ? r_symmetry_vdw_other         ? ? 
'X-RAY DIFFRACTION' ? ?      ?      ?    ? r_symmetry_hbond_refined     ? ? 
'X-RAY DIFFRACTION' ? ?      ?      ?    ? r_symmetry_hbond_other       ? ? 
'X-RAY DIFFRACTION' ? ?      ?      ?    ? r_symmetry_metal_ion_refined ? ? 
'X-RAY DIFFRACTION' ? ?      ?      ?    ? r_symmetry_metal_ion_other   ? ? 
'X-RAY DIFFRACTION' ? 0.714  0.795  520  ? r_mcbond_it                  ? ? 
'X-RAY DIFFRACTION' ? 0.684  0.791  519  ? r_mcbond_other               ? ? 
'X-RAY DIFFRACTION' ? 1.171  1.184  650  ? r_mcangle_it                 ? ? 
'X-RAY DIFFRACTION' ? 1.172  1.189  651  ? r_mcangle_other              ? ? 
'X-RAY DIFFRACTION' ? 1.374  0.965  540  ? r_scbond_it                  ? ? 
'X-RAY DIFFRACTION' ? 1.331  0.940  525  ? r_scbond_other               ? ? 
'X-RAY DIFFRACTION' ? ?      ?      ?    ? r_scangle_it                 ? ? 
'X-RAY DIFFRACTION' ? 2.049  1.345  768  ? r_scangle_other              ? ? 
'X-RAY DIFFRACTION' ? 3.494  7.010  1212 ? r_long_range_B_refined       ? ? 
'X-RAY DIFFRACTION' ? 3.323  6.712  1171 ? r_long_range_B_other         ? ? 
'X-RAY DIFFRACTION' ? ?      ?      ?    ? r_rigid_bond_restr           ? ? 
'X-RAY DIFFRACTION' ? ?      ?      ?    ? r_sphericity_free            ? ? 
'X-RAY DIFFRACTION' ? ?      ?      ?    ? r_sphericity_bonded          ? ? 
# 
_refine_ls_shell.pdbx_refine_id                   'X-RAY DIFFRACTION' 
_refine_ls_shell.d_res_high                       1.500 
_refine_ls_shell.d_res_low                        1.539 
_refine_ls_shell.number_reflns_all                ? 
_refine_ls_shell.number_reflns_obs                ? 
_refine_ls_shell.number_reflns_R_free             31 
_refine_ls_shell.number_reflns_R_work             1235 
_refine_ls_shell.percent_reflns_obs               96.27 
_refine_ls_shell.percent_reflns_R_free            ? 
_refine_ls_shell.R_factor_all                     ? 
_refine_ls_shell.R_factor_obs                     ? 
_refine_ls_shell.R_factor_R_free                  0.238 
_refine_ls_shell.R_factor_R_free_error            ? 
_refine_ls_shell.R_factor_R_work                  0.233 
_refine_ls_shell.redundancy_reflns_all            ? 
_refine_ls_shell.redundancy_reflns_obs            ? 
_refine_ls_shell.wR_factor_all                    ? 
_refine_ls_shell.wR_factor_obs                    ? 
_refine_ls_shell.wR_factor_R_free                 ? 
_refine_ls_shell.wR_factor_R_work                 ? 
_refine_ls_shell.pdbx_total_number_of_bins_used   20 
_refine_ls_shell.pdbx_phase_error                 ? 
_refine_ls_shell.pdbx_fsc_work                    ? 
_refine_ls_shell.pdbx_fsc_free                    ? 
# 
_struct.entry_id                     5VM6 
_struct.title                        'The hapten triclocarban bound to the single domain camelid nanobody VHH T10' 
_struct.pdbx_model_details           ? 
_struct.pdbx_formula_weight          ? 
_struct.pdbx_formula_weight_method   ? 
_struct.pdbx_model_type_details      ? 
_struct.pdbx_CASP_flag               N 
# 
_struct_keywords.entry_id        5VM6 
_struct_keywords.text            'nanobody, triclocarban, UNKNOWN FUNCTION' 
_struct_keywords.pdbx_keywords   'UNKNOWN FUNCTION' 
# 
loop_
_struct_asym.id 
_struct_asym.pdbx_blank_PDB_chainid_flag 
_struct_asym.pdbx_modified 
_struct_asym.entity_id 
_struct_asym.details 
A N N 1 ? 
B N N 2 ? 
C N N 2 ? 
D N N 3 ? 
E N N 2 ? 
F N N 2 ? 
G N N 4 ? 
H N N 2 ? 
I N N 5 ? 
# 
_struct_ref.id                         1 
_struct_ref.db_name                    PDB 
_struct_ref.db_code                    5VM6 
_struct_ref.pdbx_db_accession          5VM6 
_struct_ref.pdbx_db_isoform            ? 
_struct_ref.entity_id                  1 
_struct_ref.pdbx_seq_one_letter_code   ? 
_struct_ref.pdbx_align_begin           1 
# 
_struct_ref_seq.align_id                      1 
_struct_ref_seq.ref_id                        1 
_struct_ref_seq.pdbx_PDB_id_code              5VM6 
_struct_ref_seq.pdbx_strand_id                A 
_struct_ref_seq.seq_align_beg                 1 
_struct_ref_seq.pdbx_seq_align_beg_ins_code   ? 
_struct_ref_seq.seq_align_end                 137 
_struct_ref_seq.pdbx_seq_align_end_ins_code   ? 
_struct_ref_seq.pdbx_db_accession             5VM6 
_struct_ref_seq.db_align_beg                  1 
_struct_ref_seq.pdbx_db_align_beg_ins_code    ? 
_struct_ref_seq.db_align_end                  137 
_struct_ref_seq.pdbx_db_align_end_ins_code    ? 
_struct_ref_seq.pdbx_auth_seq_align_beg       1 
_struct_ref_seq.pdbx_auth_seq_align_end       137 
# 
_pdbx_struct_assembly.id                   1 
_pdbx_struct_assembly.details              author_and_software_defined_assembly 
_pdbx_struct_assembly.method_details       PISA 
_pdbx_struct_assembly.oligomeric_details   monomeric 
_pdbx_struct_assembly.oligomeric_count     1 
# 
_pdbx_struct_assembly_gen.assembly_id       1 
_pdbx_struct_assembly_gen.oper_expression   1 
_pdbx_struct_assembly_gen.asym_id_list      A,B,C,D,E,F,G,H,I 
# 
_pdbx_struct_assembly_auth_evidence.id                     1 
_pdbx_struct_assembly_auth_evidence.assembly_id            1 
_pdbx_struct_assembly_auth_evidence.experimental_support   none 
_pdbx_struct_assembly_auth_evidence.details                ? 
# 
_pdbx_struct_oper_list.id                   1 
_pdbx_struct_oper_list.type                 'identity operation' 
_pdbx_struct_oper_list.name                 1_555 
_pdbx_struct_oper_list.symmetry_operation   x,y,z 
_pdbx_struct_oper_list.matrix[1][1]         1.0000000000 
_pdbx_struct_oper_list.matrix[1][2]         0.0000000000 
_pdbx_struct_oper_list.matrix[1][3]         0.0000000000 
_pdbx_struct_oper_list.vector[1]            0.0000000000 
_pdbx_struct_oper_list.matrix[2][1]         0.0000000000 
_pdbx_struct_oper_list.matrix[2][2]         1.0000000000 
_pdbx_struct_oper_list.matrix[2][3]         0.0000000000 
_pdbx_struct_oper_list.vector[2]            0.0000000000 
_pdbx_struct_oper_list.matrix[3][1]         0.0000000000 
_pdbx_struct_oper_list.matrix[3][2]         0.0000000000 
_pdbx_struct_oper_list.matrix[3][3]         1.0000000000 
_pdbx_struct_oper_list.vector[3]            0.0000000000 
# 
loop_
_struct_conf.conf_type_id 
_struct_conf.id 
_struct_conf.pdbx_PDB_helix_id 
_struct_conf.beg_label_comp_id 
_struct_conf.beg_label_asym_id 
_struct_conf.beg_label_seq_id 
_struct_conf.pdbx_beg_PDB_ins_code 
_struct_conf.end_label_comp_id 
_struct_conf.end_label_asym_id 
_struct_conf.end_label_seq_id 
_struct_conf.pdbx_end_PDB_ins_code 
_struct_conf.beg_auth_comp_id 
_struct_conf.beg_auth_asym_id 
_struct_conf.beg_auth_seq_id 
_struct_conf.end_auth_comp_id 
_struct_conf.end_auth_asym_id 
_struct_conf.end_auth_seq_id 
_struct_conf.pdbx_PDB_helix_class 
_struct_conf.details 
_struct_conf.pdbx_PDB_helix_length 
HELX_P HELX_P1 AA1 ASP A 64  ? LYS A 67  ? ASP A 64  LYS A 67  5 ? 4 
HELX_P HELX_P2 AA2 LYS A 89  ? THR A 93  ? LYS A 89  THR A 93  5 ? 5 
HELX_P HELX_P3 AA3 ASP A 108 ? TYR A 112 ? ASP A 108 TYR A 112 5 ? 5 
HELX_P HELX_P4 AA4 ARG A 114 ? TYR A 118 ? ARG A 114 TYR A 118 5 ? 5 
# 
_struct_conf_type.id          HELX_P 
_struct_conf_type.criteria    ? 
_struct_conf_type.reference   ? 
# 
loop_
_struct_conn.id 
_struct_conn.conn_type_id 
_struct_conn.pdbx_leaving_atom_flag 
_struct_conn.pdbx_PDB_id 
_struct_conn.ptnr1_label_asym_id 
_struct_conn.ptnr1_label_comp_id 
_struct_conn.ptnr1_label_seq_id 
_struct_conn.ptnr1_label_atom_id 
_struct_conn.pdbx_ptnr1_label_alt_id 
_struct_conn.pdbx_ptnr1_PDB_ins_code 
_struct_conn.pdbx_ptnr1_standard_comp_id 
_struct_conn.ptnr1_symmetry 
_struct_conn.ptnr2_label_asym_id 
_struct_conn.ptnr2_label_comp_id 
_struct_conn.ptnr2_label_seq_id 
_struct_conn.ptnr2_label_atom_id 
_struct_conn.pdbx_ptnr2_label_alt_id 
_struct_conn.pdbx_ptnr2_PDB_ins_code 
_struct_conn.ptnr1_auth_asym_id 
_struct_conn.ptnr1_auth_comp_id 
_struct_conn.ptnr1_auth_seq_id 
_struct_conn.ptnr2_auth_asym_id 
_struct_conn.ptnr2_auth_comp_id 
_struct_conn.ptnr2_auth_seq_id 
_struct_conn.ptnr2_symmetry 
_struct_conn.pdbx_ptnr3_label_atom_id 
_struct_conn.pdbx_ptnr3_label_seq_id 
_struct_conn.pdbx_ptnr3_label_comp_id 
_struct_conn.pdbx_ptnr3_label_asym_id 
_struct_conn.pdbx_ptnr3_label_alt_id 
_struct_conn.pdbx_ptnr3_PDB_ins_code 
_struct_conn.details 
_struct_conn.pdbx_dist_value 
_struct_conn.pdbx_value_order 
_struct_conn.pdbx_role 
disulf1 disulf ? ? A CYS 24 SG  ? ? ? 1_555 A CYS 98 SG ? ? A CYS 24  A CYS 98  1_555 ? ? ? ? ? ? ? 1.998 ? ? 
metalc1 metalc ? ? A GLU 48 OE2 ? ? ? 1_555 G NA  .  NA ? ? A GLU 48  A NA  206 1_555 ? ? ? ? ? ? ? 2.562 ? ? 
metalc2 metalc ? ? C SO4 .  O4  ? ? ? 1_555 G NA  .  NA ? ? A SO4 202 A NA  206 1_555 ? ? ? ? ? ? ? 2.672 ? ? 
metalc3 metalc ? ? G NA  .  NA  ? ? ? 1_555 I HOH .  O  ? ? A NA  206 A HOH 364 1_655 ? ? ? ? ? ? ? 2.453 ? ? 
# 
loop_
_struct_conn_type.id 
_struct_conn_type.criteria 
_struct_conn_type.reference 
disulf ? ? 
metalc ? ? 
# 
loop_
_pdbx_struct_conn_angle.id 
_pdbx_struct_conn_angle.ptnr1_label_atom_id 
_pdbx_struct_conn_angle.ptnr1_label_alt_id 
_pdbx_struct_conn_angle.ptnr1_label_asym_id 
_pdbx_struct_conn_angle.ptnr1_label_comp_id 
_pdbx_struct_conn_angle.ptnr1_label_seq_id 
_pdbx_struct_conn_angle.ptnr1_auth_atom_id 
_pdbx_struct_conn_angle.ptnr1_auth_asym_id 
_pdbx_struct_conn_angle.ptnr1_auth_comp_id 
_pdbx_struct_conn_angle.ptnr1_auth_seq_id 
_pdbx_struct_conn_angle.ptnr1_PDB_ins_code 
_pdbx_struct_conn_angle.ptnr1_symmetry 
_pdbx_struct_conn_angle.ptnr2_label_atom_id 
_pdbx_struct_conn_angle.ptnr2_label_alt_id 
_pdbx_struct_conn_angle.ptnr2_label_asym_id 
_pdbx_struct_conn_angle.ptnr2_label_comp_id 
_pdbx_struct_conn_angle.ptnr2_label_seq_id 
_pdbx_struct_conn_angle.ptnr2_auth_atom_id 
_pdbx_struct_conn_angle.ptnr2_auth_asym_id 
_pdbx_struct_conn_angle.ptnr2_auth_comp_id 
_pdbx_struct_conn_angle.ptnr2_auth_seq_id 
_pdbx_struct_conn_angle.ptnr2_PDB_ins_code 
_pdbx_struct_conn_angle.ptnr2_symmetry 
_pdbx_struct_conn_angle.ptnr3_label_atom_id 
_pdbx_struct_conn_angle.ptnr3_label_alt_id 
_pdbx_struct_conn_angle.ptnr3_label_asym_id 
_pdbx_struct_conn_angle.ptnr3_label_comp_id 
_pdbx_struct_conn_angle.ptnr3_label_seq_id 
_pdbx_struct_conn_angle.ptnr3_auth_atom_id 
_pdbx_struct_conn_angle.ptnr3_auth_asym_id 
_pdbx_struct_conn_angle.ptnr3_auth_comp_id 
_pdbx_struct_conn_angle.ptnr3_auth_seq_id 
_pdbx_struct_conn_angle.ptnr3_PDB_ins_code 
_pdbx_struct_conn_angle.ptnr3_symmetry 
_pdbx_struct_conn_angle.value 
_pdbx_struct_conn_angle.value_esd 
1 OE2 ? A GLU 48 ? A GLU 48  ? 1_555 NA ? G NA . ? A NA 206 ? 1_555 O4 ? C SO4 . ? A SO4 202 ? 1_555 98.4  ? 
2 OE2 ? A GLU 48 ? A GLU 48  ? 1_555 NA ? G NA . ? A NA 206 ? 1_555 O  ? I HOH . ? A HOH 364 ? 1_655 142.0 ? 
3 O4  ? C SO4 .  ? A SO4 202 ? 1_555 NA ? G NA . ? A NA 206 ? 1_555 O  ? I HOH . ? A HOH 364 ? 1_655 113.5 ? 
# 
_pdbx_modification_feature.ordinal                            1 
_pdbx_modification_feature.label_comp_id                      CYS 
_pdbx_modification_feature.label_asym_id                      A 
_pdbx_modification_feature.label_seq_id                       24 
_pdbx_modification_feature.label_alt_id                       ? 
_pdbx_modification_feature.modified_residue_label_comp_id     CYS 
_pdbx_modification_feature.modified_residue_label_asym_id     A 
_pdbx_modification_feature.modified_residue_label_seq_id      98 
_pdbx_modification_feature.modified_residue_label_alt_id      ? 
_pdbx_modification_feature.auth_comp_id                       CYS 
_pdbx_modification_feature.auth_asym_id                       A 
_pdbx_modification_feature.auth_seq_id                        24 
_pdbx_modification_feature.PDB_ins_code                       ? 
_pdbx_modification_feature.symmetry                           1_555 
_pdbx_modification_feature.modified_residue_auth_comp_id      CYS 
_pdbx_modification_feature.modified_residue_auth_asym_id      A 
_pdbx_modification_feature.modified_residue_auth_seq_id       98 
_pdbx_modification_feature.modified_residue_PDB_ins_code      ? 
_pdbx_modification_feature.modified_residue_symmetry          1_555 
_pdbx_modification_feature.comp_id_linking_atom               SG 
_pdbx_modification_feature.modified_residue_id_linking_atom   SG 
_pdbx_modification_feature.modified_residue_id                . 
_pdbx_modification_feature.ref_pcm_id                         . 
_pdbx_modification_feature.ref_comp_id                        . 
_pdbx_modification_feature.type                               None 
_pdbx_modification_feature.category                           'Disulfide bridge' 
# 
loop_
_struct_sheet.id 
_struct_sheet.type 
_struct_sheet.number_strands 
_struct_sheet.details 
AA1 ? 4 ? 
AA2 ? 6 ? 
AA3 ? 4 ? 
# 
loop_
_struct_sheet_order.sheet_id 
_struct_sheet_order.range_id_1 
_struct_sheet_order.range_id_2 
_struct_sheet_order.offset 
_struct_sheet_order.sense 
AA1 1 2 ? anti-parallel 
AA1 2 3 ? anti-parallel 
AA1 3 4 ? anti-parallel 
AA2 1 2 ? parallel      
AA2 2 3 ? anti-parallel 
AA2 3 4 ? anti-parallel 
AA2 4 5 ? anti-parallel 
AA2 5 6 ? anti-parallel 
AA3 1 2 ? parallel      
AA3 2 3 ? anti-parallel 
AA3 3 4 ? anti-parallel 
# 
loop_
_struct_sheet_range.sheet_id 
_struct_sheet_range.id 
_struct_sheet_range.beg_label_comp_id 
_struct_sheet_range.beg_label_asym_id 
_struct_sheet_range.beg_label_seq_id 
_struct_sheet_range.pdbx_beg_PDB_ins_code 
_struct_sheet_range.end_label_comp_id 
_struct_sheet_range.end_label_asym_id 
_struct_sheet_range.end_label_seq_id 
_struct_sheet_range.pdbx_end_PDB_ins_code 
_struct_sheet_range.beg_auth_comp_id 
_struct_sheet_range.beg_auth_asym_id 
_struct_sheet_range.beg_auth_seq_id 
_struct_sheet_range.end_auth_comp_id 
_struct_sheet_range.end_auth_asym_id 
_struct_sheet_range.end_auth_seq_id 
AA1 1 LEU A 6   ? GLN A 8   ? LEU A 6   GLN A 8   
AA1 2 LEU A 20  ? GLY A 26  ? LEU A 20  GLY A 26  
AA1 3 GLY A 80  ? MET A 85  ? GLY A 80  MET A 85  
AA1 4 PHE A 70  ? LYS A 74  ? PHE A 70  LYS A 74  
AA2 1 GLY A 12  ? GLN A 15  ? GLY A 12  GLN A 15  
AA2 2 THR A 125 ? SER A 130 ? THR A 125 SER A 130 
AA2 3 ALA A 94  ? LEU A 102 ? ALA A 94  LEU A 102 
AA2 4 THR A 34  ? GLN A 41  ? THR A 34  GLN A 41  
AA2 5 ARG A 47  ? ALA A 54  ? ARG A 47  ALA A 54  
AA2 6 THR A 60  ? TYR A 62  ? THR A 60  TYR A 62  
AA3 1 GLY A 12  ? GLN A 15  ? GLY A 12  GLN A 15  
AA3 2 THR A 125 ? SER A 130 ? THR A 125 SER A 130 
AA3 3 ALA A 94  ? LEU A 102 ? ALA A 94  LEU A 102 
AA3 4 TYR A 120 ? TRP A 121 ? TYR A 120 TRP A 121 
# 
loop_
_pdbx_struct_sheet_hbond.sheet_id 
_pdbx_struct_sheet_hbond.range_id_1 
_pdbx_struct_sheet_hbond.range_id_2 
_pdbx_struct_sheet_hbond.range_1_label_atom_id 
_pdbx_struct_sheet_hbond.range_1_label_comp_id 
_pdbx_struct_sheet_hbond.range_1_label_asym_id 
_pdbx_struct_sheet_hbond.range_1_label_seq_id 
_pdbx_struct_sheet_hbond.range_1_PDB_ins_code 
_pdbx_struct_sheet_hbond.range_1_auth_atom_id 
_pdbx_struct_sheet_hbond.range_1_auth_comp_id 
_pdbx_struct_sheet_hbond.range_1_auth_asym_id 
_pdbx_struct_sheet_hbond.range_1_auth_seq_id 
_pdbx_struct_sheet_hbond.range_2_label_atom_id 
_pdbx_struct_sheet_hbond.range_2_label_comp_id 
_pdbx_struct_sheet_hbond.range_2_label_asym_id 
_pdbx_struct_sheet_hbond.range_2_label_seq_id 
_pdbx_struct_sheet_hbond.range_2_PDB_ins_code 
_pdbx_struct_sheet_hbond.range_2_auth_atom_id 
_pdbx_struct_sheet_hbond.range_2_auth_comp_id 
_pdbx_struct_sheet_hbond.range_2_auth_asym_id 
_pdbx_struct_sheet_hbond.range_2_auth_seq_id 
AA1 1 2 N GLN A 7   ? N GLN A 7   O VAL A 25  ? O VAL A 25  
AA1 2 3 N LEU A 20  ? N LEU A 20  O MET A 85  ? O MET A 85  
AA1 3 4 O GLN A 84  ? O GLN A 84  N THR A 71  ? N THR A 71  
AA2 1 2 N GLY A 12  ? N GLY A 12  O GLN A 126 ? O GLN A 126 
AA2 2 3 O THR A 125 ? O THR A 125 N TYR A 96  ? N TYR A 96  
AA2 3 4 O VAL A 95  ? O VAL A 95  N GLN A 41  ? N GLN A 41  
AA2 4 5 N TRP A 38  ? N TRP A 38  O VAL A 50  ? O VAL A 50  
AA2 5 6 N GLY A 52  ? N GLY A 52  O TRP A 61  ? O TRP A 61  
AA3 1 2 N GLY A 12  ? N GLY A 12  O GLN A 126 ? O GLN A 126 
AA3 2 3 O THR A 125 ? O THR A 125 N TYR A 96  ? N TYR A 96  
AA3 3 4 N SER A 100 ? N SER A 100 O TYR A 120 ? O TYR A 120 
# 
loop_
_struct_site.id 
_struct_site.pdbx_evidence_code 
_struct_site.pdbx_auth_asym_id 
_struct_site.pdbx_auth_comp_id 
_struct_site.pdbx_auth_seq_id 
_struct_site.pdbx_auth_ins_code 
_struct_site.pdbx_num_residues 
_struct_site.details 
AC1 Software A SO4 201 ? 7  'binding site for residue SO4 A 201' 
AC2 Software A SO4 202 ? 7  'binding site for residue SO4 A 202' 
AC3 Software A 9EG 203 ? 12 'binding site for residue 9EG A 203' 
AC4 Software A SO4 204 ? 4  'binding site for residue SO4 A 204' 
AC5 Software A SO4 205 ? 2  'binding site for residue SO4 A 205' 
AC6 Software A NA  206 ? 3  'binding site for residue NA A 206'  
AC7 Software A SO4 207 ? 5  'binding site for residue SO4 A 207' 
# 
loop_
_struct_site_gen.id 
_struct_site_gen.site_id 
_struct_site_gen.pdbx_num_res 
_struct_site_gen.label_comp_id 
_struct_site_gen.label_asym_id 
_struct_site_gen.label_seq_id 
_struct_site_gen.pdbx_auth_ins_code 
_struct_site_gen.auth_comp_id 
_struct_site_gen.auth_asym_id 
_struct_site_gen.auth_seq_id 
_struct_site_gen.label_atom_id 
_struct_site_gen.label_alt_id 
_struct_site_gen.symmetry 
_struct_site_gen.details 
1  AC1 7  ARG A 29  ? ARG A 29  . ? 1_655 ? 
2  AC1 7  GLN A 41  ? GLN A 41  . ? 1_555 ? 
3  AC1 7  GLU A 46  ? GLU A 46  . ? 1_555 ? 
4  AC1 7  ARG A 47  ? ARG A 47  . ? 1_555 ? 
5  AC1 7  HOH I .   ? HOH A 335 . ? 1_555 ? 
6  AC1 7  HOH I .   ? HOH A 339 . ? 1_555 ? 
7  AC1 7  HOH I .   ? HOH A 346 . ? 1_555 ? 
8  AC2 7  LYS A 45  ? LYS A 45  . ? 1_555 ? 
9  AC2 7  TRP A 55  ? TRP A 55  . ? 1_655 ? 
10 AC2 7  LYS A 74  ? LYS A 74  . ? 1_655 ? 
11 AC2 7  NA  G .   ? NA  A 206 . ? 1_555 ? 
12 AC2 7  HOH I .   ? HOH A 305 . ? 1_555 ? 
13 AC2 7  HOH I .   ? HOH A 358 . ? 1_555 ? 
14 AC2 7  HOH I .   ? HOH A 359 . ? 1_555 ? 
15 AC3 12 VAL A 4   ? VAL A 4   . ? 1_555 ? 
16 AC3 12 LEU A 6   ? LEU A 6   . ? 1_555 ? 
17 AC3 12 CYS A 24  ? CYS A 24  . ? 1_555 ? 
18 AC3 12 GLY A 26  ? GLY A 26  . ? 1_555 ? 
19 AC3 12 ARG A 28  ? ARG A 28  . ? 1_555 ? 
20 AC3 12 ARG A 29  ? ARG A 29  . ? 1_555 ? 
21 AC3 12 ALA A 30  ? ALA A 30  . ? 1_555 ? 
22 AC3 12 THR A 34  ? THR A 34  . ? 1_555 ? 
23 AC3 12 ASN A 79  ? ASN A 79  . ? 1_555 ? 
24 AC3 12 SER A 100 ? SER A 100 . ? 1_555 ? 
25 AC3 12 TYR A 120 ? TYR A 120 . ? 1_555 ? 
26 AC3 12 HOH I .   ? HOH A 302 . ? 1_555 ? 
27 AC4 4  ARG A 28  ? ARG A 28  . ? 1_555 ? 
28 AC4 4  ARG A 29  ? ARG A 29  . ? 1_555 ? 
29 AC4 4  HOH I .   ? HOH A 303 . ? 1_555 ? 
30 AC4 4  HOH I .   ? HOH A 307 . ? 1_555 ? 
31 AC5 2  ARG A 28  ? ARG A 28  . ? 1_555 ? 
32 AC5 2  HOH I .   ? HOH A 319 . ? 1_555 ? 
33 AC6 3  GLU A 48  ? GLU A 48  . ? 1_555 ? 
34 AC6 3  SO4 C .   ? SO4 A 202 . ? 1_555 ? 
35 AC6 3  HOH I .   ? HOH A 364 . ? 1_655 ? 
36 AC7 5  ARG A 21  ? ARG A 21  . ? 1_555 ? 
37 AC7 5  ARG A 103 ? ARG A 103 . ? 1_565 ? 
38 AC7 5  PRO A 105 ? PRO A 105 . ? 1_565 ? 
39 AC7 5  GLY A 106 ? GLY A 106 . ? 1_565 ? 
40 AC7 5  HOH I .   ? HOH A 347 . ? 1_555 ? 
# 
_pdbx_entry_details.entry_id                   5VM6 
_pdbx_entry_details.compound_details           ? 
_pdbx_entry_details.source_details             ? 
_pdbx_entry_details.nonpolymer_details         ? 
_pdbx_entry_details.sequence_details           ? 
_pdbx_entry_details.has_ligand_of_interest     ? 
_pdbx_entry_details.has_protein_modification   Y 
# 
loop_
_pdbx_validate_rmsd_angle.id 
_pdbx_validate_rmsd_angle.PDB_model_num 
_pdbx_validate_rmsd_angle.auth_atom_id_1 
_pdbx_validate_rmsd_angle.auth_asym_id_1 
_pdbx_validate_rmsd_angle.auth_comp_id_1 
_pdbx_validate_rmsd_angle.auth_seq_id_1 
_pdbx_validate_rmsd_angle.PDB_ins_code_1 
_pdbx_validate_rmsd_angle.label_alt_id_1 
_pdbx_validate_rmsd_angle.auth_atom_id_2 
_pdbx_validate_rmsd_angle.auth_asym_id_2 
_pdbx_validate_rmsd_angle.auth_comp_id_2 
_pdbx_validate_rmsd_angle.auth_seq_id_2 
_pdbx_validate_rmsd_angle.PDB_ins_code_2 
_pdbx_validate_rmsd_angle.label_alt_id_2 
_pdbx_validate_rmsd_angle.auth_atom_id_3 
_pdbx_validate_rmsd_angle.auth_asym_id_3 
_pdbx_validate_rmsd_angle.auth_comp_id_3 
_pdbx_validate_rmsd_angle.auth_seq_id_3 
_pdbx_validate_rmsd_angle.PDB_ins_code_3 
_pdbx_validate_rmsd_angle.label_alt_id_3 
_pdbx_validate_rmsd_angle.angle_value 
_pdbx_validate_rmsd_angle.angle_target_value 
_pdbx_validate_rmsd_angle.angle_deviation 
_pdbx_validate_rmsd_angle.angle_standard_deviation 
_pdbx_validate_rmsd_angle.linker_flag 
1 1 NE A ARG 21 ? ? CZ A ARG 21 ? ? NH1 A ARG 21 ? ? 125.00 120.30 4.70  0.50 N 
2 1 NE A ARG 21 ? ? CZ A ARG 21 ? ? NH2 A ARG 21 ? ? 116.96 120.30 -3.34 0.50 N 
# 
loop_
_pdbx_unobs_or_zero_occ_residues.id 
_pdbx_unobs_or_zero_occ_residues.PDB_model_num 
_pdbx_unobs_or_zero_occ_residues.polymer_flag 
_pdbx_unobs_or_zero_occ_residues.occupancy_flag 
_pdbx_unobs_or_zero_occ_residues.auth_asym_id 
_pdbx_unobs_or_zero_occ_residues.auth_comp_id 
_pdbx_unobs_or_zero_occ_residues.auth_seq_id 
_pdbx_unobs_or_zero_occ_residues.PDB_ins_code 
_pdbx_unobs_or_zero_occ_residues.label_asym_id 
_pdbx_unobs_or_zero_occ_residues.label_comp_id 
_pdbx_unobs_or_zero_occ_residues.label_seq_id 
1 1 Y 1 A MET 1   ? A MET 1   
2 1 Y 1 A ALA 2   ? A ALA 2   
3 1 Y 1 A GLN 3   ? A GLN 3   
4 1 Y 1 A HIS 133 ? A HIS 133 
5 1 Y 1 A HIS 134 ? A HIS 134 
6 1 Y 1 A HIS 135 ? A HIS 135 
7 1 Y 1 A HIS 136 ? A HIS 136 
8 1 Y 1 A HIS 137 ? A HIS 137 
# 
loop_
_chem_comp_atom.comp_id 
_chem_comp_atom.atom_id 
_chem_comp_atom.type_symbol 
_chem_comp_atom.pdbx_aromatic_flag 
_chem_comp_atom.pdbx_stereo_config 
_chem_comp_atom.pdbx_ordinal 
9EG C12  C  Y N 1   
9EG C11  C  Y N 2   
9EG CL2  CL N N 3   
9EG CL1  CL N N 4   
9EG C8   C  N N 5   
9EG N1   N  N N 6   
9EG C4   C  Y N 7   
9EG C5   C  Y N 8   
9EG C6   C  Y N 9   
9EG C1   C  Y N 10  
9EG C2   C  Y N 11  
9EG C3   C  Y N 12  
9EG N7   N  N N 13  
9EG O9   O  N N 14  
9EG C13  C  Y N 15  
9EG C14  C  Y N 16  
9EG C15  C  Y N 17  
9EG C16  C  Y N 18  
9EG CL3  CL N N 19  
9EG H1   H  N N 20  
9EG H2   H  N N 21  
9EG H3   H  N N 22  
9EG H4   H  N N 23  
9EG H5   H  N N 24  
9EG H6   H  N N 25  
9EG H7   H  N N 26  
9EG H8   H  N N 27  
9EG H9   H  N N 28  
ALA N    N  N N 29  
ALA CA   C  N S 30  
ALA C    C  N N 31  
ALA O    O  N N 32  
ALA CB   C  N N 33  
ALA OXT  O  N N 34  
ALA H    H  N N 35  
ALA H2   H  N N 36  
ALA HA   H  N N 37  
ALA HB1  H  N N 38  
ALA HB2  H  N N 39  
ALA HB3  H  N N 40  
ALA HXT  H  N N 41  
ARG N    N  N N 42  
ARG CA   C  N S 43  
ARG C    C  N N 44  
ARG O    O  N N 45  
ARG CB   C  N N 46  
ARG CG   C  N N 47  
ARG CD   C  N N 48  
ARG NE   N  N N 49  
ARG CZ   C  N N 50  
ARG NH1  N  N N 51  
ARG NH2  N  N N 52  
ARG OXT  O  N N 53  
ARG H    H  N N 54  
ARG H2   H  N N 55  
ARG HA   H  N N 56  
ARG HB2  H  N N 57  
ARG HB3  H  N N 58  
ARG HG2  H  N N 59  
ARG HG3  H  N N 60  
ARG HD2  H  N N 61  
ARG HD3  H  N N 62  
ARG HE   H  N N 63  
ARG HH11 H  N N 64  
ARG HH12 H  N N 65  
ARG HH21 H  N N 66  
ARG HH22 H  N N 67  
ARG HXT  H  N N 68  
ASN N    N  N N 69  
ASN CA   C  N S 70  
ASN C    C  N N 71  
ASN O    O  N N 72  
ASN CB   C  N N 73  
ASN CG   C  N N 74  
ASN OD1  O  N N 75  
ASN ND2  N  N N 76  
ASN OXT  O  N N 77  
ASN H    H  N N 78  
ASN H2   H  N N 79  
ASN HA   H  N N 80  
ASN HB2  H  N N 81  
ASN HB3  H  N N 82  
ASN HD21 H  N N 83  
ASN HD22 H  N N 84  
ASN HXT  H  N N 85  
ASP N    N  N N 86  
ASP CA   C  N S 87  
ASP C    C  N N 88  
ASP O    O  N N 89  
ASP CB   C  N N 90  
ASP CG   C  N N 91  
ASP OD1  O  N N 92  
ASP OD2  O  N N 93  
ASP OXT  O  N N 94  
ASP H    H  N N 95  
ASP H2   H  N N 96  
ASP HA   H  N N 97  
ASP HB2  H  N N 98  
ASP HB3  H  N N 99  
ASP HD2  H  N N 100 
ASP HXT  H  N N 101 
CYS N    N  N N 102 
CYS CA   C  N R 103 
CYS C    C  N N 104 
CYS O    O  N N 105 
CYS CB   C  N N 106 
CYS SG   S  N N 107 
CYS OXT  O  N N 108 
CYS H    H  N N 109 
CYS H2   H  N N 110 
CYS HA   H  N N 111 
CYS HB2  H  N N 112 
CYS HB3  H  N N 113 
CYS HG   H  N N 114 
CYS HXT  H  N N 115 
GLN N    N  N N 116 
GLN CA   C  N S 117 
GLN C    C  N N 118 
GLN O    O  N N 119 
GLN CB   C  N N 120 
GLN CG   C  N N 121 
GLN CD   C  N N 122 
GLN OE1  O  N N 123 
GLN NE2  N  N N 124 
GLN OXT  O  N N 125 
GLN H    H  N N 126 
GLN H2   H  N N 127 
GLN HA   H  N N 128 
GLN HB2  H  N N 129 
GLN HB3  H  N N 130 
GLN HG2  H  N N 131 
GLN HG3  H  N N 132 
GLN HE21 H  N N 133 
GLN HE22 H  N N 134 
GLN HXT  H  N N 135 
GLU N    N  N N 136 
GLU CA   C  N S 137 
GLU C    C  N N 138 
GLU O    O  N N 139 
GLU CB   C  N N 140 
GLU CG   C  N N 141 
GLU CD   C  N N 142 
GLU OE1  O  N N 143 
GLU OE2  O  N N 144 
GLU OXT  O  N N 145 
GLU H    H  N N 146 
GLU H2   H  N N 147 
GLU HA   H  N N 148 
GLU HB2  H  N N 149 
GLU HB3  H  N N 150 
GLU HG2  H  N N 151 
GLU HG3  H  N N 152 
GLU HE2  H  N N 153 
GLU HXT  H  N N 154 
GLY N    N  N N 155 
GLY CA   C  N N 156 
GLY C    C  N N 157 
GLY O    O  N N 158 
GLY OXT  O  N N 159 
GLY H    H  N N 160 
GLY H2   H  N N 161 
GLY HA2  H  N N 162 
GLY HA3  H  N N 163 
GLY HXT  H  N N 164 
HIS N    N  N N 165 
HIS CA   C  N S 166 
HIS C    C  N N 167 
HIS O    O  N N 168 
HIS CB   C  N N 169 
HIS CG   C  Y N 170 
HIS ND1  N  Y N 171 
HIS CD2  C  Y N 172 
HIS CE1  C  Y N 173 
HIS NE2  N  Y N 174 
HIS OXT  O  N N 175 
HIS H    H  N N 176 
HIS H2   H  N N 177 
HIS HA   H  N N 178 
HIS HB2  H  N N 179 
HIS HB3  H  N N 180 
HIS HD1  H  N N 181 
HIS HD2  H  N N 182 
HIS HE1  H  N N 183 
HIS HE2  H  N N 184 
HIS HXT  H  N N 185 
HOH O    O  N N 186 
HOH H1   H  N N 187 
HOH H2   H  N N 188 
ILE N    N  N N 189 
ILE CA   C  N S 190 
ILE C    C  N N 191 
ILE O    O  N N 192 
ILE CB   C  N S 193 
ILE CG1  C  N N 194 
ILE CG2  C  N N 195 
ILE CD1  C  N N 196 
ILE OXT  O  N N 197 
ILE H    H  N N 198 
ILE H2   H  N N 199 
ILE HA   H  N N 200 
ILE HB   H  N N 201 
ILE HG12 H  N N 202 
ILE HG13 H  N N 203 
ILE HG21 H  N N 204 
ILE HG22 H  N N 205 
ILE HG23 H  N N 206 
ILE HD11 H  N N 207 
ILE HD12 H  N N 208 
ILE HD13 H  N N 209 
ILE HXT  H  N N 210 
LEU N    N  N N 211 
LEU CA   C  N S 212 
LEU C    C  N N 213 
LEU O    O  N N 214 
LEU CB   C  N N 215 
LEU CG   C  N N 216 
LEU CD1  C  N N 217 
LEU CD2  C  N N 218 
LEU OXT  O  N N 219 
LEU H    H  N N 220 
LEU H2   H  N N 221 
LEU HA   H  N N 222 
LEU HB2  H  N N 223 
LEU HB3  H  N N 224 
LEU HG   H  N N 225 
LEU HD11 H  N N 226 
LEU HD12 H  N N 227 
LEU HD13 H  N N 228 
LEU HD21 H  N N 229 
LEU HD22 H  N N 230 
LEU HD23 H  N N 231 
LEU HXT  H  N N 232 
LYS N    N  N N 233 
LYS CA   C  N S 234 
LYS C    C  N N 235 
LYS O    O  N N 236 
LYS CB   C  N N 237 
LYS CG   C  N N 238 
LYS CD   C  N N 239 
LYS CE   C  N N 240 
LYS NZ   N  N N 241 
LYS OXT  O  N N 242 
LYS H    H  N N 243 
LYS H2   H  N N 244 
LYS HA   H  N N 245 
LYS HB2  H  N N 246 
LYS HB3  H  N N 247 
LYS HG2  H  N N 248 
LYS HG3  H  N N 249 
LYS HD2  H  N N 250 
LYS HD3  H  N N 251 
LYS HE2  H  N N 252 
LYS HE3  H  N N 253 
LYS HZ1  H  N N 254 
LYS HZ2  H  N N 255 
LYS HZ3  H  N N 256 
LYS HXT  H  N N 257 
MET N    N  N N 258 
MET CA   C  N S 259 
MET C    C  N N 260 
MET O    O  N N 261 
MET CB   C  N N 262 
MET CG   C  N N 263 
MET SD   S  N N 264 
MET CE   C  N N 265 
MET OXT  O  N N 266 
MET H    H  N N 267 
MET H2   H  N N 268 
MET HA   H  N N 269 
MET HB2  H  N N 270 
MET HB3  H  N N 271 
MET HG2  H  N N 272 
MET HG3  H  N N 273 
MET HE1  H  N N 274 
MET HE2  H  N N 275 
MET HE3  H  N N 276 
MET HXT  H  N N 277 
NA  NA   NA N N 278 
PHE N    N  N N 279 
PHE CA   C  N S 280 
PHE C    C  N N 281 
PHE O    O  N N 282 
PHE CB   C  N N 283 
PHE CG   C  Y N 284 
PHE CD1  C  Y N 285 
PHE CD2  C  Y N 286 
PHE CE1  C  Y N 287 
PHE CE2  C  Y N 288 
PHE CZ   C  Y N 289 
PHE OXT  O  N N 290 
PHE H    H  N N 291 
PHE H2   H  N N 292 
PHE HA   H  N N 293 
PHE HB2  H  N N 294 
PHE HB3  H  N N 295 
PHE HD1  H  N N 296 
PHE HD2  H  N N 297 
PHE HE1  H  N N 298 
PHE HE2  H  N N 299 
PHE HZ   H  N N 300 
PHE HXT  H  N N 301 
PRO N    N  N N 302 
PRO CA   C  N S 303 
PRO C    C  N N 304 
PRO O    O  N N 305 
PRO CB   C  N N 306 
PRO CG   C  N N 307 
PRO CD   C  N N 308 
PRO OXT  O  N N 309 
PRO H    H  N N 310 
PRO HA   H  N N 311 
PRO HB2  H  N N 312 
PRO HB3  H  N N 313 
PRO HG2  H  N N 314 
PRO HG3  H  N N 315 
PRO HD2  H  N N 316 
PRO HD3  H  N N 317 
PRO HXT  H  N N 318 
SER N    N  N N 319 
SER CA   C  N S 320 
SER C    C  N N 321 
SER O    O  N N 322 
SER CB   C  N N 323 
SER OG   O  N N 324 
SER OXT  O  N N 325 
SER H    H  N N 326 
SER H2   H  N N 327 
SER HA   H  N N 328 
SER HB2  H  N N 329 
SER HB3  H  N N 330 
SER HG   H  N N 331 
SER HXT  H  N N 332 
SO4 S    S  N N 333 
SO4 O1   O  N N 334 
SO4 O2   O  N N 335 
SO4 O3   O  N N 336 
SO4 O4   O  N N 337 
THR N    N  N N 338 
THR CA   C  N S 339 
THR C    C  N N 340 
THR O    O  N N 341 
THR CB   C  N R 342 
THR OG1  O  N N 343 
THR CG2  C  N N 344 
THR OXT  O  N N 345 
THR H    H  N N 346 
THR H2   H  N N 347 
THR HA   H  N N 348 
THR HB   H  N N 349 
THR HG1  H  N N 350 
THR HG21 H  N N 351 
THR HG22 H  N N 352 
THR HG23 H  N N 353 
THR HXT  H  N N 354 
TRP N    N  N N 355 
TRP CA   C  N S 356 
TRP C    C  N N 357 
TRP O    O  N N 358 
TRP CB   C  N N 359 
TRP CG   C  Y N 360 
TRP CD1  C  Y N 361 
TRP CD2  C  Y N 362 
TRP NE1  N  Y N 363 
TRP CE2  C  Y N 364 
TRP CE3  C  Y N 365 
TRP CZ2  C  Y N 366 
TRP CZ3  C  Y N 367 
TRP CH2  C  Y N 368 
TRP OXT  O  N N 369 
TRP H    H  N N 370 
TRP H2   H  N N 371 
TRP HA   H  N N 372 
TRP HB2  H  N N 373 
TRP HB3  H  N N 374 
TRP HD1  H  N N 375 
TRP HE1  H  N N 376 
TRP HE3  H  N N 377 
TRP HZ2  H  N N 378 
TRP HZ3  H  N N 379 
TRP HH2  H  N N 380 
TRP HXT  H  N N 381 
TYR N    N  N N 382 
TYR CA   C  N S 383 
TYR C    C  N N 384 
TYR O    O  N N 385 
TYR CB   C  N N 386 
TYR CG   C  Y N 387 
TYR CD1  C  Y N 388 
TYR CD2  C  Y N 389 
TYR CE1  C  Y N 390 
TYR CE2  C  Y N 391 
TYR CZ   C  Y N 392 
TYR OH   O  N N 393 
TYR OXT  O  N N 394 
TYR H    H  N N 395 
TYR H2   H  N N 396 
TYR HA   H  N N 397 
TYR HB2  H  N N 398 
TYR HB3  H  N N 399 
TYR HD1  H  N N 400 
TYR HD2  H  N N 401 
TYR HE1  H  N N 402 
TYR HE2  H  N N 403 
TYR HH   H  N N 404 
TYR HXT  H  N N 405 
VAL N    N  N N 406 
VAL CA   C  N S 407 
VAL C    C  N N 408 
VAL O    O  N N 409 
VAL CB   C  N N 410 
VAL CG1  C  N N 411 
VAL CG2  C  N N 412 
VAL OXT  O  N N 413 
VAL H    H  N N 414 
VAL H2   H  N N 415 
VAL HA   H  N N 416 
VAL HB   H  N N 417 
VAL HG11 H  N N 418 
VAL HG12 H  N N 419 
VAL HG13 H  N N 420 
VAL HG21 H  N N 421 
VAL HG22 H  N N 422 
VAL HG23 H  N N 423 
VAL HXT  H  N N 424 
# 
loop_
_chem_comp_bond.comp_id 
_chem_comp_bond.atom_id_1 
_chem_comp_bond.atom_id_2 
_chem_comp_bond.value_order 
_chem_comp_bond.pdbx_aromatic_flag 
_chem_comp_bond.pdbx_stereo_config 
_chem_comp_bond.pdbx_ordinal 
9EG C6  C5   doub Y N 1   
9EG C6  C1   sing Y N 2   
9EG CL1 C1   sing N N 3   
9EG C5  C4   sing Y N 4   
9EG C1  C2   doub Y N 5   
9EG O9  C8   doub N N 6   
9EG C4  N7   sing N N 7   
9EG C4  C3   doub Y N 8   
9EG C15 C16  doub Y N 9   
9EG C15 C14  sing Y N 10  
9EG C8  N7   sing N N 11  
9EG C8  N1   sing N N 12  
9EG C16 C11  sing Y N 13  
9EG C2  C3   sing Y N 14  
9EG CL3 C14  sing N N 15  
9EG C14 C13  doub Y N 16  
9EG C11 N1   sing N N 17  
9EG C11 C12  doub Y N 18  
9EG C13 C12  sing Y N 19  
9EG C13 CL2  sing N N 20  
9EG C12 H1   sing N N 21  
9EG N1  H2   sing N N 22  
9EG C5  H3   sing N N 23  
9EG C6  H4   sing N N 24  
9EG C2  H5   sing N N 25  
9EG C3  H6   sing N N 26  
9EG N7  H7   sing N N 27  
9EG C15 H8   sing N N 28  
9EG C16 H9   sing N N 29  
ALA N   CA   sing N N 30  
ALA N   H    sing N N 31  
ALA N   H2   sing N N 32  
ALA CA  C    sing N N 33  
ALA CA  CB   sing N N 34  
ALA CA  HA   sing N N 35  
ALA C   O    doub N N 36  
ALA C   OXT  sing N N 37  
ALA CB  HB1  sing N N 38  
ALA CB  HB2  sing N N 39  
ALA CB  HB3  sing N N 40  
ALA OXT HXT  sing N N 41  
ARG N   CA   sing N N 42  
ARG N   H    sing N N 43  
ARG N   H2   sing N N 44  
ARG CA  C    sing N N 45  
ARG CA  CB   sing N N 46  
ARG CA  HA   sing N N 47  
ARG C   O    doub N N 48  
ARG C   OXT  sing N N 49  
ARG CB  CG   sing N N 50  
ARG CB  HB2  sing N N 51  
ARG CB  HB3  sing N N 52  
ARG CG  CD   sing N N 53  
ARG CG  HG2  sing N N 54  
ARG CG  HG3  sing N N 55  
ARG CD  NE   sing N N 56  
ARG CD  HD2  sing N N 57  
ARG CD  HD3  sing N N 58  
ARG NE  CZ   sing N N 59  
ARG NE  HE   sing N N 60  
ARG CZ  NH1  sing N N 61  
ARG CZ  NH2  doub N N 62  
ARG NH1 HH11 sing N N 63  
ARG NH1 HH12 sing N N 64  
ARG NH2 HH21 sing N N 65  
ARG NH2 HH22 sing N N 66  
ARG OXT HXT  sing N N 67  
ASN N   CA   sing N N 68  
ASN N   H    sing N N 69  
ASN N   H2   sing N N 70  
ASN CA  C    sing N N 71  
ASN CA  CB   sing N N 72  
ASN CA  HA   sing N N 73  
ASN C   O    doub N N 74  
ASN C   OXT  sing N N 75  
ASN CB  CG   sing N N 76  
ASN CB  HB2  sing N N 77  
ASN CB  HB3  sing N N 78  
ASN CG  OD1  doub N N 79  
ASN CG  ND2  sing N N 80  
ASN ND2 HD21 sing N N 81  
ASN ND2 HD22 sing N N 82  
ASN OXT HXT  sing N N 83  
ASP N   CA   sing N N 84  
ASP N   H    sing N N 85  
ASP N   H2   sing N N 86  
ASP CA  C    sing N N 87  
ASP CA  CB   sing N N 88  
ASP CA  HA   sing N N 89  
ASP C   O    doub N N 90  
ASP C   OXT  sing N N 91  
ASP CB  CG   sing N N 92  
ASP CB  HB2  sing N N 93  
ASP CB  HB3  sing N N 94  
ASP CG  OD1  doub N N 95  
ASP CG  OD2  sing N N 96  
ASP OD2 HD2  sing N N 97  
ASP OXT HXT  sing N N 98  
CYS N   CA   sing N N 99  
CYS N   H    sing N N 100 
CYS N   H2   sing N N 101 
CYS CA  C    sing N N 102 
CYS CA  CB   sing N N 103 
CYS CA  HA   sing N N 104 
CYS C   O    doub N N 105 
CYS C   OXT  sing N N 106 
CYS CB  SG   sing N N 107 
CYS CB  HB2  sing N N 108 
CYS CB  HB3  sing N N 109 
CYS SG  HG   sing N N 110 
CYS OXT HXT  sing N N 111 
GLN N   CA   sing N N 112 
GLN N   H    sing N N 113 
GLN N   H2   sing N N 114 
GLN CA  C    sing N N 115 
GLN CA  CB   sing N N 116 
GLN CA  HA   sing N N 117 
GLN C   O    doub N N 118 
GLN C   OXT  sing N N 119 
GLN CB  CG   sing N N 120 
GLN CB  HB2  sing N N 121 
GLN CB  HB3  sing N N 122 
GLN CG  CD   sing N N 123 
GLN CG  HG2  sing N N 124 
GLN CG  HG3  sing N N 125 
GLN CD  OE1  doub N N 126 
GLN CD  NE2  sing N N 127 
GLN NE2 HE21 sing N N 128 
GLN NE2 HE22 sing N N 129 
GLN OXT HXT  sing N N 130 
GLU N   CA   sing N N 131 
GLU N   H    sing N N 132 
GLU N   H2   sing N N 133 
GLU CA  C    sing N N 134 
GLU CA  CB   sing N N 135 
GLU CA  HA   sing N N 136 
GLU C   O    doub N N 137 
GLU C   OXT  sing N N 138 
GLU CB  CG   sing N N 139 
GLU CB  HB2  sing N N 140 
GLU CB  HB3  sing N N 141 
GLU CG  CD   sing N N 142 
GLU CG  HG2  sing N N 143 
GLU CG  HG3  sing N N 144 
GLU CD  OE1  doub N N 145 
GLU CD  OE2  sing N N 146 
GLU OE2 HE2  sing N N 147 
GLU OXT HXT  sing N N 148 
GLY N   CA   sing N N 149 
GLY N   H    sing N N 150 
GLY N   H2   sing N N 151 
GLY CA  C    sing N N 152 
GLY CA  HA2  sing N N 153 
GLY CA  HA3  sing N N 154 
GLY C   O    doub N N 155 
GLY C   OXT  sing N N 156 
GLY OXT HXT  sing N N 157 
HIS N   CA   sing N N 158 
HIS N   H    sing N N 159 
HIS N   H2   sing N N 160 
HIS CA  C    sing N N 161 
HIS CA  CB   sing N N 162 
HIS CA  HA   sing N N 163 
HIS C   O    doub N N 164 
HIS C   OXT  sing N N 165 
HIS CB  CG   sing N N 166 
HIS CB  HB2  sing N N 167 
HIS CB  HB3  sing N N 168 
HIS CG  ND1  sing Y N 169 
HIS CG  CD2  doub Y N 170 
HIS ND1 CE1  doub Y N 171 
HIS ND1 HD1  sing N N 172 
HIS CD2 NE2  sing Y N 173 
HIS CD2 HD2  sing N N 174 
HIS CE1 NE2  sing Y N 175 
HIS CE1 HE1  sing N N 176 
HIS NE2 HE2  sing N N 177 
HIS OXT HXT  sing N N 178 
HOH O   H1   sing N N 179 
HOH O   H2   sing N N 180 
ILE N   CA   sing N N 181 
ILE N   H    sing N N 182 
ILE N   H2   sing N N 183 
ILE CA  C    sing N N 184 
ILE CA  CB   sing N N 185 
ILE CA  HA   sing N N 186 
ILE C   O    doub N N 187 
ILE C   OXT  sing N N 188 
ILE CB  CG1  sing N N 189 
ILE CB  CG2  sing N N 190 
ILE CB  HB   sing N N 191 
ILE CG1 CD1  sing N N 192 
ILE CG1 HG12 sing N N 193 
ILE CG1 HG13 sing N N 194 
ILE CG2 HG21 sing N N 195 
ILE CG2 HG22 sing N N 196 
ILE CG2 HG23 sing N N 197 
ILE CD1 HD11 sing N N 198 
ILE CD1 HD12 sing N N 199 
ILE CD1 HD13 sing N N 200 
ILE OXT HXT  sing N N 201 
LEU N   CA   sing N N 202 
LEU N   H    sing N N 203 
LEU N   H2   sing N N 204 
LEU CA  C    sing N N 205 
LEU CA  CB   sing N N 206 
LEU CA  HA   sing N N 207 
LEU C   O    doub N N 208 
LEU C   OXT  sing N N 209 
LEU CB  CG   sing N N 210 
LEU CB  HB2  sing N N 211 
LEU CB  HB3  sing N N 212 
LEU CG  CD1  sing N N 213 
LEU CG  CD2  sing N N 214 
LEU CG  HG   sing N N 215 
LEU CD1 HD11 sing N N 216 
LEU CD1 HD12 sing N N 217 
LEU CD1 HD13 sing N N 218 
LEU CD2 HD21 sing N N 219 
LEU CD2 HD22 sing N N 220 
LEU CD2 HD23 sing N N 221 
LEU OXT HXT  sing N N 222 
LYS N   CA   sing N N 223 
LYS N   H    sing N N 224 
LYS N   H2   sing N N 225 
LYS CA  C    sing N N 226 
LYS CA  CB   sing N N 227 
LYS CA  HA   sing N N 228 
LYS C   O    doub N N 229 
LYS C   OXT  sing N N 230 
LYS CB  CG   sing N N 231 
LYS CB  HB2  sing N N 232 
LYS CB  HB3  sing N N 233 
LYS CG  CD   sing N N 234 
LYS CG  HG2  sing N N 235 
LYS CG  HG3  sing N N 236 
LYS CD  CE   sing N N 237 
LYS CD  HD2  sing N N 238 
LYS CD  HD3  sing N N 239 
LYS CE  NZ   sing N N 240 
LYS CE  HE2  sing N N 241 
LYS CE  HE3  sing N N 242 
LYS NZ  HZ1  sing N N 243 
LYS NZ  HZ2  sing N N 244 
LYS NZ  HZ3  sing N N 245 
LYS OXT HXT  sing N N 246 
MET N   CA   sing N N 247 
MET N   H    sing N N 248 
MET N   H2   sing N N 249 
MET CA  C    sing N N 250 
MET CA  CB   sing N N 251 
MET CA  HA   sing N N 252 
MET C   O    doub N N 253 
MET C   OXT  sing N N 254 
MET CB  CG   sing N N 255 
MET CB  HB2  sing N N 256 
MET CB  HB3  sing N N 257 
MET CG  SD   sing N N 258 
MET CG  HG2  sing N N 259 
MET CG  HG3  sing N N 260 
MET SD  CE   sing N N 261 
MET CE  HE1  sing N N 262 
MET CE  HE2  sing N N 263 
MET CE  HE3  sing N N 264 
MET OXT HXT  sing N N 265 
PHE N   CA   sing N N 266 
PHE N   H    sing N N 267 
PHE N   H2   sing N N 268 
PHE CA  C    sing N N 269 
PHE CA  CB   sing N N 270 
PHE CA  HA   sing N N 271 
PHE C   O    doub N N 272 
PHE C   OXT  sing N N 273 
PHE CB  CG   sing N N 274 
PHE CB  HB2  sing N N 275 
PHE CB  HB3  sing N N 276 
PHE CG  CD1  doub Y N 277 
PHE CG  CD2  sing Y N 278 
PHE CD1 CE1  sing Y N 279 
PHE CD1 HD1  sing N N 280 
PHE CD2 CE2  doub Y N 281 
PHE CD2 HD2  sing N N 282 
PHE CE1 CZ   doub Y N 283 
PHE CE1 HE1  sing N N 284 
PHE CE2 CZ   sing Y N 285 
PHE CE2 HE2  sing N N 286 
PHE CZ  HZ   sing N N 287 
PHE OXT HXT  sing N N 288 
PRO N   CA   sing N N 289 
PRO N   CD   sing N N 290 
PRO N   H    sing N N 291 
PRO CA  C    sing N N 292 
PRO CA  CB   sing N N 293 
PRO CA  HA   sing N N 294 
PRO C   O    doub N N 295 
PRO C   OXT  sing N N 296 
PRO CB  CG   sing N N 297 
PRO CB  HB2  sing N N 298 
PRO CB  HB3  sing N N 299 
PRO CG  CD   sing N N 300 
PRO CG  HG2  sing N N 301 
PRO CG  HG3  sing N N 302 
PRO CD  HD2  sing N N 303 
PRO CD  HD3  sing N N 304 
PRO OXT HXT  sing N N 305 
SER N   CA   sing N N 306 
SER N   H    sing N N 307 
SER N   H2   sing N N 308 
SER CA  C    sing N N 309 
SER CA  CB   sing N N 310 
SER CA  HA   sing N N 311 
SER C   O    doub N N 312 
SER C   OXT  sing N N 313 
SER CB  OG   sing N N 314 
SER CB  HB2  sing N N 315 
SER CB  HB3  sing N N 316 
SER OG  HG   sing N N 317 
SER OXT HXT  sing N N 318 
SO4 S   O1   doub N N 319 
SO4 S   O2   doub N N 320 
SO4 S   O3   sing N N 321 
SO4 S   O4   sing N N 322 
THR N   CA   sing N N 323 
THR N   H    sing N N 324 
THR N   H2   sing N N 325 
THR CA  C    sing N N 326 
THR CA  CB   sing N N 327 
THR CA  HA   sing N N 328 
THR C   O    doub N N 329 
THR C   OXT  sing N N 330 
THR CB  OG1  sing N N 331 
THR CB  CG2  sing N N 332 
THR CB  HB   sing N N 333 
THR OG1 HG1  sing N N 334 
THR CG2 HG21 sing N N 335 
THR CG2 HG22 sing N N 336 
THR CG2 HG23 sing N N 337 
THR OXT HXT  sing N N 338 
TRP N   CA   sing N N 339 
TRP N   H    sing N N 340 
TRP N   H2   sing N N 341 
TRP CA  C    sing N N 342 
TRP CA  CB   sing N N 343 
TRP CA  HA   sing N N 344 
TRP C   O    doub N N 345 
TRP C   OXT  sing N N 346 
TRP CB  CG   sing N N 347 
TRP CB  HB2  sing N N 348 
TRP CB  HB3  sing N N 349 
TRP CG  CD1  doub Y N 350 
TRP CG  CD2  sing Y N 351 
TRP CD1 NE1  sing Y N 352 
TRP CD1 HD1  sing N N 353 
TRP CD2 CE2  doub Y N 354 
TRP CD2 CE3  sing Y N 355 
TRP NE1 CE2  sing Y N 356 
TRP NE1 HE1  sing N N 357 
TRP CE2 CZ2  sing Y N 358 
TRP CE3 CZ3  doub Y N 359 
TRP CE3 HE3  sing N N 360 
TRP CZ2 CH2  doub Y N 361 
TRP CZ2 HZ2  sing N N 362 
TRP CZ3 CH2  sing Y N 363 
TRP CZ3 HZ3  sing N N 364 
TRP CH2 HH2  sing N N 365 
TRP OXT HXT  sing N N 366 
TYR N   CA   sing N N 367 
TYR N   H    sing N N 368 
TYR N   H2   sing N N 369 
TYR CA  C    sing N N 370 
TYR CA  CB   sing N N 371 
TYR CA  HA   sing N N 372 
TYR C   O    doub N N 373 
TYR C   OXT  sing N N 374 
TYR CB  CG   sing N N 375 
TYR CB  HB2  sing N N 376 
TYR CB  HB3  sing N N 377 
TYR CG  CD1  doub Y N 378 
TYR CG  CD2  sing Y N 379 
TYR CD1 CE1  sing Y N 380 
TYR CD1 HD1  sing N N 381 
TYR CD2 CE2  doub Y N 382 
TYR CD2 HD2  sing N N 383 
TYR CE1 CZ   doub Y N 384 
TYR CE1 HE1  sing N N 385 
TYR CE2 CZ   sing Y N 386 
TYR CE2 HE2  sing N N 387 
TYR CZ  OH   sing N N 388 
TYR OH  HH   sing N N 389 
TYR OXT HXT  sing N N 390 
VAL N   CA   sing N N 391 
VAL N   H    sing N N 392 
VAL N   H2   sing N N 393 
VAL CA  C    sing N N 394 
VAL CA  CB   sing N N 395 
VAL CA  HA   sing N N 396 
VAL C   O    doub N N 397 
VAL C   OXT  sing N N 398 
VAL CB  CG1  sing N N 399 
VAL CB  CG2  sing N N 400 
VAL CB  HB   sing N N 401 
VAL CG1 HG11 sing N N 402 
VAL CG1 HG12 sing N N 403 
VAL CG1 HG13 sing N N 404 
VAL CG2 HG21 sing N N 405 
VAL CG2 HG22 sing N N 406 
VAL CG2 HG23 sing N N 407 
VAL OXT HXT  sing N N 408 
# 
_pdbx_initial_refinement_model.accession_code   5VM0 
_pdbx_initial_refinement_model.id               1 
_pdbx_initial_refinement_model.entity_id_list   ? 
_pdbx_initial_refinement_model.type             'experimental model' 
_pdbx_initial_refinement_model.source_name      PDB 
_pdbx_initial_refinement_model.details          'apo T9' 
# 
_atom_sites.entry_id                    5VM6 
_atom_sites.fract_transf_matrix[1][1]   0.02728454 
_atom_sites.fract_transf_matrix[1][2]   -0.01019000 
_atom_sites.fract_transf_matrix[1][3]   -0.00154297 
_atom_sites.fract_transf_matrix[2][1]   0.00970198 
_atom_sites.fract_transf_matrix[2][2]   0.02521775 
_atom_sites.fract_transf_matrix[2][3]   0.00501966 
_atom_sites.fract_transf_matrix[3][1]   0.00778284 
_atom_sites.fract_transf_matrix[3][2]   -0.00728464 
_atom_sites.fract_transf_matrix[3][3]   0.02155392 
_atom_sites.fract_transf_vector[1]      1.394715 
_atom_sites.fract_transf_vector[2]      -0.136064 
_atom_sites.fract_transf_vector[3]      0.207308 
# 
loop_
_atom_type.symbol 
C  
CL 
N  
NA 
O  
S  
# 
loop_
_atom_site.group_PDB 
_atom_site.id 
_atom_site.type_symbol 
_atom_site.label_atom_id 
_atom_site.label_alt_id 
_atom_site.label_comp_id 
_atom_site.label_asym_id 
_atom_site.label_entity_id 
_atom_site.label_seq_id 
_atom_site.pdbx_PDB_ins_code 
_atom_site.Cartn_x 
_atom_site.Cartn_y 
_atom_site.Cartn_z 
_atom_site.occupancy 
_atom_site.B_iso_or_equiv 
_atom_site.pdbx_formal_charge 
_atom_site.auth_seq_id 
_atom_site.auth_comp_id 
_atom_site.auth_asym_id 
_atom_site.auth_atom_id 
_atom_site.pdbx_PDB_model_num 
ATOM   1    N  N   . VAL A 1 4   ? -13.968 -0.916  -9.788  1.00 16.82 ? 4   VAL A N   1 
ATOM   2    C  CA  . VAL A 1 4   ? -13.382 0.101   -8.867  1.00 15.26 ? 4   VAL A CA  1 
ATOM   3    C  C   . VAL A 1 4   ? -12.131 0.734   -9.472  1.00 14.86 ? 4   VAL A C   1 
ATOM   4    O  O   . VAL A 1 4   ? -11.325 0.042   -10.096 1.00 15.81 ? 4   VAL A O   1 
ATOM   5    C  CB  . VAL A 1 4   ? -13.135 -0.482  -7.441  1.00 14.63 ? 4   VAL A CB  1 
ATOM   6    C  CG1 . VAL A 1 4   ? -12.052 -1.562  -7.418  1.00 14.60 ? 4   VAL A CG1 1 
ATOM   7    C  CG2 . VAL A 1 4   ? -12.826 0.613   -6.443  1.00 13.88 ? 4   VAL A CG2 1 
ATOM   8    N  N   . LYS A 1 5   ? -12.010 2.059   -9.310  1.00 13.84 ? 5   LYS A N   1 
ATOM   9    C  CA  . LYS A 1 5   ? -10.810 2.828   -9.669  1.00 13.93 ? 5   LYS A CA  1 
ATOM   10   C  C   . LYS A 1 5   ? -10.141 3.331   -8.385  1.00 11.19 ? 5   LYS A C   1 
ATOM   11   O  O   . LYS A 1 5   ? -10.827 3.777   -7.457  1.00 10.19 ? 5   LYS A O   1 
ATOM   12   C  CB  . LYS A 1 5   ? -11.187 4.030   -10.537 1.00 17.13 ? 5   LYS A CB  1 
ATOM   13   C  CG  . LYS A 1 5   ? -12.027 3.696   -11.770 1.00 20.42 ? 5   LYS A CG  1 
ATOM   14   C  CD  . LYS A 1 5   ? -11.153 3.245   -12.923 1.00 23.25 ? 5   LYS A CD  1 
ATOM   15   C  CE  . LYS A 1 5   ? -11.920 3.267   -14.233 1.00 25.75 ? 5   LYS A CE  1 
ATOM   16   N  NZ  . LYS A 1 5   ? -11.087 3.818   -15.337 1.00 27.49 ? 5   LYS A NZ  1 
ATOM   17   N  N   . LEU A 1 6   ? -8.816  3.316   -8.367  1.00 9.49  ? 6   LEU A N   1 
ATOM   18   C  CA  . LEU A 1 6   ? -8.030  3.667   -7.202  1.00 8.75  ? 6   LEU A CA  1 
ATOM   19   C  C   . LEU A 1 6   ? -7.223  4.928   -7.495  1.00 8.96  ? 6   LEU A C   1 
ATOM   20   O  O   . LEU A 1 6   ? -6.552  4.995   -8.529  1.00 8.80  ? 6   LEU A O   1 
ATOM   21   C  CB  . LEU A 1 6   ? -7.052  2.533   -6.818  1.00 8.29  ? 6   LEU A CB  1 
ATOM   22   C  CG  . LEU A 1 6   ? -7.718  1.185   -6.538  1.00 8.24  ? 6   LEU A CG  1 
ATOM   23   C  CD1 . LEU A 1 6   ? -6.685  0.121   -6.289  1.00 8.28  ? 6   LEU A CD1 1 
ATOM   24   C  CD2 . LEU A 1 6   ? -8.704  1.285   -5.394  1.00 8.31  ? 6   LEU A CD2 1 
ATOM   25   N  N   . GLN A 1 7   ? -7.278  5.879   -6.553  1.00 9.06  ? 7   GLN A N   1 
ATOM   26   C  CA  . GLN A 1 7   ? -6.653  7.186   -6.681  1.00 10.43 ? 7   GLN A CA  1 
ATOM   27   C  C   . GLN A 1 7   ? -5.701  7.404   -5.517  1.00 9.17  ? 7   GLN A C   1 
ATOM   28   O  O   . GLN A 1 7   ? -6.129  7.332   -4.377  1.00 8.87  ? 7   GLN A O   1 
ATOM   29   C  CB  . GLN A 1 7   ? -7.744  8.261   -6.662  1.00 12.89 ? 7   GLN A CB  1 
ATOM   30   C  CG  . GLN A 1 7   ? -8.463  8.428   -8.003  1.00 15.38 ? 7   GLN A CG  1 
ATOM   31   C  CD  . GLN A 1 7   ? -7.775  9.433   -8.899  1.00 18.76 ? 7   GLN A CD  1 
ATOM   32   O  OE1 . GLN A 1 7   ? -7.889  10.653  -8.699  1.00 15.40 ? 7   GLN A OE1 1 
ATOM   33   N  NE2 . GLN A 1 7   ? -7.022  8.920   -9.909  1.00 19.91 ? 7   GLN A NE2 1 
ATOM   34   N  N   . GLN A 1 8   ? -4.437  7.691   -5.827  1.00 7.99  ? 8   GLN A N   1 
ATOM   35   C  CA  . GLN A 1 8   ? -3.372  7.895   -4.823  1.00 7.46  ? 8   GLN A CA  1 
ATOM   36   C  C   . GLN A 1 8   ? -2.952  9.338   -4.690  1.00 7.11  ? 8   GLN A C   1 
ATOM   37   O  O   . GLN A 1 8   ? -3.006  10.085  -5.646  1.00 7.39  ? 8   GLN A O   1 
ATOM   38   C  CB  . GLN A 1 8   ? -2.133  7.087   -5.213  1.00 7.62  ? 8   GLN A CB  1 
ATOM   39   C  CG  . GLN A 1 8   ? -2.422  5.613   -5.403  1.00 7.61  ? 8   GLN A CG  1 
ATOM   40   C  CD  . GLN A 1 8   ? -1.188  4.814   -5.722  1.00 7.36  ? 8   GLN A CD  1 
ATOM   41   O  OE1 . GLN A 1 8   ? -1.284  3.818   -6.414  1.00 6.75  ? 8   GLN A OE1 1 
ATOM   42   N  NE2 . GLN A 1 8   ? -0.040  5.199   -5.166  1.00 7.23  ? 8   GLN A NE2 1 
ATOM   43   N  N   . SER A 1 9   ? -2.442  9.672   -3.517  1.00 6.67  ? 9   SER A N   1 
ATOM   44   C  CA  . SER A 1 9   ? -1.941  11.022  -3.225  1.00 6.50  ? 9   SER A CA  1 
ATOM   45   C  C   . SER A 1 9   ? -0.508  11.224  -3.766  1.00 6.60  ? 9   SER A C   1 
ATOM   46   O  O   . SER A 1 9   ? 0.129   10.313  -4.334  1.00 7.30  ? 9   SER A O   1 
ATOM   47   C  CB  . SER A 1 9   ? -2.027  11.264  -1.716  1.00 6.52  ? 9   SER A CB  1 
ATOM   48   O  OG  . SER A 1 9   ? -1.255  10.319  -0.997  1.00 6.37  ? 9   SER A OG  1 
ATOM   49   N  N   . GLY A 1 10  ? 0.037   12.411  -3.545  1.00 6.53  ? 10  GLY A N   1 
ATOM   50   C  CA  . GLY A 1 10  ? 1.321   12.771  -4.082  1.00 6.59  ? 10  GLY A CA  1 
ATOM   51   C  C   . GLY A 1 10  ? 2.474   12.206  -3.289  1.00 6.76  ? 10  GLY A C   1 
ATOM   52   O  O   . GLY A 1 10  ? 2.327   11.744  -2.154  1.00 6.59  ? 10  GLY A O   1 
ATOM   53   N  N   . GLY A 1 11  ? 3.656   12.284  -3.874  1.00 7.46  ? 11  GLY A N   1 
ATOM   54   C  CA  . GLY A 1 11  ? 4.854   11.774  -3.226  1.00 8.24  ? 11  GLY A CA  1 
ATOM   55   C  C   . GLY A 1 11  ? 5.891   12.866  -3.184  1.00 9.04  ? 11  GLY A C   1 
ATOM   56   O  O   . GLY A 1 11  ? 5.655   13.960  -2.639  1.00 11.82 ? 11  GLY A O   1 
ATOM   57   N  N   . GLY A 1 12  ? 7.010   12.598  -3.816  1.00 8.77  ? 12  GLY A N   1 
ATOM   58   C  CA  . GLY A 1 12  ? 8.091   13.568  -3.901  1.00 9.42  ? 12  GLY A CA  1 
ATOM   59   C  C   . GLY A 1 12  ? 9.342   13.186  -3.161  1.00 10.09 ? 12  GLY A C   1 
ATOM   60   O  O   . GLY A 1 12  ? 9.560   12.014  -2.794  1.00 9.13  ? 12  GLY A O   1 
ATOM   61   N  N   . MET A 1 13  ? 10.186  14.186  -2.941  1.00 11.27 ? 13  MET A N   1 
ATOM   62   C  CA  . MET A 1 13  ? 11.471  13.950  -2.298  1.00 13.07 ? 13  MET A CA  1 
ATOM   63   C  C   . MET A 1 13  ? 11.327  14.148  -0.797  1.00 12.09 ? 13  MET A C   1 
ATOM   64   O  O   . MET A 1 13  ? 10.737  15.129  -0.309  1.00 11.07 ? 13  MET A O   1 
ATOM   65   C  CB  . MET A 1 13  ? 12.592  14.823  -2.900  1.00 17.66 ? 13  MET A CB  1 
ATOM   66   C  CG  . MET A 1 13  ? 14.004  14.220  -2.692  1.00 23.22 ? 13  MET A CG  1 
ATOM   67   S  SD  . MET A 1 13  ? 15.414  14.745  -3.747  1.00 32.16 ? 13  MET A SD  1 
ATOM   68   C  CE  . MET A 1 13  ? 15.311  13.580  -5.105  1.00 30.70 ? 13  MET A CE  1 
ATOM   69   N  N   . VAL A 1 14  ? 11.873  13.212  -0.047  1.00 10.96 ? 14  VAL A N   1 
ATOM   70   C  CA  . VAL A 1 14  ? 11.915  13.335  1.391   1.00 12.01 ? 14  VAL A CA  1 
ATOM   71   C  C   . VAL A 1 14  ? 13.318  12.985  1.872   1.00 12.00 ? 14  VAL A C   1 
ATOM   72   O  O   . VAL A 1 14  ? 14.130  12.458  1.105   1.00 12.21 ? 14  VAL A O   1 
ATOM   73   C  CB  . VAL A 1 14  ? 10.876  12.456  2.089   1.00 12.84 ? 14  VAL A CB  1 
ATOM   74   C  CG1 . VAL A 1 14  ? 9.453   12.833  1.653   1.00 13.70 ? 14  VAL A CG1 1 
ATOM   75   C  CG2 . VAL A 1 14  ? 11.152  10.998  1.807   1.00 12.42 ? 14  VAL A CG2 1 
ATOM   76   N  N   . GLN A 1 15  ? 13.601  13.349  3.116   1.00 11.61 ? 15  GLN A N   1 
ATOM   77   C  CA  . GLN A 1 15  ? 14.922  13.095  3.674   1.00 12.06 ? 15  GLN A CA  1 
ATOM   78   C  C   . GLN A 1 15  ? 14.937  11.911  4.626   1.00 11.20 ? 15  GLN A C   1 
ATOM   79   O  O   . GLN A 1 15  ? 13.941  11.592  5.286   1.00 10.41 ? 15  GLN A O   1 
ATOM   80   C  CB  . GLN A 1 15  ? 15.459  14.348  4.327   1.00 13.31 ? 15  GLN A CB  1 
ATOM   81   C  CG  . GLN A 1 15  ? 15.791  15.379  3.264   1.00 15.02 ? 15  GLN A CG  1 
ATOM   82   C  CD  . GLN A 1 15  ? 16.585  16.557  3.787   1.00 16.66 ? 15  GLN A CD  1 
ATOM   83   O  OE1 . GLN A 1 15  ? 16.101  17.325  4.628   1.00 18.76 ? 15  GLN A OE1 1 
ATOM   84   N  NE2 . GLN A 1 15  ? 17.811  16.721  3.284   1.00 17.64 ? 15  GLN A NE2 1 
ATOM   85   N  N   . THR A 1 16  ? 16.080  11.228  4.659   1.00 10.51 ? 16  THR A N   1 
ATOM   86   C  CA  . THR A 1 16  ? 16.282  10.113  5.535   1.00 10.76 ? 16  THR A CA  1 
ATOM   87   C  C   . THR A 1 16  ? 15.769  10.388  6.943   1.00 11.00 ? 16  THR A C   1 
ATOM   88   O  O   . THR A 1 16  ? 16.047  11.453  7.518   1.00 10.58 ? 16  THR A O   1 
ATOM   89   C  CB  . THR A 1 16  ? 17.774  9.716   5.561   1.00 11.07 ? 16  THR A CB  1 
ATOM   90   O  OG1 . THR A 1 16  ? 18.150  9.317   4.239   1.00 11.61 ? 16  THR A OG1 1 
ATOM   91   C  CG2 . THR A 1 16  ? 18.049  8.554   6.509   1.00 11.47 ? 16  THR A CG2 1 
ATOM   92   N  N   . GLY A 1 17  ? 15.008  9.434   7.477   1.00 10.95 ? 17  GLY A N   1 
ATOM   93   C  CA  . GLY A 1 17  ? 14.428  9.576   8.803   1.00 11.51 ? 17  GLY A CA  1 
ATOM   94   C  C   . GLY A 1 17  ? 13.057  10.204  8.850   1.00 12.44 ? 17  GLY A C   1 
ATOM   95   O  O   . GLY A 1 17  ? 12.394  10.113  9.887   1.00 13.47 ? 17  GLY A O   1 
ATOM   96   N  N   . ASP A 1 18  ? 12.636  10.847  7.746   1.00 12.48 ? 18  ASP A N   1 
ATOM   97   C  CA  . ASP A 1 18  ? 11.332  11.523  7.657   1.00 12.89 ? 18  ASP A CA  1 
ATOM   98   C  C   . ASP A 1 18  ? 10.219  10.457  7.555   1.00 11.93 ? 18  ASP A C   1 
ATOM   99   O  O   . ASP A 1 18  ? 10.455  9.277   7.211   1.00 11.40 ? 18  ASP A O   1 
ATOM   100  C  CB  . ASP A 1 18  ? 11.201  12.414  6.398   1.00 15.09 ? 18  ASP A CB  1 
ATOM   101  C  CG  . ASP A 1 18  ? 12.001  13.724  6.433   1.00 17.03 ? 18  ASP A CG  1 
ATOM   102  O  OD1 . ASP A 1 18  ? 12.508  14.146  7.490   1.00 17.84 ? 18  ASP A OD1 1 
ATOM   103  O  OD2 . ASP A 1 18  ? 12.086  14.360  5.329   1.00 17.99 ? 18  ASP A OD2 1 
ATOM   104  N  N   . SER A 1 19  ? 8.996   10.908  7.818   1.00 11.96 ? 19  SER A N   1 
ATOM   105  C  CA  . SER A 1 19  ? 7.768   10.139  7.598   1.00 11.69 ? 19  SER A CA  1 
ATOM   106  C  C   . SER A 1 19  ? 6.934   10.749  6.471   1.00 10.84 ? 19  SER A C   1 
ATOM   107  O  O   . SER A 1 19  ? 6.992   11.947  6.203   1.00 10.35 ? 19  SER A O   1 
ATOM   108  C  CB  . SER A 1 19  ? 6.924   10.136  8.865   1.00 13.54 ? 19  SER A CB  1 
ATOM   109  O  OG  . SER A 1 19  ? 7.480   9.311   9.848   1.00 16.76 ? 19  SER A OG  1 
ATOM   110  N  N   . LEU A 1 20  ? 6.115   9.907   5.850   1.00 9.72  ? 20  LEU A N   1 
ATOM   111  C  CA  . LEU A 1 20  ? 5.173   10.321  4.814   1.00 9.50  ? 20  LEU A CA  1 
ATOM   112  C  C   . LEU A 1 20  ? 3.920   9.475   5.019   1.00 9.00  ? 20  LEU A C   1 
ATOM   113  O  O   . LEU A 1 20  ? 4.046   8.291   5.294   1.00 9.55  ? 20  LEU A O   1 
ATOM   114  C  CB  . LEU A 1 20  ? 5.806   10.020  3.466   1.00 10.14 ? 20  LEU A CB  1 
ATOM   115  C  CG  . LEU A 1 20  ? 5.099   10.303  2.167   1.00 11.01 ? 20  LEU A CG  1 
ATOM   116  C  CD1 . LEU A 1 20  ? 4.716   11.758  2.016   1.00 11.15 ? 20  LEU A CD1 1 
ATOM   117  C  CD2 . LEU A 1 20  ? 6.088   9.917   1.069   1.00 11.24 ? 20  LEU A CD2 1 
ATOM   118  N  N   . ARG A 1 21  ? 2.729   10.079  4.921   1.00 8.02  ? 21  ARG A N   1 
ATOM   119  C  CA  . ARG A 1 21  ? 1.470   9.337   4.955   1.00 7.97  ? 21  ARG A CA  1 
ATOM   120  C  C   . ARG A 1 21  ? 0.749   9.465   3.609   1.00 7.38  ? 21  ARG A C   1 
ATOM   121  O  O   . ARG A 1 21  ? 0.196   10.525  3.284   1.00 7.00  ? 21  ARG A O   1 
ATOM   122  C  CB  . ARG A 1 21  ? 0.563   9.855   6.066   1.00 8.83  ? 21  ARG A CB  1 
ATOM   123  C  CG  . ARG A 1 21  ? -0.729  9.044   6.195   1.00 10.17 ? 21  ARG A CG  1 
ATOM   124  C  CD  . ARG A 1 21  ? -1.403  9.193   7.525   1.00 12.15 ? 21  ARG A CD  1 
ATOM   125  N  NE  . ARG A 1 21  ? -1.962  10.514  7.664   1.00 13.53 ? 21  ARG A NE  1 
ATOM   126  C  CZ  . ARG A 1 21  ? -1.706  11.426  8.619   1.00 13.75 ? 21  ARG A CZ  1 
ATOM   127  N  NH1 . ARG A 1 21  ? -0.867  11.255  9.629   1.00 15.45 ? 21  ARG A NH1 1 
ATOM   128  N  NH2 . ARG A 1 21  ? -2.341  12.566  8.535   1.00 14.13 ? 21  ARG A NH2 1 
ATOM   129  N  N   . LEU A 1 22  ? 0.718   8.362   2.861   1.00 6.66  ? 22  LEU A N   1 
ATOM   130  C  CA  . LEU A 1 22  ? 0.059   8.295   1.553   1.00 6.79  ? 22  LEU A CA  1 
ATOM   131  C  C   . LEU A 1 22  ? -1.404  7.898   1.748   1.00 6.99  ? 22  LEU A C   1 
ATOM   132  O  O   . LEU A 1 22  ? -1.743  7.208   2.718   1.00 6.99  ? 22  LEU A O   1 
ATOM   133  C  CB  . LEU A 1 22  ? 0.755   7.273   0.640   1.00 6.96  ? 22  LEU A CB  1 
ATOM   134  C  CG  . LEU A 1 22  ? 2.231   7.513   0.321   1.00 7.20  ? 22  LEU A CG  1 
ATOM   135  C  CD1 . LEU A 1 22  ? 2.712   6.513   -0.704  1.00 7.37  ? 22  LEU A CD1 1 
ATOM   136  C  CD2 . LEU A 1 22  ? 2.440   8.920   -0.190  1.00 7.46  ? 22  LEU A CD2 1 
ATOM   137  N  N   . SER A 1 23  ? -2.246  8.395   0.826   1.00 6.64  ? 23  SER A N   1 
ATOM   138  C  CA  . SER A 1 23  ? -3.659  8.067   0.746   1.00 7.00  ? 23  SER A CA  1 
ATOM   139  C  C   . SER A 1 23  ? -3.936  7.297   -0.533  1.00 6.86  ? 23  SER A C   1 
ATOM   140  O  O   . SER A 1 23  ? -3.308  7.522   -1.582  1.00 6.24  ? 23  SER A O   1 
ATOM   141  C  CB  . SER A 1 23  ? -4.464  9.371   0.765   1.00 7.52  ? 23  SER A CB  1 
ATOM   142  O  OG  . SER A 1 23  ? -5.853  9.185   0.454   1.00 7.90  ? 23  SER A OG  1 
ATOM   143  N  N   . CYS A 1 24  ? -4.868  6.355   -0.438  1.00 6.94  ? 24  CYS A N   1 
ATOM   144  C  CA  . CYS A 1 24  ? -5.436  5.721   -1.602  1.00 7.32  ? 24  CYS A CA  1 
ATOM   145  C  C   . CYS A 1 24  ? -6.952  5.605   -1.394  1.00 7.17  ? 24  CYS A C   1 
ATOM   146  O  O   . CYS A 1 24  ? -7.382  5.114   -0.361  1.00 6.94  ? 24  CYS A O   1 
ATOM   147  C  CB  . CYS A 1 24  ? -4.809  4.347   -1.777  1.00 7.95  ? 24  CYS A CB  1 
ATOM   148  S  SG  . CYS A 1 24  ? -5.574  3.321   -3.059  1.00 8.88  ? 24  CYS A SG  1 
ATOM   149  N  N   . VAL A 1 25  ? -7.719  6.010   -2.392  1.00 6.98  ? 25  VAL A N   1 
ATOM   150  C  CA  . VAL A 1 25  ? -9.176  6.099   -2.251  1.00 7.37  ? 25  VAL A CA  1 
ATOM   151  C  C   . VAL A 1 25  ? -9.828  5.328   -3.386  1.00 7.06  ? 25  VAL A C   1 
ATOM   152  O  O   . VAL A 1 25  ? -9.388  5.431   -4.526  1.00 7.01  ? 25  VAL A O   1 
ATOM   153  C  CB  . VAL A 1 25  ? -9.628  7.585   -2.296  1.00 7.86  ? 25  VAL A CB  1 
ATOM   154  C  CG1 . VAL A 1 25  ? -11.139 7.695   -2.416  1.00 8.17  ? 25  VAL A CG1 1 
ATOM   155  C  CG2 . VAL A 1 25  ? -9.168  8.330   -1.053  1.00 8.46  ? 25  VAL A CG2 1 
ATOM   156  N  N   . GLY A 1 26  ? -10.887 4.575   -3.093  1.00 6.72  ? 26  GLY A N   1 
ATOM   157  C  CA  . GLY A 1 26  ? -11.612 3.822   -4.091  1.00 6.83  ? 26  GLY A CA  1 
ATOM   158  C  C   . GLY A 1 26  ? -12.828 4.581   -4.597  1.00 6.81  ? 26  GLY A C   1 
ATOM   159  O  O   . GLY A 1 26  ? -13.518 5.292   -3.837  1.00 6.80  ? 26  GLY A O   1 
ATOM   160  N  N   . SER A 1 27  ? -13.108 4.410   -5.889  1.00 6.90  ? 27  SER A N   1 
ATOM   161  C  CA  . SER A 1 27  ? -14.230 5.058   -6.523  1.00 6.97  ? 27  SER A CA  1 
ATOM   162  C  C   . SER A 1 27  ? -15.568 4.500   -6.049  1.00 6.91  ? 27  SER A C   1 
ATOM   163  O  O   . SER A 1 27  ? -16.592 5.186   -6.133  1.00 6.86  ? 27  SER A O   1 
ATOM   164  C  CB  . SER A 1 27  ? -14.111 4.897   -8.048  1.00 7.01  ? 27  SER A CB  1 
ATOM   165  O  OG  . SER A 1 27  ? -14.242 3.536   -8.411  1.00 7.17  ? 27  SER A OG  1 
ATOM   166  N  N   . ARG A 1 28  ? -15.576 3.248   -5.606  1.00 6.94  ? 28  ARG A N   1 
ATOM   167  C  CA  . ARG A 1 28  ? -16.779 2.596   -5.093  1.00 6.86  ? 28  ARG A CA  1 
ATOM   168  C  C   . ARG A 1 28  ? -16.514 2.137   -3.677  1.00 7.06  ? 28  ARG A C   1 
ATOM   169  O  O   . ARG A 1 28  ? -15.388 1.765   -3.332  1.00 6.29  ? 28  ARG A O   1 
ATOM   170  C  CB  . ARG A 1 28  ? -17.171 1.388   -5.943  1.00 7.19  ? 28  ARG A CB  1 
ATOM   171  C  CG  . ARG A 1 28  ? -17.774 1.756   -7.287  1.00 7.38  ? 28  ARG A CG  1 
ATOM   172  C  CD  . ARG A 1 28  ? -19.204 2.288   -7.151  1.00 7.53  ? 28  ARG A CD  1 
ATOM   173  N  NE  . ARG A 1 28  ? -19.878 2.262   -8.432  1.00 7.92  ? 28  ARG A NE  1 
ATOM   174  C  CZ  . ARG A 1 28  ? -21.201 2.372   -8.630  1.00 8.21  ? 28  ARG A CZ  1 
ATOM   175  N  NH1 . ARG A 1 28  ? -21.997 2.610   -7.625  1.00 8.70  ? 28  ARG A NH1 1 
ATOM   176  N  NH2 . ARG A 1 28  ? -21.702 2.313   -9.863  1.00 8.29  ? 28  ARG A NH2 1 
ATOM   177  N  N   . ARG A 1 29  ? -17.556 2.161   -2.856  1.00 7.02  ? 29  ARG A N   1 
ATOM   178  C  CA  . ARG A 1 29  ? -17.446 1.756   -1.466  1.00 7.40  ? 29  ARG A CA  1 
ATOM   179  C  C   . ARG A 1 29  ? -16.863 0.359   -1.320  1.00 7.02  ? 29  ARG A C   1 
ATOM   180  O  O   . ARG A 1 29  ? -17.197 -0.549  -2.101  1.00 6.81  ? 29  ARG A O   1 
ATOM   181  C  CB  . ARG A 1 29  ? -18.802 1.821   -0.785  1.00 8.20  ? 29  ARG A CB  1 
ATOM   182  C  CG  . ARG A 1 29  ? -18.696 1.705   0.722   1.00 8.66  ? 29  ARG A CG  1 
ATOM   183  C  CD  . ARG A 1 29  ? -20.082 1.734   1.303   1.00 8.82  ? 29  ARG A CD  1 
ATOM   184  N  NE  . ARG A 1 29  ? -20.681 3.040   1.077   1.00 9.15  ? 29  ARG A NE  1 
ATOM   185  C  CZ  . ARG A 1 29  ? -21.976 3.294   1.184   1.00 9.05  ? 29  ARG A CZ  1 
ATOM   186  N  NH1 . ARG A 1 29  ? -22.816 2.342   1.512   1.00 9.38  ? 29  ARG A NH1 1 
ATOM   187  N  NH2 . ARG A 1 29  ? -22.403 4.525   0.964   1.00 8.96  ? 29  ARG A NH2 1 
ATOM   188  N  N   . ALA A 1 30  ? -16.002 0.195   -0.317  1.00 6.96  ? 30  ALA A N   1 
ATOM   189  C  CA  . ALA A 1 30  ? -15.439 -1.125  -0.003  1.00 7.12  ? 30  ALA A CA  1 
ATOM   190  C  C   . ALA A 1 30  ? -16.541 -2.136  0.200   1.00 7.49  ? 30  ALA A C   1 
ATOM   191  O  O   . ALA A 1 30  ? -17.625 -1.826  0.723   1.00 7.87  ? 30  ALA A O   1 
ATOM   192  C  CB  . ALA A 1 30  ? -14.582 -1.077  1.239   1.00 7.32  ? 30  ALA A CB  1 
ATOM   193  N  N   . LEU A 1 31  ? -16.239 -3.354  -0.199  1.00 8.04  ? 31  LEU A N   1 
ATOM   194  C  CA  . LEU A 1 31  ? -17.079 -4.508  0.069   1.00 8.54  ? 31  LEU A CA  1 
ATOM   195  C  C   . LEU A 1 31  ? -16.514 -5.208  1.304   1.00 8.83  ? 31  LEU A C   1 
ATOM   196  O  O   . LEU A 1 31  ? -15.362 -5.001  1.679   1.00 7.94  ? 31  LEU A O   1 
ATOM   197  C  CB  . LEU A 1 31  ? -17.049 -5.463  -1.140  1.00 8.93  ? 31  LEU A CB  1 
ATOM   198  C  CG  . LEU A 1 31  ? -17.542 -4.839  -2.474  1.00 9.94  ? 31  LEU A CG  1 
ATOM   199  C  CD1 . LEU A 1 31  ? -17.527 -5.883  -3.581  1.00 10.55 ? 31  LEU A CD1 1 
ATOM   200  C  CD2 . LEU A 1 31  ? -18.874 -4.126  -2.331  1.00 10.85 ? 31  LEU A CD2 1 
ATOM   201  N  N   . SER A 1 32  ? -17.294 -6.100  1.902   1.00 9.54  ? 32  SER A N   1 
ATOM   202  C  CA  . SER A 1 32  ? -16.782 -6.912  3.015   1.00 10.38 ? 32  SER A CA  1 
ATOM   203  C  C   . SER A 1 32  ? -15.566 -7.786  2.641   1.00 9.48  ? 32  SER A C   1 
ATOM   204  O  O   . SER A 1 32  ? -14.782 -8.162  3.501   1.00 10.69 ? 32  SER A O   1 
ATOM   205  C  CB  . SER A 1 32  ? -17.894 -7.802  3.589   1.00 11.60 ? 32  SER A CB  1 
ATOM   206  O  OG  . SER A 1 32  ? -18.390 -8.711  2.635   1.00 13.72 ? 32  SER A OG  1 
ATOM   207  N  N   . SER A 1 33  ? -15.428 -8.076  1.357   1.00 8.46  ? 33  SER A N   1 
ATOM   208  C  CA  . SER A 1 33  ? -14.361 -8.902  0.832   1.00 7.73  ? 33  SER A CA  1 
ATOM   209  C  C   . SER A 1 33  ? -13.196 -8.114  0.289   1.00 6.42  ? 33  SER A C   1 
ATOM   210  O  O   . SER A 1 33  ? -12.229 -8.699  -0.176  1.00 6.38  ? 33  SER A O   1 
ATOM   211  C  CB  . SER A 1 33  ? -14.943 -9.789  -0.250  1.00 8.45  ? 33  SER A CB  1 
ATOM   212  O  OG  . SER A 1 33  ? -15.550 -8.984  -1.255  1.00 9.44  ? 33  SER A OG  1 
ATOM   213  N  N   . THR A 1 34  ? -13.265 -6.781  0.350   1.00 5.48  ? 34  THR A N   1 
ATOM   214  C  CA  . THR A 1 34  ? -12.212 -5.949  -0.190  1.00 5.13  ? 34  THR A CA  1 
ATOM   215  C  C   . THR A 1 34  ? -10.917 -6.149  0.575   1.00 4.88  ? 34  THR A C   1 
ATOM   216  O  O   . THR A 1 34  ? -10.908 -6.170  1.828   1.00 4.82  ? 34  THR A O   1 
ATOM   217  C  CB  . THR A 1 34  ? -12.645 -4.470  -0.135  1.00 5.08  ? 34  THR A CB  1 
ATOM   218  O  OG1 . THR A 1 34  ? -13.671 -4.237  -1.107  1.00 4.87  ? 34  THR A OG1 1 
ATOM   219  C  CG2 . THR A 1 34  ? -11.485 -3.506  -0.401  1.00 5.18  ? 34  THR A CG2 1 
ATOM   220  N  N   . ILE A 1 35  ? -9.828  -6.299  -0.181  1.00 4.68  ? 35  ILE A N   1 
ATOM   221  C  CA  . ILE A 1 35  ? -8.482  -6.279  0.345   1.00 4.72  ? 35  ILE A CA  1 
ATOM   222  C  C   . ILE A 1 35  ? -7.755  -5.134  -0.344  1.00 4.54  ? 35  ILE A C   1 
ATOM   223  O  O   . ILE A 1 35  ? -7.951  -4.954  -1.539  1.00 4.45  ? 35  ILE A O   1 
ATOM   224  C  CB  . ILE A 1 35  ? -7.737  -7.599  0.041   1.00 4.57  ? 35  ILE A CB  1 
ATOM   225  C  CG1 . ILE A 1 35  ? -8.408  -8.760  0.798   1.00 4.76  ? 35  ILE A CG1 1 
ATOM   226  C  CG2 . ILE A 1 35  ? -6.249  -7.493  0.365   1.00 4.75  ? 35  ILE A CG2 1 
ATOM   227  C  CD1 . ILE A 1 35  ? -7.857  -10.099 0.404   1.00 4.79  ? 35  ILE A CD1 1 
ATOM   228  N  N   . VAL A 1 36  ? -7.014  -4.325  0.396   1.00 4.57  ? 36  VAL A N   1 
ATOM   229  C  CA  . VAL A 1 36  ? -6.218  -3.241  -0.188  1.00 4.76  ? 36  VAL A CA  1 
ATOM   230  C  C   . VAL A 1 36  ? -4.769  -3.497  0.131   1.00 4.63  ? 36  VAL A C   1 
ATOM   231  O  O   . VAL A 1 36  ? -4.397  -3.723  1.279   1.00 4.80  ? 36  VAL A O   1 
ATOM   232  C  CB  . VAL A 1 36  ? -6.636  -1.864  0.336   1.00 4.87  ? 36  VAL A CB  1 
ATOM   233  C  CG1 . VAL A 1 36  ? -5.886  -0.737  -0.395  1.00 5.14  ? 36  VAL A CG1 1 
ATOM   234  C  CG2 . VAL A 1 36  ? -8.139  -1.727  0.267   1.00 5.12  ? 36  VAL A CG2 1 
ATOM   235  N  N   . GLY A 1 37  ? -3.951  -3.471  -0.889  1.00 4.74  ? 37  GLY A N   1 
ATOM   236  C  CA  . GLY A 1 37  ? -2.551  -3.768  -0.780  1.00 5.02  ? 37  GLY A CA  1 
ATOM   237  C  C   . GLY A 1 37  ? -1.719  -2.595  -1.223  1.00 5.22  ? 37  GLY A C   1 
ATOM   238  O  O   . GLY A 1 37  ? -2.179  -1.753  -2.002  1.00 5.57  ? 37  GLY A O   1 
ATOM   239  N  N   . TRP A 1 38  ? -0.507  -2.536  -0.694  1.00 5.66  ? 38  TRP A N   1 
ATOM   240  C  CA  . TRP A 1 38  ? 0.515   -1.649  -1.176  1.00 5.70  ? 38  TRP A CA  1 
ATOM   241  C  C   . TRP A 1 38  ? 1.731   -2.434  -1.642  1.00 5.43  ? 38  TRP A C   1 
ATOM   242  O  O   . TRP A 1 38  ? 2.155   -3.421  -1.006  1.00 5.40  ? 38  TRP A O   1 
ATOM   243  C  CB  . TRP A 1 38  ? 0.918   -0.652  -0.108  1.00 5.88  ? 38  TRP A CB  1 
ATOM   244  C  CG  . TRP A 1 38  ? -0.083  0.376   0.186   1.00 6.24  ? 38  TRP A CG  1 
ATOM   245  C  CD1 . TRP A 1 38  ? -1.086  0.297   1.091   1.00 6.82  ? 38  TRP A CD1 1 
ATOM   246  C  CD2 . TRP A 1 38  ? -0.173  1.682   -0.406  1.00 6.49  ? 38  TRP A CD2 1 
ATOM   247  N  NE1 . TRP A 1 38  ? -1.806  1.468   1.108   1.00 6.87  ? 38  TRP A NE1 1 
ATOM   248  C  CE2 . TRP A 1 38  ? -1.282  2.337   0.187   1.00 6.86  ? 38  TRP A CE2 1 
ATOM   249  C  CE3 . TRP A 1 38  ? 0.557   2.353   -1.395  1.00 6.64  ? 38  TRP A CE3 1 
ATOM   250  C  CZ2 . TRP A 1 38  ? -1.647  3.647   -0.154  1.00 6.77  ? 38  TRP A CZ2 1 
ATOM   251  C  CZ3 . TRP A 1 38  ? 0.176   3.659   -1.744  1.00 6.68  ? 38  TRP A CZ3 1 
ATOM   252  C  CH2 . TRP A 1 38  ? -0.924  4.274   -1.125  1.00 6.68  ? 38  TRP A CH2 1 
ATOM   253  N  N   . PHE A 1 39  ? 2.228   -2.017  -2.806  1.00 5.26  ? 39  PHE A N   1 
ATOM   254  C  CA  . PHE A 1 39  ? 3.448   -2.557  -3.395  1.00 5.24  ? 39  PHE A CA  1 
ATOM   255  C  C   . PHE A 1 39  ? 4.415   -1.403  -3.676  1.00 5.44  ? 39  PHE A C   1 
ATOM   256  O  O   . PHE A 1 39  ? 4.026   -0.230  -3.637  1.00 5.66  ? 39  PHE A O   1 
ATOM   257  C  CB  . PHE A 1 39  ? 3.187   -3.257  -4.720  1.00 5.19  ? 39  PHE A CB  1 
ATOM   258  C  CG  . PHE A 1 39  ? 2.382   -4.515  -4.623  1.00 5.10  ? 39  PHE A CG  1 
ATOM   259  C  CD1 . PHE A 1 39  ? 1.030   -4.479  -4.322  1.00 5.06  ? 39  PHE A CD1 1 
ATOM   260  C  CD2 . PHE A 1 39  ? 2.981   -5.754  -4.837  1.00 4.95  ? 39  PHE A CD2 1 
ATOM   261  C  CE1 . PHE A 1 39  ? 0.273   -5.632  -4.244  1.00 5.00  ? 39  PHE A CE1 1 
ATOM   262  C  CE2 . PHE A 1 39  ? 2.232   -6.917  -4.773  1.00 4.87  ? 39  PHE A CE2 1 
ATOM   263  C  CZ  . PHE A 1 39  ? 0.887   -6.854  -4.437  1.00 4.91  ? 39  PHE A CZ  1 
ATOM   264  N  N   . ARG A 1 40  ? 5.662   -1.715  -3.938  1.00 5.72  ? 40  ARG A N   1 
ATOM   265  C  CA  . ARG A 1 40  ? 6.577   -0.656  -4.373  1.00 5.86  ? 40  ARG A CA  1 
ATOM   266  C  C   . ARG A 1 40  ? 7.507   -1.154  -5.435  1.00 5.90  ? 40  ARG A C   1 
ATOM   267  O  O   . ARG A 1 40  ? 7.996   -2.293  -5.346  1.00 5.73  ? 40  ARG A O   1 
ATOM   268  C  CB  . ARG A 1 40  ? 7.350   -0.100  -3.181  1.00 6.23  ? 40  ARG A CB  1 
ATOM   269  C  CG  . ARG A 1 40  ? 8.308   -1.081  -2.509  1.00 6.61  ? 40  ARG A CG  1 
ATOM   270  C  CD  . ARG A 1 40  ? 8.943   -0.424  -1.289  1.00 7.28  ? 40  ARG A CD  1 
ATOM   271  N  NE  . ARG A 1 40  ? 9.920   -1.286  -0.651  1.00 7.98  ? 40  ARG A NE  1 
ATOM   272  C  CZ  . ARG A 1 40  ? 10.724  -0.910  0.343   1.00 8.51  ? 40  ARG A CZ  1 
ATOM   273  N  NH1 . ARG A 1 40  ? 10.630  0.315   0.860   1.00 8.20  ? 40  ARG A NH1 1 
ATOM   274  N  NH2 . ARG A 1 40  ? 11.595  -1.767  0.841   1.00 9.74  ? 40  ARG A NH2 1 
ATOM   275  N  N   . GLN A 1 41  ? 7.677   -0.343  -6.478  1.00 5.76  ? 41  GLN A N   1 
ATOM   276  C  CA  . GLN A 1 41  ? 8.604   -0.665  -7.547  1.00 5.93  ? 41  GLN A CA  1 
ATOM   277  C  C   . GLN A 1 41  ? 9.907   0.042   -7.286  1.00 5.74  ? 41  GLN A C   1 
ATOM   278  O  O   . GLN A 1 41  ? 10.069  1.229   -7.596  1.00 5.22  ? 41  GLN A O   1 
ATOM   279  C  CB  . GLN A 1 41  ? 8.017   -0.253  -8.890  1.00 6.58  ? 41  GLN A CB  1 
ATOM   280  C  CG  . GLN A 1 41  ? 8.841   -0.698  -10.092 1.00 7.26  ? 41  GLN A CG  1 
ATOM   281  C  CD  . GLN A 1 41  ? 7.952   -1.230  -11.186 1.00 7.94  ? 41  GLN A CD  1 
ATOM   282  O  OE1 . GLN A 1 41  ? 6.964   -0.577  -11.570 1.00 9.74  ? 41  GLN A OE1 1 
ATOM   283  N  NE2 . GLN A 1 41  ? 8.250   -2.415  -11.670 1.00 8.23  ? 41  GLN A NE2 1 
ATOM   284  N  N   . ILE A 1 42  ? 10.820  -0.690  -6.677  1.00 5.58  ? 42  ILE A N   1 
ATOM   285  C  CA  . ILE A 1 42  ? 12.200  -0.277  -6.516  1.00 5.72  ? 42  ILE A CA  1 
ATOM   286  C  C   . ILE A 1 42  ? 12.815  -0.162  -7.910  1.00 5.32  ? 42  ILE A C   1 
ATOM   287  O  O   . ILE A 1 42  ? 12.511  -0.967  -8.768  1.00 5.00  ? 42  ILE A O   1 
ATOM   288  C  CB  . ILE A 1 42  ? 12.981  -1.301  -5.639  1.00 6.44  ? 42  ILE A CB  1 
ATOM   289  C  CG1 . ILE A 1 42  ? 12.453  -1.218  -4.196  1.00 7.43  ? 42  ILE A CG1 1 
ATOM   290  C  CG2 . ILE A 1 42  ? 14.467  -1.052  -5.684  1.00 6.57  ? 42  ILE A CG2 1 
ATOM   291  C  CD1 . ILE A 1 42  ? 13.210  -2.069  -3.223  1.00 8.14  ? 42  ILE A CD1 1 
ATOM   292  N  N   . PRO A 1 43  ? 13.632  0.883   -8.149  1.00 5.07  ? 43  PRO A N   1 
ATOM   293  C  CA  . PRO A 1 43  ? 14.159  1.052   -9.508  1.00 5.11  ? 43  PRO A CA  1 
ATOM   294  C  C   . PRO A 1 43  ? 14.802  -0.207  -10.080 1.00 5.23  ? 43  PRO A C   1 
ATOM   295  O  O   . PRO A 1 43  ? 15.592  -0.872  -9.396  1.00 5.30  ? 43  PRO A O   1 
ATOM   296  C  CB  . PRO A 1 43  ? 15.179  2.186   -9.327  1.00 4.99  ? 43  PRO A CB  1 
ATOM   297  C  CG  . PRO A 1 43  ? 14.557  3.025   -8.268  1.00 4.96  ? 43  PRO A CG  1 
ATOM   298  C  CD  . PRO A 1 43  ? 13.968  2.046   -7.296  1.00 5.06  ? 43  PRO A CD  1 
ATOM   299  N  N   . GLY A 1 44  ? 14.402  -0.588  -11.295 1.00 5.62  ? 44  GLY A N   1 
ATOM   300  C  CA  . GLY A 1 44  ? 14.937  -1.790  -11.929 1.00 5.69  ? 44  GLY A CA  1 
ATOM   301  C  C   . GLY A 1 44  ? 14.291  -3.088  -11.495 1.00 6.05  ? 44  GLY A C   1 
ATOM   302  O  O   . GLY A 1 44  ? 14.645  -4.148  -12.029 1.00 6.36  ? 44  GLY A O   1 
ATOM   303  N  N   . LYS A 1 45  ? 13.378  -3.046  -10.521 1.00 6.44  ? 45  LYS A N   1 
ATOM   304  C  CA  . LYS A 1 45  ? 12.807  -4.267  -9.974  1.00 6.69  ? 45  LYS A CA  1 
ATOM   305  C  C   . LYS A 1 45  ? 11.303  -4.353  -10.261 1.00 7.34  ? 45  LYS A C   1 
ATOM   306  O  O   . LYS A 1 45  ? 10.684  -3.396  -10.724 1.00 6.97  ? 45  LYS A O   1 
ATOM   307  C  CB  . LYS A 1 45  ? 13.052  -4.329  -8.469  1.00 6.64  ? 45  LYS A CB  1 
ATOM   308  C  CG  . LYS A 1 45  ? 14.463  -3.960  -8.042  1.00 6.62  ? 45  LYS A CG  1 
ATOM   309  C  CD  . LYS A 1 45  ? 15.478  -4.952  -8.584  1.00 6.86  ? 45  LYS A CD  1 
ATOM   310  C  CE  . LYS A 1 45  ? 16.889  -4.475  -8.301  1.00 7.06  ? 45  LYS A CE  1 
ATOM   311  N  NZ  . LYS A 1 45  ? 17.879  -5.415  -8.901  1.00 7.62  ? 45  LYS A NZ  1 
ATOM   312  N  N   . GLU A 1 46  ? 10.731  -5.522  -9.975  1.00 7.71  ? 46  GLU A N   1 
ATOM   313  C  CA  . GLU A 1 46  ? 9.283   -5.706  -10.037 1.00 8.79  ? 46  GLU A CA  1 
ATOM   314  C  C   . GLU A 1 46  ? 8.595   -4.914  -8.956  1.00 8.79  ? 46  GLU A C   1 
ATOM   315  O  O   . GLU A 1 46  ? 9.234   -4.485  -8.011  1.00 9.25  ? 46  GLU A O   1 
ATOM   316  C  CB  . GLU A 1 46  ? 8.939   -7.182  -9.839  1.00 10.22 ? 46  GLU A CB  1 
ATOM   317  C  CG  . GLU A 1 46  ? 9.212   -7.703  -8.424  1.00 12.19 ? 46  GLU A CG  1 
ATOM   318  C  CD  . GLU A 1 46  ? 8.901   -9.169  -8.305  1.00 14.56 ? 46  GLU A CD  1 
ATOM   319  O  OE1 . GLU A 1 46  ? 8.316   -9.723  -9.252  1.00 17.35 ? 46  GLU A OE1 1 
ATOM   320  O  OE2 . GLU A 1 46  ? 9.237   -9.749  -7.271  1.00 18.11 ? 46  GLU A OE2 1 
ATOM   321  N  N   . ARG A 1 47  ? 7.294   -4.714  -9.076  1.00 7.78  ? 47  ARG A N   1 
ATOM   322  C  CA  . ARG A 1 47  ? 6.484   -4.303  -7.936  1.00 7.67  ? 47  ARG A CA  1 
ATOM   323  C  C   . ARG A 1 47  ? 6.586   -5.363  -6.810  1.00 8.07  ? 47  ARG A C   1 
ATOM   324  O  O   . ARG A 1 47  ? 6.267   -6.539  -6.996  1.00 9.19  ? 47  ARG A O   1 
ATOM   325  C  CB  . ARG A 1 47  ? 5.025   -4.077  -8.366  1.00 7.12  ? 47  ARG A CB  1 
ATOM   326  C  CG  . ARG A 1 47  ? 4.779   -2.790  -9.114  1.00 6.87  ? 47  ARG A CG  1 
ATOM   327  C  CD  . ARG A 1 47  ? 3.368   -2.816  -9.700  1.00 6.75  ? 47  ARG A CD  1 
ATOM   328  N  NE  . ARG A 1 47  ? 3.347   -3.637  -10.918 1.00 6.47  ? 47  ARG A NE  1 
ATOM   329  C  CZ  . ARG A 1 47  ? 2.269   -3.905  -11.661 1.00 6.61  ? 47  ARG A CZ  1 
ATOM   330  N  NH1 . ARG A 1 47  ? 1.065   -3.509  -11.266 1.00 7.09  ? 47  ARG A NH1 1 
ATOM   331  N  NH2 . ARG A 1 47  ? 2.381   -4.597  -12.796 1.00 6.83  ? 47  ARG A NH2 1 
ATOM   332  N  N   . GLU A 1 48  ? 7.123   -4.954  -5.660  1.00 7.59  ? 48  GLU A N   1 
ATOM   333  C  CA  . GLU A 1 48  ? 7.324   -5.822  -4.514  1.00 7.94  ? 48  GLU A CA  1 
ATOM   334  C  C   . GLU A 1 48  ? 6.313   -5.518  -3.421  1.00 7.09  ? 48  GLU A C   1 
ATOM   335  O  O   . GLU A 1 48  ? 6.010   -4.357  -3.156  1.00 6.14  ? 48  GLU A O   1 
ATOM   336  C  CB  . GLU A 1 48  ? 8.740   -5.629  -3.980  1.00 9.07  ? 48  GLU A CB  1 
ATOM   337  C  CG  . GLU A 1 48  ? 9.797   -6.204  -4.923  1.00 10.20 ? 48  GLU A CG  1 
ATOM   338  C  CD  . GLU A 1 48  ? 11.224  -5.830  -4.526  1.00 11.23 ? 48  GLU A CD  1 
ATOM   339  O  OE1 . GLU A 1 48  ? 11.469  -5.459  -3.357  1.00 11.38 ? 48  GLU A OE1 1 
ATOM   340  O  OE2 . GLU A 1 48  ? 12.154  -5.902  -5.401  1.00 12.59 ? 48  GLU A OE2 1 
ATOM   341  N  N   . PHE A 1 49  ? 5.807   -6.554  -2.782  1.00 6.90  ? 49  PHE A N   1 
ATOM   342  C  CA  . PHE A 1 49  ? 4.765   -6.396  -1.790  1.00 6.76  ? 49  PHE A CA  1 
ATOM   343  C  C   . PHE A 1 49  ? 5.279   -5.623  -0.574  1.00 6.54  ? 49  PHE A C   1 
ATOM   344  O  O   . PHE A 1 49  ? 6.384   -5.873  -0.131  1.00 6.65  ? 49  PHE A O   1 
ATOM   345  C  CB  . PHE A 1 49  ? 4.236   -7.784  -1.361  1.00 6.97  ? 49  PHE A CB  1 
ATOM   346  C  CG  . PHE A 1 49  ? 3.115   -7.710  -0.391  1.00 7.26  ? 49  PHE A CG  1 
ATOM   347  C  CD1 . PHE A 1 49  ? 1.879   -7.224  -0.795  1.00 7.24  ? 49  PHE A CD1 1 
ATOM   348  C  CD2 . PHE A 1 49  ? 3.279   -8.102  0.921   1.00 7.40  ? 49  PHE A CD2 1 
ATOM   349  C  CE1 . PHE A 1 49  ? 0.841   -7.136  0.078   1.00 7.28  ? 49  PHE A CE1 1 
ATOM   350  C  CE2 . PHE A 1 49  ? 2.245   -8.002  1.809   1.00 7.91  ? 49  PHE A CE2 1 
ATOM   351  C  CZ  . PHE A 1 49  ? 1.015   -7.539  1.382   1.00 7.43  ? 49  PHE A CZ  1 
ATOM   352  N  N   . VAL A 1 50  ? 4.456   -4.712  -0.061  1.00 6.24  ? 50  VAL A N   1 
ATOM   353  C  CA  . VAL A 1 50  ? 4.732   -3.937  1.154   1.00 6.48  ? 50  VAL A CA  1 
ATOM   354  C  C   . VAL A 1 50  ? 3.796   -4.392  2.284   1.00 6.27  ? 50  VAL A C   1 
ATOM   355  O  O   . VAL A 1 50  ? 4.244   -4.835  3.344   1.00 6.30  ? 50  VAL A O   1 
ATOM   356  C  CB  . VAL A 1 50  ? 4.593   -2.424  0.854   1.00 6.63  ? 50  VAL A CB  1 
ATOM   357  C  CG1 . VAL A 1 50  ? 4.583   -1.544  2.116   1.00 6.97  ? 50  VAL A CG1 1 
ATOM   358  C  CG2 . VAL A 1 50  ? 5.688   -1.984  -0.092  1.00 6.67  ? 50  VAL A CG2 1 
ATOM   359  N  N   . GLY A 1 51  ? 2.495   -4.329  2.050   1.00 6.12  ? 51  GLY A N   1 
ATOM   360  C  CA  . GLY A 1 51  ? 1.567   -4.761  3.087   1.00 6.04  ? 51  GLY A CA  1 
ATOM   361  C  C   . GLY A 1 51  ? 0.150   -4.735  2.568   1.00 5.93  ? 51  GLY A C   1 
ATOM   362  O  O   . GLY A 1 51  ? -0.104  -4.206  1.499   1.00 6.03  ? 51  GLY A O   1 
ATOM   363  N  N   . GLY A 1 52  ? -0.746  -5.334  3.323   1.00 5.52  ? 52  GLY A N   1 
ATOM   364  C  CA  . GLY A 1 52  ? -2.151  -5.361  2.985   1.00 5.15  ? 52  GLY A CA  1 
ATOM   365  C  C   . GLY A 1 52  ? -3.060  -5.281  4.192   1.00 5.09  ? 52  GLY A C   1 
ATOM   366  O  O   . GLY A 1 52  ? -2.654  -5.539  5.330   1.00 4.80  ? 52  GLY A O   1 
ATOM   367  N  N   . ILE A 1 53  ? -4.299  -4.915  3.903   1.00 4.98  ? 53  ILE A N   1 
ATOM   368  C  CA  . ILE A 1 53  ? -5.361  -4.842  4.898   1.00 4.99  ? 53  ILE A CA  1 
ATOM   369  C  C   . ILE A 1 53  ? -6.618  -5.498  4.351   1.00 4.96  ? 53  ILE A C   1 
ATOM   370  O  O   . ILE A 1 53  ? -7.000  -5.344  3.165   1.00 4.45  ? 53  ILE A O   1 
ATOM   371  C  CB  . ILE A 1 53  ? -5.625  -3.377  5.384   1.00 5.02  ? 53  ILE A CB  1 
ATOM   372  C  CG1 . ILE A 1 53  ? -6.570  -3.379  6.584   1.00 5.22  ? 53  ILE A CG1 1 
ATOM   373  C  CG2 . ILE A 1 53  ? -6.136  -2.488  4.236   1.00 4.95  ? 53  ILE A CG2 1 
ATOM   374  C  CD1 . ILE A 1 53  ? -6.555  -2.076  7.341   1.00 5.39  ? 53  ILE A CD1 1 
ATOM   375  N  N   . ALA A 1 54  ? -7.257  -6.272  5.210   1.00 5.17  ? 54  ALA A N   1 
ATOM   376  C  CA  . ALA A 1 54  ? -8.564  -6.801  4.920   1.00 5.43  ? 54  ALA A CA  1 
ATOM   377  C  C   . ALA A 1 54  ? -9.616  -5.863  5.465   1.00 5.81  ? 54  ALA A C   1 
ATOM   378  O  O   . ALA A 1 54  ? -9.669  -5.633  6.677   1.00 5.43  ? 54  ALA A O   1 
ATOM   379  C  CB  . ALA A 1 54  ? -8.707  -8.179  5.549   1.00 5.53  ? 54  ALA A CB  1 
ATOM   380  N  N   . TRP A 1 55  ? -10.465 -5.333  4.599   1.00 6.26  ? 55  TRP A N   1 
ATOM   381  C  CA  . TRP A 1 55  ? -11.437 -4.312  5.016   1.00 6.82  ? 55  TRP A CA  1 
ATOM   382  C  C   . TRP A 1 55  ? -12.353 -4.754  6.173   1.00 7.64  ? 55  TRP A C   1 
ATOM   383  O  O   . TRP A 1 55  ? -12.560 -4.002  7.131   1.00 8.04  ? 55  TRP A O   1 
ATOM   384  C  CB  . TRP A 1 55  ? -12.303 -3.868  3.807   1.00 6.67  ? 55  TRP A CB  1 
ATOM   385  C  CG  . TRP A 1 55  ? -12.931 -2.552  4.073   1.00 6.79  ? 55  TRP A CG  1 
ATOM   386  C  CD1 . TRP A 1 55  ? -14.107 -2.328  4.690   1.00 6.93  ? 55  TRP A CD1 1 
ATOM   387  C  CD2 . TRP A 1 55  ? -12.409 -1.265  3.710   1.00 7.00  ? 55  TRP A CD2 1 
ATOM   388  N  NE1 . TRP A 1 55  ? -14.351 -0.965  4.764   1.00 7.13  ? 55  TRP A NE1 1 
ATOM   389  C  CE2 . TRP A 1 55  ? -13.316 -0.298  4.177   1.00 7.35  ? 55  TRP A CE2 1 
ATOM   390  C  CE3 . TRP A 1 55  ? -11.255 -0.842  3.054   1.00 7.28  ? 55  TRP A CE3 1 
ATOM   391  C  CZ2 . TRP A 1 55  ? -13.104 1.083   3.978   1.00 7.70  ? 55  TRP A CZ2 1 
ATOM   392  C  CZ3 . TRP A 1 55  ? -11.053 0.519   2.871   1.00 7.67  ? 55  TRP A CZ3 1 
ATOM   393  C  CH2 . TRP A 1 55  ? -11.964 1.447   3.322   1.00 7.78  ? 55  TRP A CH2 1 
ATOM   394  N  N   . SER A 1 56  ? -12.904 -5.963  6.107   1.00 8.52  ? 56  SER A N   1 
ATOM   395  C  CA  . SER A 1 56  ? -13.944 -6.369  7.081   1.00 9.58  ? 56  SER A CA  1 
ATOM   396  C  C   . SER A 1 56  ? -13.409 -6.488  8.503   1.00 9.63  ? 56  SER A C   1 
ATOM   397  O  O   . SER A 1 56  ? -14.034 -6.021  9.449   1.00 10.33 ? 56  SER A O   1 
ATOM   398  C  CB  . SER A 1 56  ? -14.563 -7.679  6.661   1.00 10.22 ? 56  SER A CB  1 
ATOM   399  O  OG  . SER A 1 56  ? -13.593 -8.694  6.553   1.00 11.75 ? 56  SER A OG  1 
ATOM   400  N  N   . SER A 1 57  ? -12.215 -7.037  8.619   1.00 9.27  ? 57  SER A N   1 
ATOM   401  C  CA  . SER A 1 57  ? -11.614 -7.366  9.914   1.00 9.19  ? 57  SER A CA  1 
ATOM   402  C  C   . SER A 1 57  ? -10.573 -6.363  10.390  1.00 9.06  ? 57  SER A C   1 
ATOM   403  O  O   . SER A 1 57  ? -10.180 -6.396  11.560  1.00 9.13  ? 57  SER A O   1 
ATOM   404  C  CB  . SER A 1 57  ? -10.935 -8.726  9.809   1.00 9.26  ? 57  SER A CB  1 
ATOM   405  O  OG  . SER A 1 57  ? -9.941  -8.703  8.805   1.00 9.45  ? 57  SER A OG  1 
ATOM   406  N  N   . SER A 1 58  ? -10.083 -5.529  9.466   1.00 8.70  ? 58  SER A N   1 
ATOM   407  C  CA  . SER A 1 58  ? -8.933  -4.658  9.656   1.00 8.96  ? 58  SER A CA  1 
ATOM   408  C  C   . SER A 1 58  ? -7.633  -5.427  9.890   1.00 8.71  ? 58  SER A C   1 
ATOM   409  O  O   . SER A 1 58  ? -6.645  -4.824  10.304  1.00 9.27  ? 58  SER A O   1 
ATOM   410  C  CB  . SER A 1 58  ? -9.144  -3.607  10.771  1.00 9.72  ? 58  SER A CB  1 
ATOM   411  O  OG  . SER A 1 58  ? -10.323 -2.859  10.506  1.00 11.67 ? 58  SER A OG  1 
ATOM   412  N  N   . ASP A 1 59  ? -7.620  -6.729  9.607   1.00 8.16  ? 59  ASP A N   1 
ATOM   413  C  CA  . ASP A 1 59  ? -6.400  -7.521  9.690   1.00 8.15  ? 59  ASP A CA  1 
ATOM   414  C  C   . ASP A 1 59  ? -5.365  -6.973  8.708   1.00 7.30  ? 59  ASP A C   1 
ATOM   415  O  O   . ASP A 1 59  ? -5.715  -6.593  7.585   1.00 7.12  ? 59  ASP A O   1 
ATOM   416  C  CB  . ASP A 1 59  ? -6.649  -8.973  9.322   1.00 8.68  ? 59  ASP A CB  1 
ATOM   417  C  CG  . ASP A 1 59  ? -7.545  -9.699  10.290  1.00 9.41  ? 59  ASP A CG  1 
ATOM   418  O  OD1 . ASP A 1 59  ? -7.891  -9.159  11.355  1.00 9.93  ? 59  ASP A OD1 1 
ATOM   419  O  OD2 . ASP A 1 59  ? -7.886  -10.840 9.946   1.00 10.61 ? 59  ASP A OD2 1 
ATOM   420  N  N   . THR A 1 60  ? -4.097  -6.999  9.096   1.00 6.67  ? 60  THR A N   1 
ATOM   421  C  CA  . THR A 1 60  ? -3.004  -6.513  8.254   1.00 6.34  ? 60  THR A CA  1 
ATOM   422  C  C   . THR A 1 60  ? -1.877  -7.576  8.174   1.00 6.40  ? 60  THR A C   1 
ATOM   423  O  O   . THR A 1 60  ? -1.731  -8.427  9.063   1.00 6.61  ? 60  THR A O   1 
ATOM   424  C  CB  . THR A 1 60  ? -2.414  -5.177  8.759   1.00 6.29  ? 60  THR A CB  1 
ATOM   425  O  OG1 . THR A 1 60  ? -1.928  -5.376  10.100  1.00 6.30  ? 60  THR A OG1 1 
ATOM   426  C  CG2 . THR A 1 60  ? -3.444  -4.050  8.693   1.00 6.25  ? 60  THR A CG2 1 
ATOM   427  N  N   . TRP A 1 61  ? -1.090  -7.499  7.112   1.00 6.12  ? 61  TRP A N   1 
ATOM   428  C  CA  . TRP A 1 61  ? 0.076   -8.344  6.926   1.00 6.11  ? 61  TRP A CA  1 
ATOM   429  C  C   . TRP A 1 61  ? 1.091   -7.556  6.131   1.00 6.41  ? 61  TRP A C   1 
ATOM   430  O  O   . TRP A 1 61  ? 0.721   -6.681  5.346   1.00 6.47  ? 61  TRP A O   1 
ATOM   431  C  CB  . TRP A 1 61  ? -0.293  -9.681  6.281   1.00 5.87  ? 61  TRP A CB  1 
ATOM   432  C  CG  . TRP A 1 61  ? -1.016  -9.554  4.950   1.00 5.76  ? 61  TRP A CG  1 
ATOM   433  C  CD1 . TRP A 1 61  ? -0.481  -9.717  3.728   1.00 5.61  ? 61  TRP A CD1 1 
ATOM   434  C  CD2 . TRP A 1 61  ? -2.396  -9.192  4.742   1.00 5.53  ? 61  TRP A CD2 1 
ATOM   435  N  NE1 . TRP A 1 61  ? -1.422  -9.493  2.753   1.00 5.45  ? 61  TRP A NE1 1 
ATOM   436  C  CE2 . TRP A 1 61  ? -2.609  -9.163  3.353   1.00 5.49  ? 61  TRP A CE2 1 
ATOM   437  C  CE3 . TRP A 1 61  ? -3.480  -8.920  5.592   1.00 5.77  ? 61  TRP A CE3 1 
ATOM   438  C  CZ2 . TRP A 1 61  ? -3.853  -8.840  2.798   1.00 5.60  ? 61  TRP A CZ2 1 
ATOM   439  C  CZ3 . TRP A 1 61  ? -4.697  -8.593  5.037   1.00 5.68  ? 61  TRP A CZ3 1 
ATOM   440  C  CH2 . TRP A 1 61  ? -4.869  -8.548  3.660   1.00 5.57  ? 61  TRP A CH2 1 
ATOM   441  N  N   . TYR A 1 62  ? 2.371   -7.826  6.363   1.00 6.88  ? 62  TYR A N   1 
ATOM   442  C  CA  . TYR A 1 62  ? 3.437   -7.009  5.825   1.00 7.65  ? 62  TYR A CA  1 
ATOM   443  C  C   . TYR A 1 62  ? 4.613   -7.819  5.345   1.00 8.55  ? 62  TYR A C   1 
ATOM   444  O  O   . TYR A 1 62  ? 4.842   -8.954  5.805   1.00 9.52  ? 62  TYR A O   1 
ATOM   445  C  CB  . TYR A 1 62  ? 3.960   -6.033  6.889   1.00 7.39  ? 62  TYR A CB  1 
ATOM   446  C  CG  . TYR A 1 62  ? 2.931   -5.051  7.376   1.00 7.38  ? 62  TYR A CG  1 
ATOM   447  C  CD1 . TYR A 1 62  ? 2.743   -3.839  6.723   1.00 7.20  ? 62  TYR A CD1 1 
ATOM   448  C  CD2 . TYR A 1 62  ? 2.133   -5.331  8.479   1.00 7.24  ? 62  TYR A CD2 1 
ATOM   449  C  CE1 . TYR A 1 62  ? 1.796   -2.923  7.165   1.00 7.16  ? 62  TYR A CE1 1 
ATOM   450  C  CE2 . TYR A 1 62  ? 1.169   -4.427  8.909   1.00 7.42  ? 62  TYR A CE2 1 
ATOM   451  C  CZ  . TYR A 1 62  ? 1.012   -3.220  8.243   1.00 7.27  ? 62  TYR A CZ  1 
ATOM   452  O  OH  . TYR A 1 62  ? 0.085   -2.311  8.688   1.00 7.37  ? 62  TYR A OH  1 
ATOM   453  N  N   . ALA A 1 63  ? 5.381   -7.208  4.451   1.00 9.03  ? 63  ALA A N   1 
ATOM   454  C  CA  . ALA A 1 63  ? 6.688   -7.724  4.064   1.00 10.18 ? 63  ALA A CA  1 
ATOM   455  C  C   . ALA A 1 63  ? 7.682   -7.449  5.173   1.00 11.52 ? 63  ALA A C   1 
ATOM   456  O  O   . ALA A 1 63  ? 7.618   -6.411  5.846   1.00 11.82 ? 63  ALA A O   1 
ATOM   457  C  CB  . ALA A 1 63  ? 7.166   -7.064  2.810   1.00 10.04 ? 63  ALA A CB  1 
ATOM   458  N  N   . ASP A 1 64  ? 8.633   -8.370  5.307   1.00 13.36 ? 64  ASP A N   1 
ATOM   459  C  CA  . ASP A 1 64  ? 9.728   -8.224  6.278   1.00 14.24 ? 64  ASP A CA  1 
ATOM   460  C  C   . ASP A 1 64  ? 10.485  -6.904  6.160   1.00 14.53 ? 64  ASP A C   1 
ATOM   461  O  O   . ASP A 1 64  ? 10.822  -6.315  7.178   1.00 15.51 ? 64  ASP A O   1 
ATOM   462  C  CB  . ASP A 1 64  ? 10.706  -9.404  6.164   1.00 15.76 ? 64  ASP A CB  1 
ATOM   463  C  CG  . ASP A 1 64  ? 10.097  -10.726 6.602   1.00 17.77 ? 64  ASP A CG  1 
ATOM   464  O  OD1 . ASP A 1 64  ? 9.007   -10.732 7.204   1.00 19.75 ? 64  ASP A OD1 1 
ATOM   465  O  OD2 . ASP A 1 64  ? 10.743  -11.773 6.364   1.00 19.68 ? 64  ASP A OD2 1 
ATOM   466  N  N   . SER A 1 65  ? 10.702  -6.410  4.934   1.00 14.82 ? 65  SER A N   1 
ATOM   467  C  CA  . SER A 1 65  ? 11.471  -5.177  4.720   1.00 15.54 ? 65  SER A CA  1 
ATOM   468  C  C   . SER A 1 65  ? 10.859  -3.860  5.278   1.00 14.69 ? 65  SER A C   1 
ATOM   469  O  O   . SER A 1 65  ? 11.545  -2.850  5.351   1.00 14.61 ? 65  SER A O   1 
ATOM   470  C  CB  . SER A 1 65  ? 11.762  -5.003  3.226   1.00 16.67 ? 65  SER A CB  1 
ATOM   471  O  OG  . SER A 1 65  ? 10.581  -4.843  2.465   1.00 18.95 ? 65  SER A OG  1 
ATOM   472  N  N   . VAL A 1 66  ? 9.590   -3.880  5.670   1.00 14.00 ? 66  VAL A N   1 
ATOM   473  C  CA  . VAL A 1 66  ? 8.901   -2.676  6.138   1.00 13.84 ? 66  VAL A CA  1 
ATOM   474  C  C   . VAL A 1 66  ? 8.223   -2.879  7.488   1.00 13.40 ? 66  VAL A C   1 
ATOM   475  O  O   . VAL A 1 66  ? 7.598   -1.954  8.016   1.00 12.77 ? 66  VAL A O   1 
ATOM   476  C  CB  . VAL A 1 66  ? 7.839   -2.233  5.100   1.00 13.98 ? 66  VAL A CB  1 
ATOM   477  C  CG1 . VAL A 1 66  ? 8.531   -1.939  3.763   1.00 13.88 ? 66  VAL A CG1 1 
ATOM   478  C  CG2 . VAL A 1 66  ? 6.744   -3.289  4.952   1.00 14.61 ? 66  VAL A CG2 1 
ATOM   479  N  N   . LYS A 1 67  ? 8.341   -4.085  8.065   1.00 14.57 ? 67  LYS A N   1 
ATOM   480  C  CA  . LYS A 1 67  ? 7.593   -4.411  9.295   1.00 16.52 ? 67  LYS A CA  1 
ATOM   481  C  C   . LYS A 1 67  ? 7.910   -3.427  10.408  1.00 15.55 ? 67  LYS A C   1 
ATOM   482  O  O   . LYS A 1 67  ? 9.081   -3.131  10.623  1.00 16.01 ? 67  LYS A O   1 
ATOM   483  C  CB  . LYS A 1 67  ? 7.896   -5.842  9.770   1.00 18.57 ? 67  LYS A CB  1 
ATOM   484  C  CG  . LYS A 1 67  ? 7.061   -6.940  9.107   1.00 20.44 ? 67  LYS A CG  1 
ATOM   485  C  CD  . LYS A 1 67  ? 7.406   -8.360  9.588   1.00 23.08 ? 67  LYS A CD  1 
ATOM   486  C  CE  . LYS A 1 67  ? 8.888   -8.552  9.937   1.00 25.16 ? 67  LYS A CE  1 
ATOM   487  N  NZ  . LYS A 1 67  ? 9.318   -9.974  10.182  1.00 26.48 ? 67  LYS A NZ  1 
ATOM   488  N  N   . GLY A 1 68  ? 6.867   -2.929  11.074  1.00 14.31 ? 68  GLY A N   1 
ATOM   489  C  CA  . GLY A 1 68  ? 6.980   -1.939  12.142  1.00 14.35 ? 68  GLY A CA  1 
ATOM   490  C  C   . GLY A 1 68  ? 7.152   -0.515  11.674  1.00 13.55 ? 68  GLY A C   1 
ATOM   491  O  O   . GLY A 1 68  ? 6.762   0.426   12.384  1.00 15.52 ? 68  GLY A O   1 
ATOM   492  N  N   . ARG A 1 69  ? 7.766   -0.325  10.503  1.00 10.99 ? 69  ARG A N   1 
ATOM   493  C  CA  . ARG A 1 69  ? 8.016   1.027   9.983   1.00 10.20 ? 69  ARG A CA  1 
ATOM   494  C  C   . ARG A 1 69  ? 6.856   1.573   9.188   1.00 9.66  ? 69  ARG A C   1 
ATOM   495  O  O   . ARG A 1 69  ? 6.614   2.776   9.208   1.00 9.78  ? 69  ARG A O   1 
ATOM   496  C  CB  . ARG A 1 69  ? 9.214   1.064   9.050   1.00 10.22 ? 69  ARG A CB  1 
ATOM   497  C  CG  . ARG A 1 69  ? 10.538  1.071   9.751   1.00 10.76 ? 69  ARG A CG  1 
ATOM   498  C  CD  . ARG A 1 69  ? 11.634  1.470   8.791   1.00 10.35 ? 69  ARG A CD  1 
ATOM   499  N  NE  . ARG A 1 69  ? 11.676  0.589   7.625   1.00 10.63 ? 69  ARG A NE  1 
ATOM   500  C  CZ  . ARG A 1 69  ? 11.928  1.000   6.380   1.00 11.08 ? 69  ARG A CZ  1 
ATOM   501  N  NH1 . ARG A 1 69  ? 12.159  2.267   6.139   1.00 11.73 ? 69  ARG A NH1 1 
ATOM   502  N  NH2 . ARG A 1 69  ? 11.962  0.123   5.387   1.00 11.62 ? 69  ARG A NH2 1 
ATOM   503  N  N   . PHE A 1 70  ? 6.187   0.687   8.442   1.00 9.43  ? 70  PHE A N   1 
ATOM   504  C  CA  . PHE A 1 70  ? 5.068   1.072   7.567   1.00 9.24  ? 70  PHE A CA  1 
ATOM   505  C  C   . PHE A 1 70  ? 3.787   0.482   8.137   1.00 8.73  ? 70  PHE A C   1 
ATOM   506  O  O   . PHE A 1 70  ? 3.786   -0.662  8.500   1.00 8.23  ? 70  PHE A O   1 
ATOM   507  C  CB  . PHE A 1 70  ? 5.267   0.548   6.152   1.00 10.23 ? 70  PHE A CB  1 
ATOM   508  C  CG  . PHE A 1 70  ? 6.401   1.205   5.388   1.00 11.20 ? 70  PHE A CG  1 
ATOM   509  C  CD1 . PHE A 1 70  ? 7.378   1.994   6.008   1.00 12.43 ? 70  PHE A CD1 1 
ATOM   510  C  CD2 . PHE A 1 70  ? 6.493   1.040   4.027   1.00 13.14 ? 70  PHE A CD2 1 
ATOM   511  C  CE1 . PHE A 1 70  ? 8.416   2.569   5.280   1.00 13.38 ? 70  PHE A CE1 1 
ATOM   512  C  CE2 . PHE A 1 70  ? 7.541   1.606   3.305   1.00 13.22 ? 70  PHE A CE2 1 
ATOM   513  C  CZ  . PHE A 1 70  ? 8.487   2.370   3.923   1.00 13.55 ? 70  PHE A CZ  1 
ATOM   514  N  N   . THR A 1 71  ? 2.731   1.290   8.218   1.00 8.15  ? 71  THR A N   1 
ATOM   515  C  CA  . THR A 1 71  ? 1.461   0.865   8.810   1.00 8.33  ? 71  THR A CA  1 
ATOM   516  C  C   . THR A 1 71  ? 0.336   1.245   7.854   1.00 7.86  ? 71  THR A C   1 
ATOM   517  O  O   . THR A 1 71  ? 0.237   2.394   7.446   1.00 7.53  ? 71  THR A O   1 
ATOM   518  C  CB  . THR A 1 71  ? 1.203   1.550   10.153  1.00 8.88  ? 71  THR A CB  1 
ATOM   519  O  OG1 . THR A 1 71  ? 2.347   1.337   11.000  1.00 9.75  ? 71  THR A OG1 1 
ATOM   520  C  CG2 . THR A 1 71  ? -0.065  1.031   10.854  1.00 9.13  ? 71  THR A CG2 1 
ATOM   521  N  N   . ILE A 1 72  ? -0.475  0.255   7.500   1.00 7.17  ? 72  ILE A N   1 
ATOM   522  C  CA  . ILE A 1 72  ? -1.650  0.494   6.680   1.00 7.19  ? 72  ILE A CA  1 
ATOM   523  C  C   . ILE A 1 72  ? -2.878  0.515   7.574   1.00 7.36  ? 72  ILE A C   1 
ATOM   524  O  O   . ILE A 1 72  ? -3.030  -0.319  8.439   1.00 7.67  ? 72  ILE A O   1 
ATOM   525  C  CB  . ILE A 1 72  ? -1.837  -0.621  5.632   1.00 7.57  ? 72  ILE A CB  1 
ATOM   526  C  CG1 . ILE A 1 72  ? -0.638  -0.709  4.718   1.00 7.97  ? 72  ILE A CG1 1 
ATOM   527  C  CG2 . ILE A 1 72  ? -3.097  -0.370  4.840   1.00 7.40  ? 72  ILE A CG2 1 
ATOM   528  C  CD1 . ILE A 1 72  ? -0.552  -2.032  3.971   1.00 8.40  ? 72  ILE A CD1 1 
ATOM   529  N  N   . SER A 1 73  ? -3.738  1.502   7.369   1.00 7.12  ? 73  SER A N   1 
ATOM   530  C  CA  . SER A 1 73  ? -4.967  1.635   8.158   1.00 7.73  ? 73  SER A CA  1 
ATOM   531  C  C   . SER A 1 73  ? -6.133  2.056   7.296   1.00 7.40  ? 73  SER A C   1 
ATOM   532  O  O   . SER A 1 73  ? -5.950  2.711   6.272   1.00 6.95  ? 73  SER A O   1 
ATOM   533  C  CB  . SER A 1 73  ? -4.793  2.661   9.274   1.00 7.85  ? 73  SER A CB  1 
ATOM   534  O  OG  . SER A 1 73  ? -4.485  3.956   8.826   1.00 9.32  ? 73  SER A OG  1 
ATOM   535  N  N   . LYS A 1 74  ? -7.343  1.658   7.709   1.00 7.77  ? 74  LYS A N   1 
ATOM   536  C  CA  . LYS A 1 74  ? -8.589  2.083   7.050   1.00 8.56  ? 74  LYS A CA  1 
ATOM   537  C  C   . LYS A 1 74  ? -8.959  3.479   7.503   1.00 8.22  ? 74  LYS A C   1 
ATOM   538  O  O   . LYS A 1 74  ? -8.908  3.763   8.699   1.00 8.84  ? 74  LYS A O   1 
ATOM   539  C  CB  . LYS A 1 74  ? -9.731  1.187   7.456   1.00 9.78  ? 74  LYS A CB  1 
ATOM   540  C  CG  . LYS A 1 74  ? -9.680  -0.209  6.926   1.00 10.96 ? 74  LYS A CG  1 
ATOM   541  C  CD  . LYS A 1 74  ? -10.697 -1.113  7.618   1.00 12.25 ? 74  LYS A CD  1 
ATOM   542  C  CE  . LYS A 1 74  ? -12.114 -0.595  7.652   1.00 11.57 ? 74  LYS A CE  1 
ATOM   543  N  NZ  . LYS A 1 74  ? -12.980 -1.596  8.396   1.00 11.09 ? 74  LYS A NZ  1 
ATOM   544  N  N   . ASP A 1 75  ? -9.366  4.336   6.566   1.00 7.75  ? 75  ASP A N   1 
ATOM   545  C  CA  . ASP A 1 75  ? -9.818  5.691   6.908   1.00 8.16  ? 75  ASP A CA  1 
ATOM   546  C  C   . ASP A 1 75  ? -11.109 5.639   7.696   1.00 8.83  ? 75  ASP A C   1 
ATOM   547  O  O   . ASP A 1 75  ? -12.043 4.906   7.336   1.00 9.16  ? 75  ASP A O   1 
ATOM   548  C  CB  . ASP A 1 75  ? -10.111 6.518   5.647   1.00 8.35  ? 75  ASP A CB  1 
ATOM   549  C  CG  . ASP A 1 75  ? -8.914  6.748   4.772   1.00 8.68  ? 75  ASP A CG  1 
ATOM   550  O  OD1 . ASP A 1 75  ? -7.769  6.364   5.103   1.00 9.49  ? 75  ASP A OD1 1 
ATOM   551  O  OD2 . ASP A 1 75  ? -9.148  7.287   3.676   1.00 8.91  ? 75  ASP A OD2 1 
ATOM   552  N  N   . ASP A 1 76  ? -11.153 6.408   8.775   1.00 9.80  ? 76  ASP A N   1 
ATOM   553  C  CA  . ASP A 1 76  ? -12.353 6.503   9.616   1.00 11.31 ? 76  ASP A CA  1 
ATOM   554  C  C   . ASP A 1 76  ? -13.475 7.305   8.932   1.00 9.93  ? 76  ASP A C   1 
ATOM   555  O  O   . ASP A 1 76  ? -14.671 7.111   9.243   1.00 9.34  ? 76  ASP A O   1 
ATOM   556  C  CB  . ASP A 1 76  ? -12.017 7.223   10.942  1.00 14.22 ? 76  ASP A CB  1 
ATOM   557  C  CG  . ASP A 1 76  ? -11.195 6.383   11.873  1.00 18.75 ? 76  ASP A CG  1 
ATOM   558  O  OD1 . ASP A 1 76  ? -11.019 5.163   11.599  1.00 24.04 ? 76  ASP A OD1 1 
ATOM   559  O  OD2 . ASP A 1 76  ? -10.743 6.942   12.904  1.00 25.13 ? 76  ASP A OD2 1 
ATOM   560  N  N   . ALA A 1 77  ? -13.092 8.248   8.068   1.00 8.38  ? 77  ALA A N   1 
ATOM   561  C  CA  . ALA A 1 77  ? -14.061 9.162   7.453   1.00 7.58  ? 77  ALA A CA  1 
ATOM   562  C  C   . ALA A 1 77  ? -13.807 9.393   5.968   1.00 6.90  ? 77  ALA A C   1 
ATOM   563  O  O   . ALA A 1 77  ? -13.971 10.491  5.468   1.00 6.78  ? 77  ALA A O   1 
ATOM   564  C  CB  . ALA A 1 77  ? -14.054 10.500  8.180   1.00 7.69  ? 77  ALA A CB  1 
ATOM   565  N  N   . ALA A 1 78  ? -13.355 8.367   5.269   1.00 6.23  ? 78  ALA A N   1 
ATOM   566  C  CA  . ALA A 1 78  ? -13.350 8.335   3.832   1.00 5.72  ? 78  ALA A CA  1 
ATOM   567  C  C   . ALA A 1 78  ? -13.342 6.869   3.386   1.00 5.56  ? 78  ALA A C   1 
ATOM   568  O  O   . ALA A 1 78  ? -13.130 5.968   4.202   1.00 5.31  ? 78  ALA A O   1 
ATOM   569  C  CB  . ALA A 1 78  ? -12.127 9.054   3.295   1.00 5.84  ? 78  ALA A CB  1 
ATOM   570  N  N   . ASN A 1 79  ? -13.535 6.671   2.085   1.00 5.47  ? 79  ASN A N   1 
ATOM   571  C  CA  . ASN A 1 79  ? -13.519 5.339   1.499   1.00 5.58  ? 79  ASN A CA  1 
ATOM   572  C  C   . ASN A 1 79  ? -12.131 5.074   0.963   1.00 5.56  ? 79  ASN A C   1 
ATOM   573  O  O   . ASN A 1 79  ? -11.938 5.042   -0.228  1.00 6.36  ? 79  ASN A O   1 
ATOM   574  C  CB  . ASN A 1 79  ? -14.585 5.243   0.409   1.00 5.59  ? 79  ASN A CB  1 
ATOM   575  C  CG  . ASN A 1 79  ? -14.701 3.849   -0.194  1.00 5.52  ? 79  ASN A CG  1 
ATOM   576  O  OD1 . ASN A 1 79  ? -14.900 2.864   0.514   1.00 6.00  ? 79  ASN A OD1 1 
ATOM   577  N  ND2 . ASN A 1 79  ? -14.611 3.772   -1.524  1.00 5.32  ? 79  ASN A ND2 1 
ATOM   578  N  N   . GLY A 1 80  ? -11.176 4.897   1.860   1.00 5.53  ? 80  GLY A N   1 
ATOM   579  C  CA  . GLY A 1 80  ? -9.783  4.793   1.483   1.00 5.27  ? 80  GLY A CA  1 
ATOM   580  C  C   . GLY A 1 80  ? -8.952  4.252   2.622   1.00 5.22  ? 80  GLY A C   1 
ATOM   581  O  O   . GLY A 1 80  ? -9.474  3.933   3.690   1.00 5.34  ? 80  GLY A O   1 
ATOM   582  N  N   . VAL A 1 81  ? -7.649  4.147   2.351   1.00 5.42  ? 81  VAL A N   1 
ATOM   583  C  CA  . VAL A 1 81  ? -6.683  3.725   3.343   1.00 5.59  ? 81  VAL A CA  1 
ATOM   584  C  C   . VAL A 1 81  ? -5.544  4.709   3.363   1.00 6.11  ? 81  VAL A C   1 
ATOM   585  O  O   . VAL A 1 81  ? -5.372  5.504   2.443   1.00 6.37  ? 81  VAL A O   1 
ATOM   586  C  CB  . VAL A 1 81  ? -6.143  2.306   3.056   1.00 5.56  ? 81  VAL A CB  1 
ATOM   587  C  CG1 . VAL A 1 81  ? -7.286  1.293   3.012   1.00 5.40  ? 81  VAL A CG1 1 
ATOM   588  C  CG2 . VAL A 1 81  ? -5.340  2.250   1.770   1.00 5.60  ? 81  VAL A CG2 1 
ATOM   589  N  N   . HIS A 1 82  ? -4.751  4.634   4.424   1.00 6.62  ? 82  HIS A N   1 
ATOM   590  C  CA  . HIS A 1 82  ? -3.477  5.325   4.471   1.00 7.38  ? 82  HIS A CA  1 
ATOM   591  C  C   . HIS A 1 82  ? -2.337  4.340   4.586   1.00 7.06  ? 82  HIS A C   1 
ATOM   592  O  O   . HIS A 1 82  ? -2.470  3.292   5.246   1.00 6.43  ? 82  HIS A O   1 
ATOM   593  C  CB  . HIS A 1 82  ? -3.419  6.298   5.649   1.00 8.66  ? 82  HIS A CB  1 
ATOM   594  C  CG  . HIS A 1 82  ? -4.323  7.484   5.496   1.00 10.18 ? 82  HIS A CG  1 
ATOM   595  N  ND1 . HIS A 1 82  ? -5.396  7.717   6.328   1.00 12.09 ? 82  HIS A ND1 1 
ATOM   596  C  CD2 . HIS A 1 82  ? -4.326  8.488   4.592   1.00 11.38 ? 82  HIS A CD2 1 
ATOM   597  C  CE1 . HIS A 1 82  ? -6.000  8.837   5.965   1.00 12.14 ? 82  HIS A CE1 1 
ATOM   598  N  NE2 . HIS A 1 82  ? -5.392  9.309   4.896   1.00 12.08 ? 82  HIS A NE2 1 
ATOM   599  N  N   . LEU A 1 83  ? -1.194  4.720   3.999   1.00 6.71  ? 83  LEU A N   1 
ATOM   600  C  CA  . LEU A 1 83  ? 0.069   4.065   4.255   1.00 7.25  ? 83  LEU A CA  1 
ATOM   601  C  C   . LEU A 1 83  ? 0.950   5.064   4.982   1.00 7.15  ? 83  LEU A C   1 
ATOM   602  O  O   . LEU A 1 83  ? 1.436   6.032   4.392   1.00 6.98  ? 83  LEU A O   1 
ATOM   603  C  CB  . LEU A 1 83  ? 0.751   3.569   2.976   1.00 7.48  ? 83  LEU A CB  1 
ATOM   604  C  CG  . LEU A 1 83  ? 2.113   2.884   3.117   1.00 7.91  ? 83  LEU A CG  1 
ATOM   605  C  CD1 . LEU A 1 83  ? 1.927   1.560   3.828   1.00 7.90  ? 83  LEU A CD1 1 
ATOM   606  C  CD2 . LEU A 1 83  ? 2.812   2.710   1.769   1.00 8.39  ? 83  LEU A CD2 1 
ATOM   607  N  N   . GLN A 1 84  ? 1.183   4.810   6.269   1.00 7.87  ? 84  GLN A N   1 
ATOM   608  C  CA  . GLN A 1 84  ? 2.095   5.646   7.045   1.00 9.56  ? 84  GLN A CA  1 
ATOM   609  C  C   . GLN A 1 84  ? 3.474   5.048   6.897   1.00 9.67  ? 84  GLN A C   1 
ATOM   610  O  O   . GLN A 1 84  ? 3.705   3.914   7.313   1.00 9.14  ? 84  GLN A O   1 
ATOM   611  C  CB  . GLN A 1 84  ? 1.689   5.673   8.531   1.00 11.55 ? 84  GLN A CB  1 
ATOM   612  C  CG  . GLN A 1 84  ? 2.582   6.563   9.383   1.00 14.26 ? 84  GLN A CG  1 
ATOM   613  C  CD  . GLN A 1 84  ? 2.379   8.058   9.112   1.00 16.93 ? 84  GLN A CD  1 
ATOM   614  O  OE1 . GLN A 1 84  ? 1.313   8.639   9.420   1.00 22.32 ? 84  GLN A OE1 1 
ATOM   615  N  NE2 . GLN A 1 84  ? 3.408   8.703   8.562   1.00 20.37 ? 84  GLN A NE2 1 
ATOM   616  N  N   . MET A 1 85  ? 4.409   5.814   6.348   1.00 10.32 ? 85  MET A N   1 
ATOM   617  C  CA  . MET A 1 85  ? 5.766   5.326   6.084   1.00 11.93 ? 85  MET A CA  1 
ATOM   618  C  C   . MET A 1 85  ? 6.695   6.067   7.016   1.00 12.69 ? 85  MET A C   1 
ATOM   619  O  O   . MET A 1 85  ? 6.865   7.276   6.878   1.00 15.20 ? 85  MET A O   1 
ATOM   620  C  CB  . MET A 1 85  ? 6.158   5.625   4.629   1.00 13.59 ? 85  MET A CB  1 
ATOM   621  C  CG  . MET A 1 85  ? 5.144   5.203   3.585   1.00 14.80 ? 85  MET A CG  1 
ATOM   622  S  SD  . MET A 1 85  ? 5.338   5.942   1.898   1.00 17.79 ? 85  MET A SD  1 
ATOM   623  C  CE  . MET A 1 85  ? 7.070   5.728   1.562   1.00 18.12 ? 85  MET A CE  1 
ATOM   624  N  N   . SER A 1 86  ? 7.250   5.376   8.003   1.00 12.03 ? 86  SER A N   1 
ATOM   625  C  CA  . SER A 1 86  ? 8.139   6.035   8.979   1.00 12.02 ? 86  SER A CA  1 
ATOM   626  C  C   . SER A 1 86  ? 9.587   5.610   8.780   1.00 10.79 ? 86  SER A C   1 
ATOM   627  O  O   . SER A 1 86  ? 9.866   4.606   8.159   1.00 9.99  ? 86  SER A O   1 
ATOM   628  C  CB  . SER A 1 86  ? 7.683   5.681   10.392  1.00 13.25 ? 86  SER A CB  1 
ATOM   629  O  OG  . SER A 1 86  ? 6.442   6.321   10.652  1.00 17.12 ? 86  SER A OG  1 
ATOM   630  N  N   . SER A 1 87  ? 10.500  6.381   9.352   1.00 10.22 ? 87  SER A N   1 
ATOM   631  C  CA  . SER A 1 87  ? 11.932  6.083   9.372   1.00 10.53 ? 87  SER A CA  1 
ATOM   632  C  C   . SER A 1 87  ? 12.457  5.687   8.011   1.00 9.69  ? 87  SER A C   1 
ATOM   633  O  O   . SER A 1 87  ? 13.059  4.614   7.843   1.00 9.65  ? 87  SER A O   1 
ATOM   634  C  CB  . SER A 1 87  ? 12.239  5.019   10.401  1.00 11.40 ? 87  SER A CB  1 
ATOM   635  O  OG  . SER A 1 87  ? 11.688  5.391   11.661  1.00 12.84 ? 87  SER A OG  1 
ATOM   636  N  N   . LEU A 1 88  ? 12.218  6.577   7.049   1.00 9.42  ? 88  LEU A N   1 
ATOM   637  C  CA  . LEU A 1 88  ? 12.534  6.276   5.660   1.00 9.61  ? 88  LEU A CA  1 
ATOM   638  C  C   . LEU A 1 88  ? 14.035  6.348   5.447   1.00 10.08 ? 88  LEU A C   1 
ATOM   639  O  O   . LEU A 1 88  ? 14.762  7.110   6.133   1.00 10.50 ? 88  LEU A O   1 
ATOM   640  C  CB  . LEU A 1 88  ? 11.767  7.191   4.715   1.00 9.69  ? 88  LEU A CB  1 
ATOM   641  C  CG  . LEU A 1 88  ? 10.273  6.894   4.568   1.00 9.79  ? 88  LEU A CG  1 
ATOM   642  C  CD1 . LEU A 1 88  ? 9.537   8.057   3.900   1.00 10.06 ? 88  LEU A CD1 1 
ATOM   643  C  CD2 . LEU A 1 88  ? 10.047  5.579   3.819   1.00 9.80  ? 88  LEU A CD2 1 
ATOM   644  N  N   . LYS A 1 89  ? 14.505  5.500   4.542   1.00 10.35 ? 89  LYS A N   1 
ATOM   645  C  CA  . LYS A 1 89  ? 15.917  5.439   4.195   1.00 11.14 ? 89  LYS A CA  1 
ATOM   646  C  C   . LYS A 1 89  ? 16.032  5.474   2.674   1.00 9.85  ? 89  LYS A C   1 
ATOM   647  O  O   . LYS A 1 89  ? 15.056  5.209   1.973   1.00 8.64  ? 89  LYS A O   1 
ATOM   648  C  CB  . LYS A 1 89  ? 16.581  4.192   4.773   1.00 13.60 ? 89  LYS A CB  1 
ATOM   649  C  CG  . LYS A 1 89  ? 15.920  2.891   4.412   1.00 16.49 ? 89  LYS A CG  1 
ATOM   650  C  CD  . LYS A 1 89  ? 16.450  1.734   5.244   1.00 19.96 ? 89  LYS A CD  1 
ATOM   651  C  CE  . LYS A 1 89  ? 15.564  0.502   5.104   1.00 21.93 ? 89  LYS A CE  1 
ATOM   652  N  NZ  . LYS A 1 89  ? 15.942  -0.592  6.054   1.00 22.94 ? 89  LYS A NZ  1 
ATOM   653  N  N   . PRO A 1 90  ? 17.212  5.815   2.156   1.00 9.41  ? 90  PRO A N   1 
ATOM   654  C  CA  . PRO A 1 90  ? 17.390  5.870   0.695   1.00 9.00  ? 90  PRO A CA  1 
ATOM   655  C  C   . PRO A 1 90  ? 16.931  4.603   -0.055  1.00 9.29  ? 90  PRO A C   1 
ATOM   656  O  O   . PRO A 1 90  ? 16.420  4.707   -1.185  1.00 8.80  ? 90  PRO A O   1 
ATOM   657  C  CB  . PRO A 1 90  ? 18.906  6.100   0.560   1.00 9.41  ? 90  PRO A CB  1 
ATOM   658  C  CG  . PRO A 1 90  ? 19.231  6.902   1.787   1.00 9.55  ? 90  PRO A CG  1 
ATOM   659  C  CD  . PRO A 1 90  ? 18.426  6.253   2.867   1.00 9.66  ? 90  PRO A CD  1 
ATOM   660  N  N   . GLU A 1 91  ? 17.103  3.426   0.546   1.00 9.82  ? 91  GLU A N   1 
ATOM   661  C  CA  . GLU A 1 91  ? 16.705  2.173   -0.077  1.00 11.29 ? 91  GLU A CA  1 
ATOM   662  C  C   . GLU A 1 91  ? 15.189  2.064   -0.273  1.00 9.39  ? 91  GLU A C   1 
ATOM   663  O  O   . GLU A 1 91  ? 14.720  1.155   -0.952  1.00 8.88  ? 91  GLU A O   1 
ATOM   664  C  CB  . GLU A 1 91  ? 17.199  1.004   0.795   1.00 14.84 ? 91  GLU A CB  1 
ATOM   665  C  CG  . GLU A 1 91  ? 16.785  -0.402  0.392   1.00 20.44 ? 91  GLU A CG  1 
ATOM   666  C  CD  . GLU A 1 91  ? 17.471  -1.469  1.261   1.00 24.39 ? 91  GLU A CD  1 
ATOM   667  O  OE1 . GLU A 1 91  ? 17.791  -1.146  2.452   1.00 28.63 ? 91  GLU A OE1 1 
ATOM   668  O  OE2 . GLU A 1 91  ? 17.671  -2.624  0.765   1.00 29.60 ? 91  GLU A OE2 1 
ATOM   669  N  N   . ASP A 1 92  ? 14.406  2.934   0.380   1.00 7.58  ? 92  ASP A N   1 
ATOM   670  C  CA  . ASP A 1 92  ? 12.954  2.936   0.218   1.00 7.40  ? 92  ASP A CA  1 
ATOM   671  C  C   . ASP A 1 92  ? 12.469  3.745   -0.996  1.00 6.49  ? 92  ASP A C   1 
ATOM   672  O  O   . ASP A 1 92  ? 11.287  3.788   -1.260  1.00 6.31  ? 92  ASP A O   1 
ATOM   673  C  CB  . ASP A 1 92  ? 12.279  3.501   1.475   1.00 7.26  ? 92  ASP A CB  1 
ATOM   674  C  CG  . ASP A 1 92  ? 12.552  2.672   2.706   1.00 7.77  ? 92  ASP A CG  1 
ATOM   675  O  OD1 . ASP A 1 92  ? 12.411  1.424   2.695   1.00 7.53  ? 92  ASP A OD1 1 
ATOM   676  O  OD2 . ASP A 1 92  ? 12.880  3.317   3.718   1.00 8.91  ? 92  ASP A OD2 1 
ATOM   677  N  N   . THR A 1 93  ? 13.390  4.353   -1.727  1.00 5.73  ? 93  THR A N   1 
ATOM   678  C  CA  . THR A 1 93  ? 13.087  5.040   -2.968  1.00 5.53  ? 93  THR A CA  1 
ATOM   679  C  C   . THR A 1 93  ? 12.385  4.093   -3.952  1.00 5.20  ? 93  THR A C   1 
ATOM   680  O  O   . THR A 1 93  ? 12.914  3.014   -4.273  1.00 4.82  ? 93  THR A O   1 
ATOM   681  C  CB  . THR A 1 93  ? 14.372  5.572   -3.600  1.00 5.63  ? 93  THR A CB  1 
ATOM   682  O  OG1 . THR A 1 93  ? 14.875  6.617   -2.783  1.00 5.97  ? 93  THR A OG1 1 
ATOM   683  C  CG2 . THR A 1 93  ? 14.111  6.111   -5.000  1.00 5.81  ? 93  THR A CG2 1 
ATOM   684  N  N   . ALA A 1 94  ? 11.198  4.469   -4.400  1.00 5.00  ? 94  ALA A N   1 
ATOM   685  C  CA  . ALA A 1 94  ? 10.397  3.593   -5.246  1.00 4.96  ? 94  ALA A CA  1 
ATOM   686  C  C   . ALA A 1 94  ? 9.171   4.301   -5.734  1.00 4.73  ? 94  ALA A C   1 
ATOM   687  O  O   . ALA A 1 94  ? 8.829   5.376   -5.217  1.00 4.31  ? 94  ALA A O   1 
ATOM   688  C  CB  . ALA A 1 94  ? 9.960   2.372   -4.447  1.00 5.12  ? 94  ALA A CB  1 
ATOM   689  N  N   . VAL A 1 95  ? 8.465   3.677   -6.666  1.00 4.89  ? 95  VAL A N   1 
ATOM   690  C  CA  . VAL A 1 95  ? 7.067   4.061   -6.914  1.00 4.87  ? 95  VAL A CA  1 
ATOM   691  C  C   . VAL A 1 95  ? 6.159   3.174   -6.066  1.00 5.03  ? 95  VAL A C   1 
ATOM   692  O  O   . VAL A 1 95  ? 6.205   1.927   -6.237  1.00 5.27  ? 95  VAL A O   1 
ATOM   693  C  CB  . VAL A 1 95  ? 6.651   3.939   -8.397  1.00 4.96  ? 95  VAL A CB  1 
ATOM   694  C  CG1 . VAL A 1 95  ? 5.199   4.369   -8.561  1.00 4.86  ? 95  VAL A CG1 1 
ATOM   695  C  CG2 . VAL A 1 95  ? 7.590   4.795   -9.245  1.00 4.83  ? 95  VAL A CG2 1 
ATOM   696  N  N   . TYR A 1 96  ? 5.393   3.785   -5.154  1.00 5.15  ? 96  TYR A N   1 
ATOM   697  C  CA  . TYR A 1 96  ? 4.465   3.062   -4.287  1.00 5.21  ? 96  TYR A CA  1 
ATOM   698  C  C   . TYR A 1 96  ? 3.131   2.976   -4.975  1.00 5.35  ? 96  TYR A C   1 
ATOM   699  O  O   . TYR A 1 96  ? 2.606   3.981   -5.469  1.00 5.69  ? 96  TYR A O   1 
ATOM   700  C  CB  . TYR A 1 96  ? 4.357   3.758   -2.912  1.00 5.27  ? 96  TYR A CB  1 
ATOM   701  C  CG  . TYR A 1 96  ? 5.650   3.552   -2.144  1.00 5.18  ? 96  TYR A CG  1 
ATOM   702  C  CD1 . TYR A 1 96  ? 6.817   4.268   -2.442  1.00 5.23  ? 96  TYR A CD1 1 
ATOM   703  C  CD2 . TYR A 1 96  ? 5.723   2.594   -1.150  1.00 5.26  ? 96  TYR A CD2 1 
ATOM   704  C  CE1 . TYR A 1 96  ? 7.994   4.028   -1.770  1.00 5.22  ? 96  TYR A CE1 1 
ATOM   705  C  CE2 . TYR A 1 96  ? 6.882   2.337   -0.476  1.00 5.35  ? 96  TYR A CE2 1 
ATOM   706  C  CZ  . TYR A 1 96  ? 8.038   3.036   -0.772  1.00 5.29  ? 96  TYR A CZ  1 
ATOM   707  O  OH  . TYR A 1 96  ? 9.209   2.751   -0.095  1.00 5.86  ? 96  TYR A OH  1 
ATOM   708  N  N   . TYR A 1 97  ? 2.593   1.757   -5.033  1.00 5.53  ? 97  TYR A N   1 
ATOM   709  C  CA  . TYR A 1 97  ? 1.302   1.491   -5.684  1.00 5.52  ? 97  TYR A CA  1 
ATOM   710  C  C   . TYR A 1 97  ? 0.291   0.960   -4.693  1.00 5.60  ? 97  TYR A C   1 
ATOM   711  O  O   . TYR A 1 97  ? 0.620   0.032   -3.938  1.00 5.52  ? 97  TYR A O   1 
ATOM   712  C  CB  . TYR A 1 97  ? 1.430   0.413   -6.757  1.00 5.74  ? 97  TYR A CB  1 
ATOM   713  C  CG  . TYR A 1 97  ? 2.148   0.902   -7.986  1.00 5.79  ? 97  TYR A CG  1 
ATOM   714  C  CD1 . TYR A 1 97  ? 1.452   1.569   -8.980  1.00 6.05  ? 97  TYR A CD1 1 
ATOM   715  C  CD2 . TYR A 1 97  ? 3.508   0.696   -8.163  1.00 5.76  ? 97  TYR A CD2 1 
ATOM   716  C  CE1 . TYR A 1 97  ? 2.082   2.039   -10.102 1.00 6.10  ? 97  TYR A CE1 1 
ATOM   717  C  CE2 . TYR A 1 97  ? 4.136   1.146   -9.306  1.00 5.86  ? 97  TYR A CE2 1 
ATOM   718  C  CZ  . TYR A 1 97  ? 3.426   1.842   -10.262 1.00 5.95  ? 97  TYR A CZ  1 
ATOM   719  O  OH  . TYR A 1 97  ? 4.002   2.319   -11.425 1.00 6.46  ? 97  TYR A OH  1 
ATOM   720  N  N   . CYS A 1 98  ? -0.909  1.520   -4.762  1.00 6.00  ? 98  CYS A N   1 
ATOM   721  C  CA  . CYS A 1 98  ? -2.079  0.965   -4.104  1.00 6.62  ? 98  CYS A CA  1 
ATOM   722  C  C   . CYS A 1 98  ? -2.709  -0.030  -5.067  1.00 5.71  ? 98  CYS A C   1 
ATOM   723  O  O   . CYS A 1 98  ? -2.750  0.213   -6.270  1.00 5.23  ? 98  CYS A O   1 
ATOM   724  C  CB  . CYS A 1 98  ? -3.050  2.103   -3.785  1.00 8.22  ? 98  CYS A CB  1 
ATOM   725  S  SG  . CYS A 1 98  ? -4.543  1.614   -2.951  1.00 11.60 ? 98  CYS A SG  1 
ATOM   726  N  N   . ALA A 1 99  ? -3.219  -1.132  -4.541  1.00 5.23  ? 99  ALA A N   1 
ATOM   727  C  CA  . ALA A 1 99  ? -3.920  -2.129  -5.328  1.00 4.92  ? 99  ALA A CA  1 
ATOM   728  C  C   . ALA A 1 99  ? -5.066  -2.711  -4.501  1.00 4.86  ? 99  ALA A C   1 
ATOM   729  O  O   . ALA A 1 99  ? -5.051  -2.664  -3.276  1.00 4.78  ? 99  ALA A O   1 
ATOM   730  C  CB  . ALA A 1 99  ? -2.960  -3.220  -5.777  1.00 4.88  ? 99  ALA A CB  1 
ATOM   731  N  N   A SER A 1 100 ? -6.049  -3.280  -5.176  0.50 4.98  ? 100 SER A N   1 
ATOM   732  N  N   B SER A 1 100 ? -6.081  -3.247  -5.156  0.50 4.72  ? 100 SER A N   1 
ATOM   733  C  CA  A SER A 1 100 ? -7.169  -3.877  -4.481  0.50 5.04  ? 100 SER A CA  1 
ATOM   734  C  CA  B SER A 1 100 ? -7.151  -3.896  -4.421  0.50 4.61  ? 100 SER A CA  1 
ATOM   735  C  C   A SER A 1 100 ? -7.626  -5.205  -5.097  0.50 4.98  ? 100 SER A C   1 
ATOM   736  C  C   B SER A 1 100 ? -7.641  -5.190  -5.087  0.50 4.74  ? 100 SER A C   1 
ATOM   737  O  O   A SER A 1 100 ? -7.404  -5.460  -6.273  0.50 4.76  ? 100 SER A O   1 
ATOM   738  O  O   B SER A 1 100 ? -7.442  -5.412  -6.274  0.50 4.55  ? 100 SER A O   1 
ATOM   739  C  CB  A SER A 1 100 ? -8.337  -2.904  -4.425  0.50 5.23  ? 100 SER A CB  1 
ATOM   740  C  CB  B SER A 1 100 ? -8.313  -2.927  -4.163  0.50 4.53  ? 100 SER A CB  1 
ATOM   741  O  OG  A SER A 1 100 ? -9.216  -3.322  -3.417  0.50 5.67  ? 100 SER A OG  1 
ATOM   742  O  OG  B SER A 1 100 ? -9.037  -2.654  -5.346  0.50 4.29  ? 100 SER A OG  1 
ATOM   743  N  N   . ALA A 1 101 ? -8.259  -6.031  -4.270  1.00 4.99  ? 101 ALA A N   1 
ATOM   744  C  CA  . ALA A 1 101 ? -8.742  -7.343  -4.664  1.00 5.15  ? 101 ALA A CA  1 
ATOM   745  C  C   . ALA A 1 101 ? -10.002 -7.614  -3.878  1.00 5.74  ? 101 ALA A C   1 
ATOM   746  O  O   . ALA A 1 101 ? -10.339 -6.886  -2.955  1.00 5.50  ? 101 ALA A O   1 
ATOM   747  C  CB  . ALA A 1 101 ? -7.715  -8.407  -4.370  1.00 5.31  ? 101 ALA A CB  1 
ATOM   748  N  N   . LEU A 1 102 ? -10.718 -8.640  -4.306  1.00 6.25  ? 102 LEU A N   1 
ATOM   749  C  CA  . LEU A 1 102 ? -11.871 -9.155  -3.593  1.00 6.92  ? 102 LEU A CA  1 
ATOM   750  C  C   . LEU A 1 102 ? -11.545 -10.575 -3.212  1.00 6.94  ? 102 LEU A C   1 
ATOM   751  O  O   . LEU A 1 102 ? -11.313 -11.427 -4.077  1.00 7.40  ? 102 LEU A O   1 
ATOM   752  C  CB  . LEU A 1 102 ? -13.114 -9.125  -4.494  1.00 7.55  ? 102 LEU A CB  1 
ATOM   753  C  CG  . LEU A 1 102 ? -13.660 -7.757  -4.939  1.00 8.46  ? 102 LEU A CG  1 
ATOM   754  C  CD1 . LEU A 1 102 ? -14.940 -7.881  -5.767  1.00 9.58  ? 102 LEU A CD1 1 
ATOM   755  C  CD2 . LEU A 1 102 ? -13.927 -6.850  -3.745  1.00 9.14  ? 102 LEU A CD2 1 
ATOM   756  N  N   . ARG A 1 103 ? -11.524 -10.842 -1.913  1.00 6.74  ? 103 ARG A N   1 
ATOM   757  C  CA  . ARG A 1 103 ? -11.049 -12.123 -1.408  1.00 7.12  ? 103 ARG A CA  1 
ATOM   758  C  C   . ARG A 1 103 ? -11.923 -13.297 -1.868  1.00 6.75  ? 103 ARG A C   1 
ATOM   759  O  O   . ARG A 1 103 ? -13.164 -13.240 -1.780  1.00 6.89  ? 103 ARG A O   1 
ATOM   760  C  CB  . ARG A 1 103 ? -11.016 -12.101 0.104   1.00 7.79  ? 103 ARG A CB  1 
ATOM   761  C  CG  . ARG A 1 103 ? -10.285 -13.299 0.659   1.00 8.41  ? 103 ARG A CG  1 
ATOM   762  C  CD  . ARG A 1 103 ? -10.214 -13.245 2.175   1.00 8.93  ? 103 ARG A CD  1 
ATOM   763  N  NE  . ARG A 1 103 ? -11.472 -13.480 2.860   1.00 10.32 ? 103 ARG A NE  1 
ATOM   764  C  CZ  . ARG A 1 103 ? -11.985 -14.662 3.182   1.00 10.60 ? 103 ARG A CZ  1 
ATOM   765  N  NH1 . ARG A 1 103 ? -11.385 -15.787 2.844   1.00 10.56 ? 103 ARG A NH1 1 
ATOM   766  N  NH2 . ARG A 1 103 ? -13.113 -14.716 3.877   1.00 11.88 ? 103 ARG A NH2 1 
ATOM   767  N  N   . ARG A 1 104 ? -11.267 -14.326 -2.386  1.00 6.26  ? 104 ARG A N   1 
ATOM   768  C  CA  . ARG A 1 104 ? -11.933 -15.564 -2.780  1.00 6.45  ? 104 ARG A CA  1 
ATOM   769  C  C   . ARG A 1 104 ? -12.244 -16.328 -1.505  1.00 6.36  ? 104 ARG A C   1 
ATOM   770  O  O   . ARG A 1 104 ? -11.366 -16.530 -0.690  1.00 6.27  ? 104 ARG A O   1 
ATOM   771  C  CB  . ARG A 1 104 ? -11.016 -16.400 -3.679  1.00 6.70  ? 104 ARG A CB  1 
ATOM   772  C  CG  . ARG A 1 104 ? -11.591 -17.754 -4.033  1.00 7.15  ? 104 ARG A CG  1 
ATOM   773  C  CD  . ARG A 1 104 ? -10.621 -18.528 -4.884  1.00 7.57  ? 104 ARG A CD  1 
ATOM   774  N  NE  . ARG A 1 104 ? -10.702 -18.151 -6.294  1.00 7.89  ? 104 ARG A NE  1 
ATOM   775  C  CZ  . ARG A 1 104 ? -9.780  -18.376 -7.220  1.00 8.92  ? 104 ARG A CZ  1 
ATOM   776  N  NH1 . ARG A 1 104 ? -8.597  -18.856 -6.910  1.00 10.15 ? 104 ARG A NH1 1 
ATOM   777  N  NH2 . ARG A 1 104 ? -10.039 -18.051 -8.489  1.00 9.55  ? 104 ARG A NH2 1 
ATOM   778  N  N   . PRO A 1 105 ? -13.493 -16.810 -1.348  1.00 6.48  ? 105 PRO A N   1 
ATOM   779  C  CA  . PRO A 1 105 ? -13.810 -17.692 -0.197  1.00 6.69  ? 105 PRO A CA  1 
ATOM   780  C  C   . PRO A 1 105 ? -12.840 -18.882 -0.109  1.00 7.23  ? 105 PRO A C   1 
ATOM   781  O  O   . PRO A 1 105 ? -12.555 -19.488 -1.120  1.00 7.43  ? 105 PRO A O   1 
ATOM   782  C  CB  . PRO A 1 105 ? -15.234 -18.154 -0.499  1.00 6.66  ? 105 PRO A CB  1 
ATOM   783  C  CG  . PRO A 1 105 ? -15.804 -17.025 -1.325  1.00 6.59  ? 105 PRO A CG  1 
ATOM   784  C  CD  . PRO A 1 105 ? -14.657 -16.560 -2.197  1.00 6.74  ? 105 PRO A CD  1 
ATOM   785  N  N   . GLY A 1 106 ? -12.319 -19.162 1.089   1.00 7.67  ? 106 GLY A N   1 
ATOM   786  C  CA  . GLY A 1 106 ? -11.339 -20.232 1.282   1.00 8.01  ? 106 GLY A CA  1 
ATOM   787  C  C   . GLY A 1 106 ? -9.887  -19.813 1.146   1.00 8.48  ? 106 GLY A C   1 
ATOM   788  O  O   . GLY A 1 106 ? -8.986  -20.607 1.436   1.00 9.98  ? 106 GLY A O   1 
ATOM   789  N  N   . SER A 1 107 ? -9.659  -18.571 0.703   1.00 8.64  ? 107 SER A N   1 
ATOM   790  C  CA  . SER A 1 107 ? -8.324  -18.042 0.551   1.00 8.93  ? 107 SER A CA  1 
ATOM   791  C  C   . SER A 1 107 ? -8.102  -16.992 1.610   1.00 8.87  ? 107 SER A C   1 
ATOM   792  O  O   . SER A 1 107 ? -8.823  -15.993 1.658   1.00 9.64  ? 107 SER A O   1 
ATOM   793  C  CB  . SER A 1 107 ? -8.156  -17.413 -0.823  1.00 9.31  ? 107 SER A CB  1 
ATOM   794  O  OG  . SER A 1 107 ? -8.222  -18.420 -1.819  1.00 9.88  ? 107 SER A OG  1 
ATOM   795  N  N   . ASP A 1 108 ? -7.122  -17.226 2.466   1.00 8.80  ? 108 ASP A N   1 
ATOM   796  C  CA  . ASP A 1 108 ? -6.811  -16.265 3.515   1.00 9.00  ? 108 ASP A CA  1 
ATOM   797  C  C   . ASP A 1 108 ? -6.392  -14.941 2.889   1.00 8.39  ? 108 ASP A C   1 
ATOM   798  O  O   . ASP A 1 108 ? -5.618  -14.907 1.921   1.00 7.69  ? 108 ASP A O   1 
ATOM   799  C  CB  . ASP A 1 108 ? -5.666  -16.742 4.401   1.00 10.08 ? 108 ASP A CB  1 
ATOM   800  C  CG  . ASP A 1 108 ? -6.023  -17.954 5.271   1.00 11.41 ? 108 ASP A CG  1 
ATOM   801  O  OD1 . ASP A 1 108 ? -7.213  -18.178 5.608   1.00 13.28 ? 108 ASP A OD1 1 
ATOM   802  O  OD2 . ASP A 1 108 ? -5.060  -18.649 5.648   1.00 13.43 ? 108 ASP A OD2 1 
ATOM   803  N  N   . ALA A 1 109 ? -6.861  -13.856 3.468   1.00 7.96  ? 109 ALA A N   1 
ATOM   804  C  CA  . ALA A 1 109 ? -6.477  -12.520 3.020   1.00 7.91  ? 109 ALA A CA  1 
ATOM   805  C  C   . ALA A 1 109 ? -4.969  -12.346 3.010   1.00 7.76  ? 109 ALA A C   1 
ATOM   806  O  O   . ALA A 1 109 ? -4.435  -11.788 2.081   1.00 7.18  ? 109 ALA A O   1 
ATOM   807  C  CB  . ALA A 1 109 ? -7.121  -11.435 3.881   1.00 8.16  ? 109 ALA A CB  1 
ATOM   808  N  N   . SER A 1 110 ? -4.297  -12.834 4.048   1.00 7.61  ? 110 SER A N   1 
ATOM   809  C  CA  . SER A 1 110 ? -2.845  -12.712 4.128   1.00 7.84  ? 110 SER A CA  1 
ATOM   810  C  C   . SER A 1 110 ? -2.067  -13.521 3.077   1.00 8.18  ? 110 SER A C   1 
ATOM   811  O  O   . SER A 1 110 ? -0.847  -13.410 3.002   1.00 8.09  ? 110 SER A O   1 
ATOM   812  C  CB  . SER A 1 110 ? -2.382  -13.069 5.536   1.00 8.11  ? 110 SER A CB  1 
ATOM   813  O  OG  . SER A 1 110 ? -2.718  -14.422 5.812   1.00 8.85  ? 110 SER A OG  1 
ATOM   814  N  N   . ASP A 1 111 ? -2.760  -14.329 2.278   1.00 7.97  ? 111 ASP A N   1 
ATOM   815  C  CA  . ASP A 1 111 ? -2.148  -14.931 1.091   1.00 8.46  ? 111 ASP A CA  1 
ATOM   816  C  C   . ASP A 1 111 ? -2.019  -13.950 -0.080  1.00 7.29  ? 111 ASP A C   1 
ATOM   817  O  O   . ASP A 1 111 ? -1.314  -14.244 -1.056  1.00 7.22  ? 111 ASP A O   1 
ATOM   818  C  CB  . ASP A 1 111 ? -2.972  -16.108 0.551   1.00 9.95  ? 111 ASP A CB  1 
ATOM   819  C  CG  . ASP A 1 111 ? -3.091  -17.265 1.524   1.00 11.72 ? 111 ASP A CG  1 
ATOM   820  O  OD1 . ASP A 1 111 ? -2.363  -17.273 2.527   1.00 15.13 ? 111 ASP A OD1 1 
ATOM   821  O  OD2 . ASP A 1 111 ? -3.923  -18.164 1.252   1.00 15.29 ? 111 ASP A OD2 1 
ATOM   822  N  N   . TYR A 1 112 ? -2.707  -12.803 -0.009  1.00 6.53  ? 112 TYR A N   1 
ATOM   823  C  CA  . TYR A 1 112 ? -2.702  -11.830 -1.109  1.00 6.22  ? 112 TYR A CA  1 
ATOM   824  C  C   . TYR A 1 112 ? -1.431  -10.987 -1.014  1.00 5.94  ? 112 TYR A C   1 
ATOM   825  O  O   . TYR A 1 112 ? -1.455  -9.876  -0.501  1.00 6.20  ? 112 TYR A O   1 
ATOM   826  C  CB  . TYR A 1 112 ? -3.979  -10.971 -1.092  1.00 6.13  ? 112 TYR A CB  1 
ATOM   827  C  CG  . TYR A 1 112 ? -5.205  -11.738 -1.629  1.00 6.05  ? 112 TYR A CG  1 
ATOM   828  C  CD1 . TYR A 1 112 ? -5.756  -12.784 -0.900  1.00 6.10  ? 112 TYR A CD1 1 
ATOM   829  C  CD2 . TYR A 1 112 ? -5.781  -11.431 -2.863  1.00 6.02  ? 112 TYR A CD2 1 
ATOM   830  C  CE1 . TYR A 1 112 ? -6.838  -13.500 -1.374  1.00 5.94  ? 112 TYR A CE1 1 
ATOM   831  C  CE2 . TYR A 1 112 ? -6.863  -12.167 -3.366  1.00 6.24  ? 112 TYR A CE2 1 
ATOM   832  C  CZ  . TYR A 1 112 ? -7.379  -13.205 -2.598  1.00 6.00  ? 112 TYR A CZ  1 
ATOM   833  O  OH  . TYR A 1 112 ? -8.453  -13.977 -3.036  1.00 6.58  ? 112 TYR A OH  1 
ATOM   834  N  N   . THR A 1 113 ? -0.332  -11.533 -1.531  1.00 6.04  ? 113 THR A N   1 
ATOM   835  C  CA  . THR A 1 113 ? 0.957   -10.872 -1.455  1.00 6.39  ? 113 THR A CA  1 
ATOM   836  C  C   . THR A 1 113 ? 1.687   -10.767 -2.794  1.00 6.77  ? 113 THR A C   1 
ATOM   837  O  O   . THR A 1 113 ? 2.800   -10.298 -2.826  1.00 6.73  ? 113 THR A O   1 
ATOM   838  C  CB  . THR A 1 113 ? 1.897   -11.580 -0.458  1.00 6.47  ? 113 THR A CB  1 
ATOM   839  O  OG1 . THR A 1 113 ? 2.066   -12.939 -0.857  1.00 6.97  ? 113 THR A OG1 1 
ATOM   840  C  CG2 . THR A 1 113 ? 1.333   -11.566 0.921   1.00 6.76  ? 113 THR A CG2 1 
ATOM   841  N  N   . ARG A 1 114 ? 1.074   -11.202 -3.881  1.00 7.11  ? 114 ARG A N   1 
ATOM   842  C  CA  . ARG A 1 114 ? 1.707   -11.238 -5.202  1.00 7.67  ? 114 ARG A CA  1 
ATOM   843  C  C   . ARG A 1 114 ? 0.970   -10.334 -6.162  1.00 6.98  ? 114 ARG A C   1 
ATOM   844  O  O   . ARG A 1 114 ? -0.258  -10.159 -6.042  1.00 6.18  ? 114 ARG A O   1 
ATOM   845  C  CB  . ARG A 1 114 ? 1.697   -12.682 -5.769  1.00 9.23  ? 114 ARG A CB  1 
ATOM   846  C  CG  . ARG A 1 114 ? 2.308   -13.718 -4.853  1.00 11.22 ? 114 ARG A CG  1 
ATOM   847  C  CD  . ARG A 1 114 ? 3.774   -13.488 -4.666  1.00 13.42 ? 114 ARG A CD  1 
ATOM   848  N  NE  . ARG A 1 114 ? 4.571   -13.879 -5.819  1.00 16.82 ? 114 ARG A NE  1 
ATOM   849  C  CZ  . ARG A 1 114 ? 5.861   -13.557 -5.957  1.00 20.57 ? 114 ARG A CZ  1 
ATOM   850  N  NH1 . ARG A 1 114 ? 6.490   -12.838 -5.003  1.00 22.81 ? 114 ARG A NH1 1 
ATOM   851  N  NH2 . ARG A 1 114 ? 6.521   -13.943 -7.041  1.00 22.95 ? 114 ARG A NH2 1 
ATOM   852  N  N   . ILE A 1 115 ? 1.699   -9.751  -7.113  1.00 6.28  ? 115 ILE A N   1 
ATOM   853  C  CA  . ILE A 1 115 ? 1.095   -8.801  -8.085  1.00 6.32  ? 115 ILE A CA  1 
ATOM   854  C  C   . ILE A 1 115 ? -0.213  -9.336  -8.705  1.00 6.10  ? 115 ILE A C   1 
ATOM   855  O  O   . ILE A 1 115 ? -1.221  -8.665  -8.654  1.00 5.81  ? 115 ILE A O   1 
ATOM   856  C  CB  . ILE A 1 115 ? 2.109   -8.404  -9.181  1.00 6.31  ? 115 ILE A CB  1 
ATOM   857  C  CG1 . ILE A 1 115 ? 3.302   -7.630  -8.596  1.00 6.35  ? 115 ILE A CG1 1 
ATOM   858  C  CG2 . ILE A 1 115 ? 1.443   -7.517  -10.221 1.00 6.40  ? 115 ILE A CG2 1 
ATOM   859  C  CD1 . ILE A 1 115 ? 4.503   -7.683  -9.493  1.00 6.49  ? 115 ILE A CD1 1 
ATOM   860  N  N   . PRO A 1 116 ? -0.220  -10.586 -9.221  1.00 6.19  ? 116 PRO A N   1 
ATOM   861  C  CA  . PRO A 1 116 ? -1.461  -11.009 -9.910  1.00 6.39  ? 116 PRO A CA  1 
ATOM   862  C  C   . PRO A 1 116 ? -2.627  -11.300 -8.972  1.00 6.26  ? 116 PRO A C   1 
ATOM   863  O  O   . PRO A 1 116 ? -3.743  -11.519 -9.442  1.00 6.73  ? 116 PRO A O   1 
ATOM   864  C  CB  . PRO A 1 116 ? -1.044  -12.277 -10.629 1.00 6.52  ? 116 PRO A CB  1 
ATOM   865  C  CG  . PRO A 1 116 ? 0.410   -12.181 -10.726 1.00 6.77  ? 116 PRO A CG  1 
ATOM   866  C  CD  . PRO A 1 116 ? 0.875   -11.515 -9.490  1.00 6.52  ? 116 PRO A CD  1 
ATOM   867  N  N   . ASP A 1 117 ? -2.402  -11.302 -7.665  1.00 5.67  ? 117 ASP A N   1 
ATOM   868  C  CA  . ASP A 1 117 ? -3.528  -11.441 -6.740  1.00 5.54  ? 117 ASP A CA  1 
ATOM   869  C  C   . ASP A 1 117 ? -4.448  -10.210 -6.720  1.00 5.19  ? 117 ASP A C   1 
ATOM   870  O  O   . ASP A 1 117 ? -5.549  -10.280 -6.217  1.00 4.91  ? 117 ASP A O   1 
ATOM   871  C  CB  . ASP A 1 117 ? -3.048  -11.736 -5.333  1.00 5.94  ? 117 ASP A CB  1 
ATOM   872  C  CG  . ASP A 1 117 ? -2.219  -12.982 -5.238  1.00 6.48  ? 117 ASP A CG  1 
ATOM   873  O  OD1 . ASP A 1 117 ? -2.379  -13.894 -6.125  1.00 7.10  ? 117 ASP A OD1 1 
ATOM   874  O  OD2 . ASP A 1 117 ? -1.419  -13.070 -4.287  1.00 6.49  ? 117 ASP A OD2 1 
ATOM   875  N  N   . TYR A 1 118 ? -3.982  -9.086  -7.264  1.00 4.67  ? 118 TYR A N   1 
ATOM   876  C  CA  . TYR A 1 118 ? -4.706  -7.826  -7.206  1.00 4.45  ? 118 TYR A CA  1 
ATOM   877  C  C   . TYR A 1 118 ? -5.071  -7.373  -8.611  1.00 4.51  ? 118 TYR A C   1 
ATOM   878  O  O   . TYR A 1 118 ? -4.199  -7.039  -9.406  1.00 4.72  ? 118 TYR A O   1 
ATOM   879  C  CB  . TYR A 1 118 ? -3.792  -6.791  -6.552  1.00 4.19  ? 118 TYR A CB  1 
ATOM   880  C  CG  . TYR A 1 118 ? -3.557  -7.014  -5.086  1.00 4.08  ? 118 TYR A CG  1 
ATOM   881  C  CD1 . TYR A 1 118 ? -2.589  -7.909  -4.668  1.00 3.95  ? 118 TYR A CD1 1 
ATOM   882  C  CD2 . TYR A 1 118 ? -4.283  -6.313  -4.115  1.00 4.08  ? 118 TYR A CD2 1 
ATOM   883  C  CE1 . TYR A 1 118 ? -2.332  -8.115  -3.307  1.00 3.99  ? 118 TYR A CE1 1 
ATOM   884  C  CE2 . TYR A 1 118 ? -4.047  -6.511  -2.752  1.00 4.00  ? 118 TYR A CE2 1 
ATOM   885  C  CZ  . TYR A 1 118 ? -3.077  -7.397  -2.349  1.00 3.99  ? 118 TYR A CZ  1 
ATOM   886  O  OH  . TYR A 1 118 ? -2.885  -7.569  -0.981  1.00 4.10  ? 118 TYR A OH  1 
ATOM   887  N  N   . PRO A 1 119 ? -6.378  -7.338  -8.944  1.00 4.45  ? 119 PRO A N   1 
ATOM   888  C  CA  . PRO A 1 119 ? -6.687  -6.898  -10.310 1.00 4.47  ? 119 PRO A CA  1 
ATOM   889  C  C   . PRO A 1 119 ? -6.645  -5.410  -10.553 1.00 4.46  ? 119 PRO A C   1 
ATOM   890  O  O   . PRO A 1 119 ? -6.484  -4.982  -11.722 1.00 4.59  ? 119 PRO A O   1 
ATOM   891  C  CB  . PRO A 1 119 ? -8.128  -7.429  -10.528 1.00 4.46  ? 119 PRO A CB  1 
ATOM   892  C  CG  . PRO A 1 119 ? -8.282  -8.500  -9.519  1.00 4.65  ? 119 PRO A CG  1 
ATOM   893  C  CD  . PRO A 1 119 ? -7.494  -8.084  -8.342  1.00 4.49  ? 119 PRO A CD  1 
ATOM   894  N  N   . TYR A 1 120 ? -6.839  -4.621  -9.490  1.00 4.42  ? 120 TYR A N   1 
ATOM   895  C  CA  . TYR A 1 120 ? -7.141  -3.207  -9.605  1.00 4.33  ? 120 TYR A CA  1 
ATOM   896  C  C   . TYR A 1 120 ? -5.949  -2.423  -9.052  1.00 4.33  ? 120 TYR A C   1 
ATOM   897  O  O   . TYR A 1 120 ? -5.509  -2.702  -7.941  1.00 4.43  ? 120 TYR A O   1 
ATOM   898  C  CB  . TYR A 1 120 ? -8.427  -2.877  -8.839  1.00 4.44  ? 120 TYR A CB  1 
ATOM   899  C  CG  . TYR A 1 120 ? -9.593  -3.701  -9.312  1.00 4.53  ? 120 TYR A CG  1 
ATOM   900  C  CD1 . TYR A 1 120 ? -10.095 -3.589  -10.617 1.00 4.64  ? 120 TYR A CD1 1 
ATOM   901  C  CD2 . TYR A 1 120 ? -10.203 -4.615  -8.468  1.00 4.73  ? 120 TYR A CD2 1 
ATOM   902  C  CE1 . TYR A 1 120 ? -11.174 -4.354  -11.034 1.00 4.77  ? 120 TYR A CE1 1 
ATOM   903  C  CE2 . TYR A 1 120 ? -11.260 -5.397  -8.891  1.00 4.85  ? 120 TYR A CE2 1 
ATOM   904  C  CZ  . TYR A 1 120 ? -11.739 -5.258  -10.173 1.00 4.94  ? 120 TYR A CZ  1 
ATOM   905  O  OH  . TYR A 1 120 ? -12.810 -6.037  -10.576 1.00 5.42  ? 120 TYR A OH  1 
ATOM   906  N  N   . TRP A 1 121 ? -5.444  -1.457  -9.817  1.00 4.36  ? 121 TRP A N   1 
ATOM   907  C  CA  . TRP A 1 121 ? -4.240  -0.720  -9.465  1.00 4.46  ? 121 TRP A CA  1 
ATOM   908  C  C   . TRP A 1 121 ? -4.419  0.777   -9.536  1.00 4.89  ? 121 TRP A C   1 
ATOM   909  O  O   . TRP A 1 121 ? -5.013  1.316   -10.493 1.00 4.72  ? 121 TRP A O   1 
ATOM   910  C  CB  . TRP A 1 121 ? -3.068  -1.149  -10.376 1.00 4.33  ? 121 TRP A CB  1 
ATOM   911  C  CG  . TRP A 1 121 ? -2.664  -2.547  -10.085 1.00 4.25  ? 121 TRP A CG  1 
ATOM   912  C  CD1 . TRP A 1 121 ? -3.329  -3.693  -10.451 1.00 4.24  ? 121 TRP A CD1 1 
ATOM   913  C  CD2 . TRP A 1 121 ? -1.599  -2.965  -9.236  1.00 4.22  ? 121 TRP A CD2 1 
ATOM   914  N  NE1 . TRP A 1 121 ? -2.701  -4.772  -9.925  1.00 4.23  ? 121 TRP A NE1 1 
ATOM   915  C  CE2 . TRP A 1 121 ? -1.641  -4.365  -9.157  1.00 4.33  ? 121 TRP A CE2 1 
ATOM   916  C  CE3 . TRP A 1 121 ? -0.604  -2.282  -8.546  1.00 4.34  ? 121 TRP A CE3 1 
ATOM   917  C  CZ2 . TRP A 1 121 ? -0.718  -5.094  -8.395  1.00 4.35  ? 121 TRP A CZ2 1 
ATOM   918  C  CZ3 . TRP A 1 121 ? 0.294   -2.981  -7.791  1.00 4.30  ? 121 TRP A CZ3 1 
ATOM   919  C  CH2 . TRP A 1 121 ? 0.256   -4.386  -7.738  1.00 4.37  ? 121 TRP A CH2 1 
ATOM   920  N  N   . GLY A 1 122 ? -3.819  1.437   -8.541  1.00 5.26  ? 122 GLY A N   1 
ATOM   921  C  CA  . GLY A 1 122 ? -3.667  2.877   -8.554  1.00 5.68  ? 122 GLY A CA  1 
ATOM   922  C  C   . GLY A 1 122 ? -2.546  3.286   -9.491  1.00 6.13  ? 122 GLY A C   1 
ATOM   923  O  O   . GLY A 1 122 ? -1.845  2.453   -10.057 1.00 6.28  ? 122 GLY A O   1 
ATOM   924  N  N   . GLN A 1 123 ? -2.371  4.587   -9.646  1.00 7.07  ? 123 GLN A N   1 
ATOM   925  C  CA  . GLN A 1 123 ? -1.489  5.124   -10.673 1.00 7.97  ? 123 GLN A CA  1 
ATOM   926  C  C   . GLN A 1 123 ? -0.029  5.249   -10.219 1.00 7.37  ? 123 GLN A C   1 
ATOM   927  O  O   . GLN A 1 123 ? 0.862   5.518   -11.039 1.00 7.83  ? 123 GLN A O   1 
ATOM   928  C  CB  . GLN A 1 123 ? -2.040  6.484   -11.120 1.00 9.16  ? 123 GLN A CB  1 
ATOM   929  C  CG  . GLN A 1 123 ? -1.680  7.703   -10.267 1.00 10.69 ? 123 GLN A CG  1 
ATOM   930  C  CD  . GLN A 1 123 ? -2.516  7.967   -9.012  1.00 12.26 ? 123 GLN A CD  1 
ATOM   931  O  OE1 . GLN A 1 123 ? -3.279  7.119   -8.503  1.00 12.54 ? 123 GLN A OE1 1 
ATOM   932  N  NE2 . GLN A 1 123 ? -2.377  9.201   -8.503  1.00 14.90 ? 123 GLN A NE2 1 
ATOM   933  N  N   . GLY A 1 124 ? 0.208   5.062   -8.927  1.00 6.57  ? 124 GLY A N   1 
ATOM   934  C  CA  . GLY A 1 124 ? 1.564   5.115   -8.382  1.00 6.36  ? 124 GLY A CA  1 
ATOM   935  C  C   . GLY A 1 124 ? 1.888   6.477   -7.794  1.00 6.12  ? 124 GLY A C   1 
ATOM   936  O  O   . GLY A 1 124 ? 1.359   7.494   -8.216  1.00 6.54  ? 124 GLY A O   1 
ATOM   937  N  N   . THR A 1 125 ? 2.723   6.445   -6.761  1.00 5.83  ? 125 THR A N   1 
ATOM   938  C  CA  . THR A 1 125 ? 3.213   7.616   -6.045  1.00 5.66  ? 125 THR A CA  1 
ATOM   939  C  C   . THR A 1 125 ? 4.718   7.458   -5.951  1.00 5.52  ? 125 THR A C   1 
ATOM   940  O  O   . THR A 1 125 ? 5.200   6.549   -5.245  1.00 5.14  ? 125 THR A O   1 
ATOM   941  C  CB  . THR A 1 125 ? 2.627   7.657   -4.602  1.00 5.85  ? 125 THR A CB  1 
ATOM   942  O  OG1 . THR A 1 125 ? 1.210   7.784   -4.663  1.00 6.30  ? 125 THR A OG1 1 
ATOM   943  C  CG2 . THR A 1 125 ? 3.200   8.847   -3.808  1.00 5.94  ? 125 THR A CG2 1 
ATOM   944  N  N   . GLN A 1 126 ? 5.480   8.342   -6.613  1.00 5.22  ? 126 GLN A N   1 
ATOM   945  C  CA  . GLN A 1 126 ? 6.925   8.207   -6.654  1.00 5.45  ? 126 GLN A CA  1 
ATOM   946  C  C   . GLN A 1 126 ? 7.520   8.970   -5.475  1.00 5.35  ? 126 GLN A C   1 
ATOM   947  O  O   . GLN A 1 126 ? 7.217   10.158  -5.267  1.00 5.65  ? 126 GLN A O   1 
ATOM   948  C  CB  . GLN A 1 126 ? 7.463   8.709   -8.002  1.00 5.61  ? 126 GLN A CB  1 
ATOM   949  C  CG  . GLN A 1 126 ? 8.884   8.302   -8.329  1.00 5.84  ? 126 GLN A CG  1 
ATOM   950  C  CD  . GLN A 1 126 ? 9.913   9.059   -7.514  1.00 5.82  ? 126 GLN A CD  1 
ATOM   951  O  OE1 . GLN A 1 126 ? 9.782   10.249  -7.225  1.00 6.20  ? 126 GLN A OE1 1 
ATOM   952  N  NE2 . GLN A 1 126 ? 10.925  8.372   -7.138  1.00 5.92  ? 126 GLN A NE2 1 
ATOM   953  N  N   . VAL A 1 127 ? 8.365   8.273   -4.723  1.00 5.33  ? 127 VAL A N   1 
ATOM   954  C  CA  . VAL A 1 127 ? 9.030   8.814   -3.556  1.00 5.51  ? 127 VAL A CA  1 
ATOM   955  C  C   . VAL A 1 127 ? 10.527  8.549   -3.660  1.00 5.64  ? 127 VAL A C   1 
ATOM   956  O  O   . VAL A 1 127 ? 10.953  7.394   -3.798  1.00 5.82  ? 127 VAL A O   1 
ATOM   957  C  CB  . VAL A 1 127 ? 8.497   8.146   -2.270  1.00 5.46  ? 127 VAL A CB  1 
ATOM   958  C  CG1 . VAL A 1 127 ? 9.184   8.739   -1.057  1.00 5.54  ? 127 VAL A CG1 1 
ATOM   959  C  CG2 . VAL A 1 127 ? 6.988   8.294   -2.129  1.00 5.65  ? 127 VAL A CG2 1 
ATOM   960  N  N   . THR A 1 128 ? 11.340  9.611   -3.552  1.00 5.99  ? 128 THR A N   1 
ATOM   961  C  CA  . THR A 1 128 ? 12.795  9.484   -3.498  1.00 6.83  ? 128 THR A CA  1 
ATOM   962  C  C   . THR A 1 128 ? 13.249  9.916   -2.114  1.00 7.03  ? 128 THR A C   1 
ATOM   963  O  O   . THR A 1 128 ? 12.925  11.004  -1.688  1.00 8.04  ? 128 THR A O   1 
ATOM   964  C  CB  . THR A 1 128 ? 13.460  10.389  -4.544  1.00 7.44  ? 128 THR A CB  1 
ATOM   965  O  OG1 . THR A 1 128 ? 12.994  10.067  -5.862  1.00 7.98  ? 128 THR A OG1 1 
ATOM   966  C  CG2 . THR A 1 128 ? 14.947  10.253  -4.512  1.00 7.84  ? 128 THR A CG2 1 
ATOM   967  N  N   . VAL A 1 129 ? 13.961  9.054   -1.423  1.00 7.29  ? 129 VAL A N   1 
ATOM   968  C  CA  . VAL A 1 129 ? 14.482  9.335   -0.095  1.00 7.81  ? 129 VAL A CA  1 
ATOM   969  C  C   . VAL A 1 129 ? 15.971  9.613   -0.231  1.00 8.97  ? 129 VAL A C   1 
ATOM   970  O  O   . VAL A 1 129 ? 16.718  8.808   -0.795  1.00 9.20  ? 129 VAL A O   1 
ATOM   971  C  CB  . VAL A 1 129 ? 14.263  8.140   0.863   1.00 7.51  ? 129 VAL A CB  1 
ATOM   972  C  CG1 . VAL A 1 129 ? 14.730  8.490   2.272   1.00 7.46  ? 129 VAL A CG1 1 
ATOM   973  C  CG2 . VAL A 1 129 ? 12.808  7.729   0.874   1.00 7.20  ? 129 VAL A CG2 1 
ATOM   974  N  N   . SER A 1 130 ? 16.414  10.739  0.302   1.00 10.92 ? 130 SER A N   1 
ATOM   975  C  CA  . SER A 1 130 ? 17.812  11.079  0.220   1.00 12.87 ? 130 SER A CA  1 
ATOM   976  C  C   . SER A 1 130 ? 18.392  11.486  1.559   1.00 14.16 ? 130 SER A C   1 
ATOM   977  O  O   . SER A 1 130 ? 17.699  12.031  2.404   1.00 12.83 ? 130 SER A O   1 
ATOM   978  C  CB  . SER A 1 130 ? 18.032  12.167  -0.840  1.00 14.21 ? 130 SER A CB  1 
ATOM   979  O  OG  . SER A 1 130 ? 17.496  13.408  -0.441  1.00 17.74 ? 130 SER A OG  1 
ATOM   980  N  N   . SER A 1 131 ? 19.688  11.211  1.705   1.00 16.81 ? 131 SER A N   1 
ATOM   981  C  CA  . SER A 1 131 ? 20.463  11.580  2.891   1.00 19.29 ? 131 SER A CA  1 
ATOM   982  C  C   . SER A 1 131 ? 20.604  13.089  2.988   1.00 20.70 ? 131 SER A C   1 
ATOM   983  O  O   . SER A 1 131 ? 20.551  13.785  1.987   1.00 20.70 ? 131 SER A O   1 
ATOM   984  C  CB  . SER A 1 131 ? 21.865  10.967  2.826   1.00 20.48 ? 131 SER A CB  1 
ATOM   985  O  OG  . SER A 1 131 ? 21.844  9.563   2.605   1.00 21.90 ? 131 SER A OG  1 
ATOM   986  N  N   . HIS A 1 132 ? 20.817  13.584  4.195   1.00 24.30 ? 132 HIS A N   1 
ATOM   987  C  CA  . HIS A 1 132 ? 20.824  15.029  4.464   1.00 27.67 ? 132 HIS A CA  1 
ATOM   988  C  C   . HIS A 1 132 ? 22.014  15.771  3.868   1.00 29.07 ? 132 HIS A C   1 
ATOM   989  O  O   . HIS A 1 132 ? 23.045  15.163  3.596   1.00 33.65 ? 132 HIS A O   1 
ATOM   990  C  CB  . HIS A 1 132 ? 20.747  15.257  5.982   1.00 28.78 ? 132 HIS A CB  1 
ATOM   991  C  CG  . HIS A 1 132 ? 19.408  14.910  6.561   1.00 30.51 ? 132 HIS A CG  1 
ATOM   992  N  ND1 . HIS A 1 132 ? 18.484  15.870  6.927   1.00 31.29 ? 132 HIS A ND1 1 
ATOM   993  C  CD2 . HIS A 1 132 ? 18.823  13.711  6.798   1.00 30.42 ? 132 HIS A CD2 1 
ATOM   994  C  CE1 . HIS A 1 132 ? 17.394  15.275  7.380   1.00 30.95 ? 132 HIS A CE1 1 
ATOM   995  N  NE2 . HIS A 1 132 ? 17.572  13.964  7.307   1.00 32.14 ? 132 HIS A NE2 1 
HETATM 996  S  S   . SO4 B 2 .   ? 6.130   -5.448  -12.823 1.00 7.76  ? 201 SO4 A S   1 
HETATM 997  O  O1  . SO4 B 2 .   ? 7.077   -4.612  -13.595 1.00 8.71  ? 201 SO4 A O1  1 
HETATM 998  O  O2  . SO4 B 2 .   ? 4.865   -5.660  -13.557 1.00 7.79  ? 201 SO4 A O2  1 
HETATM 999  O  O3  . SO4 B 2 .   ? 6.808   -6.736  -12.549 1.00 8.93  ? 201 SO4 A O3  1 
HETATM 1000 O  O4  . SO4 B 2 .   ? 5.852   -4.808  -11.521 1.00 8.36  ? 201 SO4 A O4  1 
HETATM 1001 S  S   . SO4 C 2 .   ? 16.434  -8.675  -7.189  1.00 15.42 ? 202 SO4 A S   1 
HETATM 1002 O  O1  . SO4 C 2 .   ? 15.935  -9.139  -8.493  1.00 18.76 ? 202 SO4 A O1  1 
HETATM 1003 O  O2  . SO4 C 2 .   ? 17.508  -7.690  -7.343  1.00 15.84 ? 202 SO4 A O2  1 
HETATM 1004 O  O3  . SO4 C 2 .   ? 16.904  -9.894  -6.482  1.00 17.88 ? 202 SO4 A O3  1 
HETATM 1005 O  O4  . SO4 C 2 .   ? 15.308  -8.059  -6.446  1.00 17.75 ? 202 SO4 A O4  1 
HETATM 1006 C  C12 . 9EG D 3 .   ? -15.070 -3.181  -6.026  1.00 9.51  ? 203 9EG A C12 1 
HETATM 1007 C  C11 . 9EG D 3 .   ? -15.819 -2.429  -5.131  1.00 9.53  ? 203 9EG A C11 1 
HETATM 1008 CL CL2 . 9EG D 3 .   ? -14.649 -4.639  -8.310  1.00 11.69 ? 203 9EG A CL2 1 
HETATM 1009 CL CL1 . 9EG D 3 .   ? -8.781  1.938   -0.979  1.00 7.55  ? 203 9EG A CL1 1 
HETATM 1010 C  C8  . 9EG D 3 .   ? -14.032 -1.681  -3.650  1.00 9.52  ? 203 9EG A C8  1 
HETATM 1011 N  N1  . 9EG D 3 .   ? -15.338 -1.850  -3.990  1.00 9.33  ? 203 9EG A N1  1 
HETATM 1012 C  C4  . 9EG D 3 .   ? -12.566 -0.087  -2.487  1.00 8.12  ? 203 9EG A C4  1 
HETATM 1013 C  C5  . 9EG D 3 .   ? -12.618 0.947   -1.541  1.00 7.84  ? 203 9EG A C5  1 
HETATM 1014 C  C6  . 9EG D 3 .   ? -11.468 1.572   -1.072  1.00 7.73  ? 203 9EG A C6  1 
HETATM 1015 C  C1  . 9EG D 3 .   ? -10.250 1.141   -1.537  1.00 7.48  ? 203 9EG A C1  1 
HETATM 1016 C  C2  . 9EG D 3 .   ? -10.167 0.115   -2.456  1.00 7.60  ? 203 9EG A C2  1 
HETATM 1017 C  C3  . 9EG D 3 .   ? -11.320 -0.502  -2.934  1.00 7.42  ? 203 9EG A C3  1 
HETATM 1018 N  N7  . 9EG D 3 .   ? -13.759 -0.618  -2.872  1.00 8.34  ? 203 9EG A N7  1 
HETATM 1019 O  O9  . 9EG D 3 .   ? -13.153 -2.399  -4.083  1.00 11.74 ? 203 9EG A O9  1 
HETATM 1020 C  C13 . 9EG D 3 .   ? -15.669 -3.700  -7.174  1.00 10.31 ? 203 9EG A C13 1 
HETATM 1021 C  C14 . 9EG D 3 .   ? -16.993 -3.468  -7.472  1.00 11.13 ? 203 9EG A C14 1 
HETATM 1022 C  C15 . 9EG D 3 .   ? -17.757 -2.723  -6.579  1.00 10.30 ? 203 9EG A C15 1 
HETATM 1023 C  C16 . 9EG D 3 .   ? -17.158 -2.212  -5.429  1.00 9.71  ? 203 9EG A C16 1 
HETATM 1024 CL CL3 . 9EG D 3 .   ? -17.767 -4.092  -8.972  1.00 14.70 ? 203 9EG A CL3 1 
HETATM 1025 S  S   . SO4 E 2 .   ? -21.030 3.422   -3.714  1.00 10.98 ? 204 SO4 A S   1 
HETATM 1026 O  O1  . SO4 E 2 .   ? -19.885 4.263   -3.479  1.00 14.36 ? 204 SO4 A O1  1 
HETATM 1027 O  O2  . SO4 E 2 .   ? -21.751 3.710   -4.958  1.00 10.96 ? 204 SO4 A O2  1 
HETATM 1028 O  O3  . SO4 E 2 .   ? -21.832 3.036   -2.622  1.00 14.71 ? 204 SO4 A O3  1 
HETATM 1029 O  O4  . SO4 E 2 .   ? -20.331 2.130   -3.962  1.00 15.26 ? 204 SO4 A O4  1 
HETATM 1030 S  S   . SO4 F 2 .   ? -18.693 1.771   -12.166 1.00 14.91 ? 205 SO4 A S   1 
HETATM 1031 O  O1  . SO4 F 2 .   ? -18.072 2.813   -13.034 1.00 15.86 ? 205 SO4 A O1  1 
HETATM 1032 O  O2  . SO4 F 2 .   ? -20.155 1.856   -12.249 1.00 15.05 ? 205 SO4 A O2  1 
HETATM 1033 O  O3  . SO4 F 2 .   ? -18.256 0.456   -12.676 1.00 17.48 ? 205 SO4 A O3  1 
HETATM 1034 O  O4  . SO4 F 2 .   ? -18.255 1.898   -10.747 1.00 14.35 ? 205 SO4 A O4  1 
HETATM 1035 NA NA  . NA  G 4 .   ? 14.651  -6.028  -4.839  1.00 21.92 ? 206 NA  A NA  1 
HETATM 1036 S  S   . SO4 H 2 .   ? -1.136  15.117  10.859  1.00 27.22 ? 207 SO4 A S   1 
HETATM 1037 O  O1  . SO4 H 2 .   ? 0.269   15.326  10.423  1.00 26.40 ? 207 SO4 A O1  1 
HETATM 1038 O  O2  . SO4 H 2 .   ? -2.107  15.221  9.748   1.00 26.95 ? 207 SO4 A O2  1 
HETATM 1039 O  O3  . SO4 H 2 .   ? -1.171  13.780  11.495  1.00 28.59 ? 207 SO4 A O3  1 
HETATM 1040 O  O4  . SO4 H 2 .   ? -1.529  16.170  11.824  1.00 30.63 ? 207 SO4 A O4  1 
HETATM 1041 O  O   . HOH I 5 .   ? -7.093  7.649   2.269   1.00 13.10 ? 301 HOH A O   1 
HETATM 1042 O  O   . HOH I 5 .   ? -11.121 -4.370  -4.688  1.00 13.84 ? 302 HOH A O   1 
HETATM 1043 O  O   . HOH I 5 .   ? -19.673 -0.279  -3.605  1.00 13.64 ? 303 HOH A O   1 
HETATM 1044 O  O   . HOH I 5 .   ? -8.986  -0.249  -11.063 1.00 17.19 ? 304 HOH A O   1 
HETATM 1045 O  O   . HOH I 5 .   ? 14.908  -8.103  -10.611 1.00 12.89 ? 305 HOH A O   1 
HETATM 1046 O  O   . HOH I 5 .   ? -3.101  -4.929  12.362  1.00 25.75 ? 306 HOH A O   1 
HETATM 1047 O  O   . HOH I 5 .   ? -18.934 6.226   -4.873  1.00 12.06 ? 307 HOH A O   1 
HETATM 1048 O  O   . HOH I 5 .   ? 18.307  15.672  0.962   1.00 23.18 ? 308 HOH A O   1 
HETATM 1049 O  O   . HOH I 5 .   ? 10.580  -3.409  -6.057  1.00 14.00 ? 309 HOH A O   1 
HETATM 1050 O  O   . HOH I 5 .   ? 4.728   -1.012  -12.868 1.00 23.82 ? 310 HOH A O   1 
HETATM 1051 O  O   . HOH I 5 .   ? -6.204  5.769   7.903   1.00 21.73 ? 311 HOH A O   1 
HETATM 1052 O  O   . HOH I 5 .   ? -12.170 -7.857  3.693   1.00 10.64 ? 312 HOH A O   1 
HETATM 1053 O  O   . HOH I 5 .   ? -0.756  -15.982 -6.040  1.00 14.86 ? 313 HOH A O   1 
HETATM 1054 O  O   . HOH I 5 .   ? -9.798  -12.121 11.251  1.00 18.51 ? 314 HOH A O   1 
HETATM 1055 O  O   . HOH I 5 .   ? -5.302  -20.550 7.493   1.00 22.41 ? 315 HOH A O   1 
HETATM 1056 O  O   . HOH I 5 .   ? 5.566   -8.859  -5.893  1.00 24.33 ? 316 HOH A O   1 
HETATM 1057 O  O   . HOH I 5 .   ? 2.876   -1.044  12.072  1.00 21.33 ? 317 HOH A O   1 
HETATM 1058 O  O   . HOH I 5 .   ? -15.333 -12.571 -3.175  1.00 22.16 ? 318 HOH A O   1 
HETATM 1059 O  O   . HOH I 5 .   ? -15.628 2.852   -10.591 1.00 14.37 ? 319 HOH A O   1 
HETATM 1060 O  O   . HOH I 5 .   ? 10.508  -4.006  -1.328  1.00 14.52 ? 320 HOH A O   1 
HETATM 1061 O  O   . HOH I 5 .   ? -10.073 -11.014 7.464   1.00 21.46 ? 321 HOH A O   1 
HETATM 1062 O  O   . HOH I 5 .   ? 6.668   2.063   -11.238 1.00 11.40 ? 322 HOH A O   1 
HETATM 1063 O  O   . HOH I 5 .   ? -7.703  -11.652 -7.045  1.00 8.61  ? 323 HOH A O   1 
HETATM 1064 O  O   . HOH I 5 .   ? -9.279  -13.496 -5.545  1.00 17.15 ? 324 HOH A O   1 
HETATM 1065 O  O   . HOH I 5 .   ? 0.641   12.004  -0.074  1.00 4.66  ? 325 HOH A O   1 
HETATM 1066 O  O   . HOH I 5 .   ? 10.029  8.857   10.601  1.00 14.14 ? 326 HOH A O   1 
HETATM 1067 O  O   . HOH I 5 .   ? -3.415  -0.936  11.042  1.00 12.14 ? 327 HOH A O   1 
HETATM 1068 O  O   . HOH I 5 .   ? 6.827   -9.007  -3.314  1.00 19.04 ? 328 HOH A O   1 
HETATM 1069 O  O   . HOH I 5 .   ? -5.969  9.452   -2.248  1.00 13.50 ? 329 HOH A O   1 
HETATM 1070 O  O   . HOH I 5 .   ? -1.795  4.109   8.467   1.00 13.41 ? 330 HOH A O   1 
HETATM 1071 O  O   . HOH I 5 .   ? 1.335   -12.795 4.509   1.00 13.21 ? 331 HOH A O   1 
HETATM 1072 O  O   . HOH I 5 .   ? -10.189 -20.475 -2.046  1.00 7.98  ? 332 HOH A O   1 
HETATM 1073 O  O   . HOH I 5 .   ? -5.774  -11.019 -11.192 1.00 10.40 ? 333 HOH A O   1 
HETATM 1074 O  O   . HOH I 5 .   ? -1.087  -2.789  11.105  1.00 11.14 ? 334 HOH A O   1 
HETATM 1075 O  O   . HOH I 5 .   ? 6.517   -9.435  -12.187 1.00 15.47 ? 335 HOH A O   1 
HETATM 1076 O  O   . HOH I 5 .   ? 15.438  2.105   -3.705  1.00 9.95  ? 336 HOH A O   1 
HETATM 1077 O  O   . HOH I 5 .   ? 4.066   -2.745  10.272  1.00 14.08 ? 337 HOH A O   1 
HETATM 1078 O  O   . HOH I 5 .   ? 10.910  3.071   -9.476  1.00 5.81  ? 338 HOH A O   1 
HETATM 1079 O  O   . HOH I 5 .   ? 6.779   -2.027  -14.529 1.00 22.66 ? 339 HOH A O   1 
HETATM 1080 O  O   . HOH I 5 .   ? 16.576  -6.104  -11.717 1.00 5.99  ? 340 HOH A O   1 
HETATM 1081 O  O   . HOH I 5 .   ? -9.947  -9.876  -6.663  1.00 13.64 ? 341 HOH A O   1 
HETATM 1082 O  O   . HOH I 5 .   ? -7.630  2.184   -10.783 1.00 9.91  ? 342 HOH A O   1 
HETATM 1083 O  O   . HOH I 5 .   ? 14.269  -2.496  4.910   1.00 18.09 ? 343 HOH A O   1 
HETATM 1084 O  O   . HOH I 5 .   ? -13.585 -8.532  -9.620  1.00 16.16 ? 344 HOH A O   1 
HETATM 1085 O  O   . HOH I 5 .   ? 11.348  12.308  -6.051  1.00 20.95 ? 345 HOH A O   1 
HETATM 1086 O  O   . HOH I 5 .   ? 3.396   -8.017  -13.250 1.00 8.63  ? 346 HOH A O   1 
HETATM 1087 O  O   . HOH I 5 .   ? -2.946  17.720  8.817   1.00 23.62 ? 347 HOH A O   1 
HETATM 1088 O  O   . HOH I 5 .   ? 11.439  -2.171  -13.124 1.00 13.93 ? 348 HOH A O   1 
HETATM 1089 O  O   . HOH I 5 .   ? -3.134  -10.785 9.621   1.00 15.90 ? 349 HOH A O   1 
HETATM 1090 O  O   . HOH I 5 .   ? 0.308   9.944   -7.114  1.00 22.86 ? 350 HOH A O   1 
HETATM 1091 O  O   . HOH I 5 .   ? 2.461   9.398   -9.979  1.00 11.71 ? 351 HOH A O   1 
HETATM 1092 O  O   . HOH I 5 .   ? 12.495  0.245   -13.200 1.00 10.51 ? 352 HOH A O   1 
HETATM 1093 O  O   . HOH I 5 .   ? 8.044   -8.118  -0.560  1.00 14.38 ? 353 HOH A O   1 
HETATM 1094 O  O   . HOH I 5 .   ? -18.332 -1.005  3.351   1.00 14.35 ? 354 HOH A O   1 
HETATM 1095 O  O   . HOH I 5 .   ? 10.776  -8.266  2.775   1.00 24.59 ? 355 HOH A O   1 
HETATM 1096 O  O   . HOH I 5 .   ? 4.217   3.460   10.660  1.00 14.72 ? 356 HOH A O   1 
HETATM 1097 O  O   . HOH I 5 .   ? -7.421  0.176   10.144  1.00 10.92 ? 357 HOH A O   1 
HETATM 1098 O  O   . HOH I 5 .   ? 18.553  -6.723  -4.869  1.00 18.69 ? 358 HOH A O   1 
HETATM 1099 O  O   . HOH I 5 .   ? 12.669  -9.091  -6.807  1.00 23.68 ? 359 HOH A O   1 
HETATM 1100 O  O   . HOH I 5 .   ? 4.364   -10.778 -7.258  1.00 8.28  ? 360 HOH A O   1 
HETATM 1101 O  O   . HOH I 5 .   ? 5.493   -11.149 -2.340  1.00 18.64 ? 361 HOH A O   1 
HETATM 1102 O  O   . HOH I 5 .   ? 11.277  -2.090  8.573   1.00 13.77 ? 362 HOH A O   1 
HETATM 1103 O  O   . HOH I 5 .   ? -6.282  11.515  3.284   1.00 17.30 ? 363 HOH A O   1 
HETATM 1104 O  O   . HOH I 5 .   ? -15.716 4.833   10.651  1.00 19.16 ? 364 HOH A O   1 
HETATM 1105 O  O   . HOH I 5 .   ? -5.853  -2.375  -12.758 1.00 10.09 ? 365 HOH A O   1 
HETATM 1106 O  O   . HOH I 5 .   ? -5.381  -6.639  -13.800 1.00 6.88  ? 366 HOH A O   1 
HETATM 1107 O  O   . HOH I 5 .   ? 12.360  -7.845  -9.473  1.00 11.78 ? 367 HOH A O   1 
HETATM 1108 O  O   . HOH I 5 .   ? 7.852   15.225  -0.408  1.00 18.01 ? 368 HOH A O   1 
HETATM 1109 O  O   . HOH I 5 .   ? 6.187   3.226   12.814  1.00 20.94 ? 369 HOH A O   1 
HETATM 1110 O  O   . HOH I 5 .   ? 13.904  -1.052  2.533   1.00 14.81 ? 370 HOH A O   1 
HETATM 1111 O  O   . HOH I 5 .   ? -12.477 -1.459  11.852  1.00 29.90 ? 371 HOH A O   1 
HETATM 1112 O  O   . HOH I 5 .   ? -6.464  -20.036 2.780   1.00 19.08 ? 372 HOH A O   1 
HETATM 1113 O  O   . HOH I 5 .   ? -8.861  -14.111 5.557   1.00 13.24 ? 373 HOH A O   1 
HETATM 1114 O  O   . HOH I 5 .   ? -14.632 -13.615 0.699   1.00 17.02 ? 374 HOH A O   1 
HETATM 1115 O  O   . HOH I 5 .   ? -16.634 -10.397 -3.556  1.00 20.41 ? 375 HOH A O   1 
HETATM 1116 O  O   . HOH I 5 .   ? 18.964  2.682   2.660   1.00 15.55 ? 376 HOH A O   1 
HETATM 1117 O  O   . HOH I 5 .   ? 8.725   -10.621 3.422   1.00 18.76 ? 377 HOH A O   1 
HETATM 1118 O  O   . HOH I 5 .   ? 2.819   -9.526  8.726   1.00 21.47 ? 378 HOH A O   1 
HETATM 1119 O  O   . HOH I 5 .   ? 20.952  9.670   -0.480  1.00 30.43 ? 379 HOH A O   1 
HETATM 1120 O  O   . HOH I 5 .   ? -5.990  -2.011  11.089  1.00 13.76 ? 380 HOH A O   1 
HETATM 1121 O  O   . HOH I 5 .   ? 0.199   -7.246  11.095  1.00 19.38 ? 381 HOH A O   1 
HETATM 1122 O  O   . HOH I 5 .   ? -8.505  7.559   9.663   1.00 28.54 ? 382 HOH A O   1 
HETATM 1123 O  O   . HOH I 5 .   ? 3.055   -10.732 4.125   1.00 16.39 ? 383 HOH A O   1 
HETATM 1124 O  O   . HOH I 5 .   ? -5.770  -13.604 6.611   1.00 14.06 ? 384 HOH A O   1 
HETATM 1125 O  O   . HOH I 5 .   ? -4.252  7.839   9.241   1.00 28.17 ? 385 HOH A O   1 
HETATM 1126 O  O   . HOH I 5 .   ? -11.647 -10.410 3.906   1.00 20.82 ? 386 HOH A O   1 
HETATM 1127 O  O   . HOH I 5 .   ? -11.076 7.073   -6.780  1.00 18.97 ? 387 HOH A O   1 
HETATM 1128 O  O   . HOH I 5 .   ? 0.780   7.122   -13.876 1.00 25.73 ? 388 HOH A O   1 
HETATM 1129 O  O   . HOH I 5 .   ? -5.188  -11.851 8.401   1.00 26.96 ? 389 HOH A O   1 
HETATM 1130 O  O   . HOH I 5 .   ? 17.658  3.577   -4.146  1.00 14.85 ? 390 HOH A O   1 
HETATM 1131 O  O   . HOH I 5 .   ? 11.444  -10.253 -10.625 1.00 21.81 ? 391 HOH A O   1 
HETATM 1132 O  O   . HOH I 5 .   ? 9.340   -1.033  -14.693 1.00 17.10 ? 392 HOH A O   1 
HETATM 1133 O  O   . HOH I 5 .   ? 14.518  0.511   -15.002 1.00 13.07 ? 393 HOH A O   1 
HETATM 1134 O  O   . HOH I 5 .   ? 4.571   -11.939 -9.747  1.00 20.67 ? 394 HOH A O   1 
HETATM 1135 O  O   . HOH I 5 .   ? -7.853  -12.210 -9.779  1.00 9.18  ? 395 HOH A O   1 
HETATM 1136 O  O   . HOH I 5 .   ? -0.711  4.860   10.780  1.00 24.65 ? 396 HOH A O   1 
HETATM 1137 O  O   . HOH I 5 .   ? -8.246  -1.299  -13.512 1.00 12.75 ? 397 HOH A O   1 
HETATM 1138 O  O   . HOH I 5 .   ? -3.372  1.165   12.718  1.00 23.44 ? 398 HOH A O   1 
HETATM 1139 O  O   . HOH I 5 .   ? -14.407 14.209  8.155   1.00 20.57 ? 399 HOH A O   1 
# 
